data_3ZZO
# 
_entry.id   3ZZO 
# 
_audit_conform.dict_name       mmcif_pdbx.dic 
_audit_conform.dict_version    5.399 
_audit_conform.dict_location   http://mmcif.pdb.org/dictionaries/ascii/mmcif_pdbx.dic 
# 
loop_
_database_2.database_id 
_database_2.database_code 
_database_2.pdbx_database_accession 
_database_2.pdbx_DOI 
PDB   3ZZO         pdb_00003zzo 10.2210/pdb3zzo/pdb 
PDBE  EBI-49493    ?            ?                   
WWPDB D_1290049493 ?            ?                   
# 
loop_
_pdbx_audit_revision_history.ordinal 
_pdbx_audit_revision_history.data_content_type 
_pdbx_audit_revision_history.major_revision 
_pdbx_audit_revision_history.minor_revision 
_pdbx_audit_revision_history.revision_date 
1 'Structure model' 1 0 2012-07-11 
2 'Structure model' 1 1 2024-11-20 
# 
_pdbx_audit_revision_details.ordinal             1 
_pdbx_audit_revision_details.revision_ordinal    1 
_pdbx_audit_revision_details.data_content_type   'Structure model' 
_pdbx_audit_revision_details.provider            repository 
_pdbx_audit_revision_details.type                'Initial release' 
_pdbx_audit_revision_details.description         ? 
_pdbx_audit_revision_details.details             ? 
# 
loop_
_pdbx_audit_revision_group.ordinal 
_pdbx_audit_revision_group.revision_ordinal 
_pdbx_audit_revision_group.data_content_type 
_pdbx_audit_revision_group.group 
1 2 'Structure model' 'Data collection'      
2 2 'Structure model' 'Database references'  
3 2 'Structure model' 'Derived calculations' 
4 2 'Structure model' Other                  
5 2 'Structure model' 'Structure summary'    
# 
loop_
_pdbx_audit_revision_category.ordinal 
_pdbx_audit_revision_category.revision_ordinal 
_pdbx_audit_revision_category.data_content_type 
_pdbx_audit_revision_category.category 
1 2 'Structure model' chem_comp_atom            
2 2 'Structure model' chem_comp_bond            
3 2 'Structure model' database_2                
4 2 'Structure model' pdbx_database_status      
5 2 'Structure model' pdbx_entry_details        
6 2 'Structure model' pdbx_modification_feature 
7 2 'Structure model' struct_site               
# 
loop_
_pdbx_audit_revision_item.ordinal 
_pdbx_audit_revision_item.revision_ordinal 
_pdbx_audit_revision_item.data_content_type 
_pdbx_audit_revision_item.item 
1 2 'Structure model' '_database_2.pdbx_DOI'                         
2 2 'Structure model' '_database_2.pdbx_database_accession'          
3 2 'Structure model' '_pdbx_database_status.status_code_sf'         
4 2 'Structure model' '_pdbx_entry_details.has_protein_modification' 
5 2 'Structure model' '_struct_site.pdbx_auth_asym_id'               
6 2 'Structure model' '_struct_site.pdbx_auth_comp_id'               
7 2 'Structure model' '_struct_site.pdbx_auth_seq_id'                
# 
_pdbx_database_status.status_code                     REL 
_pdbx_database_status.entry_id                        3ZZO 
_pdbx_database_status.deposit_site                    PDBE 
_pdbx_database_status.process_site                    PDBE 
_pdbx_database_status.SG_entry                        . 
_pdbx_database_status.recvd_initial_deposition_date   2011-09-02 
_pdbx_database_status.pdb_format_compatible           Y 
_pdbx_database_status.status_code_sf                  REL 
_pdbx_database_status.status_code_mr                  ? 
_pdbx_database_status.status_code_cs                  ? 
_pdbx_database_status.methods_development_category    ? 
_pdbx_database_status.status_code_nmr_data            ? 
# 
_pdbx_database_related.db_name        PDB 
_pdbx_database_related.db_id          3ZZR 
_pdbx_database_related.content_type   unspecified 
_pdbx_database_related.details        'CRYSTAL STRUCTURE OF THE CG11501 PROTEIN IN P21212 SPACEGROUP' 
# 
loop_
_audit_author.name 
_audit_author.pdbx_ordinal 
'Coste, F.'   1 
'Roussel, A.' 2 
# 
_citation.id                        primary 
_citation.title                     'Crystal Structure of Diedel, a Marker of the Immune Response of Drosophila Melanogaster.' 
_citation.journal_abbrev            'Plos One' 
_citation.journal_volume            7 
_citation.page_first                33416 
_citation.page_last                 ? 
_citation.year                      2012 
_citation.journal_id_ASTM           ? 
_citation.country                   US 
_citation.journal_id_ISSN           1932-6203 
_citation.journal_id_CSD            ? 
_citation.book_publisher            ? 
_citation.pdbx_database_id_PubMed   22442689 
_citation.pdbx_database_id_DOI      10.1371/JOURNAL.PONE.0033416 
# 
loop_
_citation_author.citation_id 
_citation_author.name 
_citation_author.ordinal 
_citation_author.identifier_ORCID 
primary 'Coste, F.'        1 ? 
primary 'Kemp, C.'         2 ? 
primary 'Bobezeau, V.'     3 ? 
primary 'Hetru, C.'        4 ? 
primary 'Kellenberger, C.' 5 ? 
primary 'Imler, J.-L.'     6 ? 
primary 'Roussel, A.'      7 ? 
# 
loop_
_entity.id 
_entity.type 
_entity.src_method 
_entity.pdbx_description 
_entity.formula_weight 
_entity.pdbx_number_of_molecules 
_entity.pdbx_ec 
_entity.pdbx_mutation 
_entity.pdbx_fragment 
_entity.details 
1 polymer     man CG11501           10583.995 1   ? ? ? ? 
2 non-polymer syn 'THIOCYANATE ION' 58.082    1   ? ? ? ? 
3 non-polymer syn 1,2-ETHANEDIOL    62.068    1   ? ? ? ? 
4 water       nat water             18.015    144 ? ? ? ? 
# 
_entity_name_com.entity_id   1 
_entity_name_com.name        RH38110P 
# 
_entity_poly.entity_id                      1 
_entity_poly.type                           'polypeptide(L)' 
_entity_poly.nstd_linkage                   no 
_entity_poly.nstd_monomer                   no 
_entity_poly.pdbx_seq_one_letter_code       
;ECCTSRELVEFKMDRGDCEAVRAIENYPNGCEVTICADGVAQLGAYCGQGPCNIFGCNCDGGCLSGDWSQEFVRRNQQYG
IQIIKVTRLPFWRPL
;
_entity_poly.pdbx_seq_one_letter_code_can   
;ECCTSRELVEFKMDRGDCEAVRAIENYPNGCEVTICADGVAQLGAYCGQGPCNIFGCNCDGGCLSGDWSQEFVRRNQQYG
IQIIKVTRLPFWRPL
;
_entity_poly.pdbx_strand_id                 A 
_entity_poly.pdbx_target_identifier         ? 
# 
loop_
_pdbx_entity_nonpoly.entity_id 
_pdbx_entity_nonpoly.name 
_pdbx_entity_nonpoly.comp_id 
2 'THIOCYANATE ION' SCN 
3 1,2-ETHANEDIOL    EDO 
4 water             HOH 
# 
loop_
_entity_poly_seq.entity_id 
_entity_poly_seq.num 
_entity_poly_seq.mon_id 
_entity_poly_seq.hetero 
1 1  GLU n 
1 2  CYS n 
1 3  CYS n 
1 4  THR n 
1 5  SER n 
1 6  ARG n 
1 7  GLU n 
1 8  LEU n 
1 9  VAL n 
1 10 GLU n 
1 11 PHE n 
1 12 LYS n 
1 13 MET n 
1 14 ASP n 
1 15 ARG n 
1 16 GLY n 
1 17 ASP n 
1 18 CYS n 
1 19 GLU n 
1 20 ALA n 
1 21 VAL n 
1 22 ARG n 
1 23 ALA n 
1 24 ILE n 
1 25 GLU n 
1 26 ASN n 
1 27 TYR n 
1 28 PRO n 
1 29 ASN n 
1 30 GLY n 
1 31 CYS n 
1 32 GLU n 
1 33 VAL n 
1 34 THR n 
1 35 ILE n 
1 36 CYS n 
1 37 ALA n 
1 38 ASP n 
1 39 GLY n 
1 40 VAL n 
1 41 ALA n 
1 42 GLN n 
1 43 LEU n 
1 44 GLY n 
1 45 ALA n 
1 46 TYR n 
1 47 CYS n 
1 48 GLY n 
1 49 GLN n 
1 50 GLY n 
1 51 PRO n 
1 52 CYS n 
1 53 ASN n 
1 54 ILE n 
1 55 PHE n 
1 56 GLY n 
1 57 CYS n 
1 58 ASN n 
1 59 CYS n 
1 60 ASP n 
1 61 GLY n 
1 62 GLY n 
1 63 CYS n 
1 64 LEU n 
1 65 SER n 
1 66 GLY n 
1 67 ASP n 
1 68 TRP n 
1 69 SER n 
1 70 GLN n 
1 71 GLU n 
1 72 PHE n 
1 73 VAL n 
1 74 ARG n 
1 75 ARG n 
1 76 ASN n 
1 77 GLN n 
1 78 GLN n 
1 79 TYR n 
1 80 GLY n 
1 81 ILE n 
1 82 GLN n 
1 83 ILE n 
1 84 ILE n 
1 85 LYS n 
1 86 VAL n 
1 87 THR n 
1 88 ARG n 
1 89 LEU n 
1 90 PRO n 
1 91 PHE n 
1 92 TRP n 
1 93 ARG n 
1 94 PRO n 
1 95 LEU n 
# 
_entity_src_gen.entity_id                          1 
_entity_src_gen.pdbx_src_id                        1 
_entity_src_gen.pdbx_alt_source_flag               sample 
_entity_src_gen.pdbx_seq_type                      ? 
_entity_src_gen.pdbx_beg_seq_num                   ? 
_entity_src_gen.pdbx_end_seq_num                   ? 
_entity_src_gen.gene_src_common_name               'FRUIT FLY' 
_entity_src_gen.gene_src_genus                     ? 
_entity_src_gen.pdbx_gene_src_gene                 ? 
_entity_src_gen.gene_src_species                   ? 
_entity_src_gen.gene_src_strain                    ? 
_entity_src_gen.gene_src_tissue                    ? 
_entity_src_gen.gene_src_tissue_fraction           ? 
_entity_src_gen.gene_src_details                   ? 
_entity_src_gen.pdbx_gene_src_fragment             ? 
_entity_src_gen.pdbx_gene_src_scientific_name      'DROSOPHILA MELANOGASTER' 
_entity_src_gen.pdbx_gene_src_ncbi_taxonomy_id     7227 
_entity_src_gen.pdbx_gene_src_variant              ? 
_entity_src_gen.pdbx_gene_src_cell_line            ? 
_entity_src_gen.pdbx_gene_src_atcc                 ? 
_entity_src_gen.pdbx_gene_src_organ                ? 
_entity_src_gen.pdbx_gene_src_organelle            ? 
_entity_src_gen.pdbx_gene_src_cell                 ? 
_entity_src_gen.pdbx_gene_src_cellular_location    ? 
_entity_src_gen.host_org_common_name               'FRUIT FLY' 
_entity_src_gen.pdbx_host_org_scientific_name      'DROSOPHILA MELANOGASTER' 
_entity_src_gen.pdbx_host_org_ncbi_taxonomy_id     7227 
_entity_src_gen.host_org_genus                     ? 
_entity_src_gen.pdbx_host_org_gene                 ? 
_entity_src_gen.pdbx_host_org_organ                ? 
_entity_src_gen.host_org_species                   ? 
_entity_src_gen.pdbx_host_org_tissue               ? 
_entity_src_gen.pdbx_host_org_tissue_fraction      ? 
_entity_src_gen.pdbx_host_org_strain               ? 
_entity_src_gen.pdbx_host_org_variant              ? 
_entity_src_gen.pdbx_host_org_cell_line            S2 
_entity_src_gen.pdbx_host_org_atcc                 ? 
_entity_src_gen.pdbx_host_org_culture_collection   ? 
_entity_src_gen.pdbx_host_org_cell                 ? 
_entity_src_gen.pdbx_host_org_organelle            ? 
_entity_src_gen.pdbx_host_org_cellular_location    ? 
_entity_src_gen.pdbx_host_org_vector_type          PLASMID 
_entity_src_gen.pdbx_host_org_vector               ? 
_entity_src_gen.host_org_details                   ? 
_entity_src_gen.expression_system_id               ? 
_entity_src_gen.plasmid_name                       'PMT/V5-HIS A' 
_entity_src_gen.plasmid_details                    ? 
_entity_src_gen.pdbx_description                   ? 
# 
loop_
_chem_comp.id 
_chem_comp.type 
_chem_comp.mon_nstd_flag 
_chem_comp.name 
_chem_comp.pdbx_synonyms 
_chem_comp.formula 
_chem_comp.formula_weight 
ALA 'L-peptide linking' y ALANINE           ?                 'C3 H7 N O2'     89.093  
ARG 'L-peptide linking' y ARGININE          ?                 'C6 H15 N4 O2 1' 175.209 
ASN 'L-peptide linking' y ASPARAGINE        ?                 'C4 H8 N2 O3'    132.118 
ASP 'L-peptide linking' y 'ASPARTIC ACID'   ?                 'C4 H7 N O4'     133.103 
CYS 'L-peptide linking' y CYSTEINE          ?                 'C3 H7 N O2 S'   121.158 
EDO non-polymer         . 1,2-ETHANEDIOL    'ETHYLENE GLYCOL' 'C2 H6 O2'       62.068  
GLN 'L-peptide linking' y GLUTAMINE         ?                 'C5 H10 N2 O3'   146.144 
GLU 'L-peptide linking' y 'GLUTAMIC ACID'   ?                 'C5 H9 N O4'     147.129 
GLY 'peptide linking'   y GLYCINE           ?                 'C2 H5 N O2'     75.067  
HOH non-polymer         . WATER             ?                 'H2 O'           18.015  
ILE 'L-peptide linking' y ISOLEUCINE        ?                 'C6 H13 N O2'    131.173 
LEU 'L-peptide linking' y LEUCINE           ?                 'C6 H13 N O2'    131.173 
LYS 'L-peptide linking' y LYSINE            ?                 'C6 H15 N2 O2 1' 147.195 
MET 'L-peptide linking' y METHIONINE        ?                 'C5 H11 N O2 S'  149.211 
PHE 'L-peptide linking' y PHENYLALANINE     ?                 'C9 H11 N O2'    165.189 
PRO 'L-peptide linking' y PROLINE           ?                 'C5 H9 N O2'     115.130 
SCN non-polymer         . 'THIOCYANATE ION' ?                 'C N S -1'       58.082  
SER 'L-peptide linking' y SERINE            ?                 'C3 H7 N O3'     105.093 
THR 'L-peptide linking' y THREONINE         ?                 'C4 H9 N O3'     119.119 
TRP 'L-peptide linking' y TRYPTOPHAN        ?                 'C11 H12 N2 O2'  204.225 
TYR 'L-peptide linking' y TYROSINE          ?                 'C9 H11 N O3'    181.189 
VAL 'L-peptide linking' y VALINE            ?                 'C5 H11 N O2'    117.146 
# 
loop_
_pdbx_poly_seq_scheme.asym_id 
_pdbx_poly_seq_scheme.entity_id 
_pdbx_poly_seq_scheme.seq_id 
_pdbx_poly_seq_scheme.mon_id 
_pdbx_poly_seq_scheme.ndb_seq_num 
_pdbx_poly_seq_scheme.pdb_seq_num 
_pdbx_poly_seq_scheme.auth_seq_num 
_pdbx_poly_seq_scheme.pdb_mon_id 
_pdbx_poly_seq_scheme.auth_mon_id 
_pdbx_poly_seq_scheme.pdb_strand_id 
_pdbx_poly_seq_scheme.pdb_ins_code 
_pdbx_poly_seq_scheme.hetero 
A 1 1  GLU 1  25  25  GLU GLU A . n 
A 1 2  CYS 2  26  26  CYS CYS A . n 
A 1 3  CYS 3  27  27  CYS CYS A . n 
A 1 4  THR 4  28  28  THR THR A . n 
A 1 5  SER 5  29  29  SER SER A . n 
A 1 6  ARG 6  30  30  ARG ARG A . n 
A 1 7  GLU 7  31  31  GLU GLU A . n 
A 1 8  LEU 8  32  32  LEU LEU A . n 
A 1 9  VAL 9  33  33  VAL VAL A . n 
A 1 10 GLU 10 34  34  GLU GLU A . n 
A 1 11 PHE 11 35  35  PHE PHE A . n 
A 1 12 LYS 12 36  36  LYS LYS A . n 
A 1 13 MET 13 37  37  MET MET A . n 
A 1 14 ASP 14 38  38  ASP ASP A . n 
A 1 15 ARG 15 39  39  ARG ARG A . n 
A 1 16 GLY 16 40  40  GLY GLY A . n 
A 1 17 ASP 17 41  41  ASP ASP A . n 
A 1 18 CYS 18 42  42  CYS CYS A . n 
A 1 19 GLU 19 43  43  GLU GLU A . n 
A 1 20 ALA 20 44  44  ALA ALA A . n 
A 1 21 VAL 21 45  45  VAL VAL A . n 
A 1 22 ARG 22 46  46  ARG ARG A . n 
A 1 23 ALA 23 47  47  ALA ALA A . n 
A 1 24 ILE 24 48  48  ILE ILE A . n 
A 1 25 GLU 25 49  49  GLU GLU A . n 
A 1 26 ASN 26 50  50  ASN ASN A . n 
A 1 27 TYR 27 51  51  TYR TYR A . n 
A 1 28 PRO 28 52  52  PRO PRO A . n 
A 1 29 ASN 29 53  53  ASN ASN A . n 
A 1 30 GLY 30 54  54  GLY GLY A . n 
A 1 31 CYS 31 55  55  CYS CYS A . n 
A 1 32 GLU 32 56  56  GLU GLU A . n 
A 1 33 VAL 33 57  57  VAL VAL A . n 
A 1 34 THR 34 58  58  THR THR A . n 
A 1 35 ILE 35 59  59  ILE ILE A . n 
A 1 36 CYS 36 60  60  CYS CYS A . n 
A 1 37 ALA 37 61  61  ALA ALA A . n 
A 1 38 ASP 38 62  62  ASP ASP A . n 
A 1 39 GLY 39 63  63  GLY GLY A . n 
A 1 40 VAL 40 64  64  VAL VAL A . n 
A 1 41 ALA 41 65  65  ALA ALA A . n 
A 1 42 GLN 42 66  66  GLN GLN A . n 
A 1 43 LEU 43 67  67  LEU LEU A . n 
A 1 44 GLY 44 68  68  GLY GLY A . n 
A 1 45 ALA 45 69  69  ALA ALA A . n 
A 1 46 TYR 46 70  70  TYR TYR A . n 
A 1 47 CYS 47 71  71  CYS CYS A . n 
A 1 48 GLY 48 72  72  GLY GLY A . n 
A 1 49 GLN 49 73  73  GLN GLN A . n 
A 1 50 GLY 50 74  74  GLY GLY A . n 
A 1 51 PRO 51 75  75  PRO PRO A . n 
A 1 52 CYS 52 76  76  CYS CYS A . n 
A 1 53 ASN 53 77  77  ASN ASN A . n 
A 1 54 ILE 54 78  78  ILE ILE A . n 
A 1 55 PHE 55 79  79  PHE PHE A . n 
A 1 56 GLY 56 80  80  GLY GLY A . n 
A 1 57 CYS 57 81  81  CYS CYS A . n 
A 1 58 ASN 58 82  82  ASN ASN A . n 
A 1 59 CYS 59 83  83  CYS CYS A . n 
A 1 60 ASP 60 84  84  ASP ASP A . n 
A 1 61 GLY 61 85  85  GLY GLY A . n 
A 1 62 GLY 62 86  86  GLY GLY A . n 
A 1 63 CYS 63 87  87  CYS CYS A . n 
A 1 64 LEU 64 88  88  LEU LEU A . n 
A 1 65 SER 65 89  89  SER SER A . n 
A 1 66 GLY 66 90  90  GLY GLY A . n 
A 1 67 ASP 67 91  91  ASP ASP A . n 
A 1 68 TRP 68 92  92  TRP TRP A . n 
A 1 69 SER 69 93  93  SER SER A . n 
A 1 70 GLN 70 94  94  GLN GLN A . n 
A 1 71 GLU 71 95  95  GLU GLU A . n 
A 1 72 PHE 72 96  96  PHE PHE A . n 
A 1 73 VAL 73 97  97  VAL VAL A . n 
A 1 74 ARG 74 98  98  ARG ARG A . n 
A 1 75 ARG 75 99  99  ARG ARG A . n 
A 1 76 ASN 76 100 100 ASN ASN A . n 
A 1 77 GLN 77 101 101 GLN GLN A . n 
A 1 78 GLN 78 102 102 GLN GLN A . n 
A 1 79 TYR 79 103 103 TYR TYR A . n 
A 1 80 GLY 80 104 104 GLY GLY A . n 
A 1 81 ILE 81 105 105 ILE ILE A . n 
A 1 82 GLN 82 106 106 GLN GLN A . n 
A 1 83 ILE 83 107 107 ILE ILE A . n 
A 1 84 ILE 84 108 108 ILE ILE A . n 
A 1 85 LYS 85 109 109 LYS LYS A . n 
A 1 86 VAL 86 110 110 VAL VAL A . n 
A 1 87 THR 87 111 111 THR THR A . n 
A 1 88 ARG 88 112 112 ARG ARG A . n 
A 1 89 LEU 89 113 113 LEU LEU A . n 
A 1 90 PRO 90 114 114 PRO PRO A . n 
A 1 91 PHE 91 115 115 PHE PHE A . n 
A 1 92 TRP 92 116 116 TRP TRP A . n 
A 1 93 ARG 93 117 117 ARG ARG A . n 
A 1 94 PRO 94 118 ?   ?   ?   A . n 
A 1 95 LEU 95 119 ?   ?   ?   A . n 
# 
loop_
_pdbx_nonpoly_scheme.asym_id 
_pdbx_nonpoly_scheme.entity_id 
_pdbx_nonpoly_scheme.mon_id 
_pdbx_nonpoly_scheme.ndb_seq_num 
_pdbx_nonpoly_scheme.pdb_seq_num 
_pdbx_nonpoly_scheme.auth_seq_num 
_pdbx_nonpoly_scheme.pdb_mon_id 
_pdbx_nonpoly_scheme.auth_mon_id 
_pdbx_nonpoly_scheme.pdb_strand_id 
_pdbx_nonpoly_scheme.pdb_ins_code 
B 2 SCN 1   1118 1118 SCN SCN A . 
C 3 EDO 1   1119 1119 EDO EDO A . 
D 4 HOH 1   2001 2001 HOH HOH A . 
D 4 HOH 2   2002 2002 HOH HOH A . 
D 4 HOH 3   2003 2003 HOH HOH A . 
D 4 HOH 4   2004 2004 HOH HOH A . 
D 4 HOH 5   2005 2005 HOH HOH A . 
D 4 HOH 6   2006 2006 HOH HOH A . 
D 4 HOH 7   2007 2007 HOH HOH A . 
D 4 HOH 8   2008 2008 HOH HOH A . 
D 4 HOH 9   2009 2009 HOH HOH A . 
D 4 HOH 10  2010 2010 HOH HOH A . 
D 4 HOH 11  2011 2011 HOH HOH A . 
D 4 HOH 12  2012 2012 HOH HOH A . 
D 4 HOH 13  2013 2013 HOH HOH A . 
D 4 HOH 14  2014 2014 HOH HOH A . 
D 4 HOH 15  2015 2015 HOH HOH A . 
D 4 HOH 16  2016 2016 HOH HOH A . 
D 4 HOH 17  2017 2017 HOH HOH A . 
D 4 HOH 18  2018 2018 HOH HOH A . 
D 4 HOH 19  2019 2019 HOH HOH A . 
D 4 HOH 20  2020 2020 HOH HOH A . 
D 4 HOH 21  2021 2021 HOH HOH A . 
D 4 HOH 22  2022 2022 HOH HOH A . 
D 4 HOH 23  2023 2023 HOH HOH A . 
D 4 HOH 24  2024 2024 HOH HOH A . 
D 4 HOH 25  2025 2025 HOH HOH A . 
D 4 HOH 26  2026 2026 HOH HOH A . 
D 4 HOH 27  2027 2027 HOH HOH A . 
D 4 HOH 28  2028 2028 HOH HOH A . 
D 4 HOH 29  2029 2029 HOH HOH A . 
D 4 HOH 30  2030 2030 HOH HOH A . 
D 4 HOH 31  2031 2031 HOH HOH A . 
D 4 HOH 32  2032 2032 HOH HOH A . 
D 4 HOH 33  2033 2033 HOH HOH A . 
D 4 HOH 34  2034 2034 HOH HOH A . 
D 4 HOH 35  2035 2035 HOH HOH A . 
D 4 HOH 36  2036 2036 HOH HOH A . 
D 4 HOH 37  2037 2037 HOH HOH A . 
D 4 HOH 38  2038 2038 HOH HOH A . 
D 4 HOH 39  2039 2039 HOH HOH A . 
D 4 HOH 40  2040 2040 HOH HOH A . 
D 4 HOH 41  2041 2041 HOH HOH A . 
D 4 HOH 42  2042 2042 HOH HOH A . 
D 4 HOH 43  2043 2043 HOH HOH A . 
D 4 HOH 44  2044 2044 HOH HOH A . 
D 4 HOH 45  2045 2045 HOH HOH A . 
D 4 HOH 46  2046 2046 HOH HOH A . 
D 4 HOH 47  2047 2047 HOH HOH A . 
D 4 HOH 48  2048 2048 HOH HOH A . 
D 4 HOH 49  2049 2049 HOH HOH A . 
D 4 HOH 50  2050 2050 HOH HOH A . 
D 4 HOH 51  2051 2051 HOH HOH A . 
D 4 HOH 52  2052 2052 HOH HOH A . 
D 4 HOH 53  2053 2053 HOH HOH A . 
D 4 HOH 54  2054 2054 HOH HOH A . 
D 4 HOH 55  2055 2055 HOH HOH A . 
D 4 HOH 56  2056 2056 HOH HOH A . 
D 4 HOH 57  2057 2057 HOH HOH A . 
D 4 HOH 58  2058 2058 HOH HOH A . 
D 4 HOH 59  2059 2059 HOH HOH A . 
D 4 HOH 60  2060 2060 HOH HOH A . 
D 4 HOH 61  2061 2061 HOH HOH A . 
D 4 HOH 62  2062 2062 HOH HOH A . 
D 4 HOH 63  2063 2063 HOH HOH A . 
D 4 HOH 64  2064 2064 HOH HOH A . 
D 4 HOH 65  2065 2065 HOH HOH A . 
D 4 HOH 66  2066 2066 HOH HOH A . 
D 4 HOH 67  2067 2067 HOH HOH A . 
D 4 HOH 68  2068 2068 HOH HOH A . 
D 4 HOH 69  2069 2069 HOH HOH A . 
D 4 HOH 70  2070 2070 HOH HOH A . 
D 4 HOH 71  2071 2071 HOH HOH A . 
D 4 HOH 72  2072 2072 HOH HOH A . 
D 4 HOH 73  2073 2073 HOH HOH A . 
D 4 HOH 74  2074 2074 HOH HOH A . 
D 4 HOH 75  2075 2075 HOH HOH A . 
D 4 HOH 76  2076 2076 HOH HOH A . 
D 4 HOH 77  2077 2077 HOH HOH A . 
D 4 HOH 78  2078 2078 HOH HOH A . 
D 4 HOH 79  2079 2079 HOH HOH A . 
D 4 HOH 80  2080 2080 HOH HOH A . 
D 4 HOH 81  2081 2081 HOH HOH A . 
D 4 HOH 82  2082 2082 HOH HOH A . 
D 4 HOH 83  2083 2083 HOH HOH A . 
D 4 HOH 84  2084 2084 HOH HOH A . 
D 4 HOH 85  2085 2085 HOH HOH A . 
D 4 HOH 86  2086 2086 HOH HOH A . 
D 4 HOH 87  2087 2087 HOH HOH A . 
D 4 HOH 88  2088 2088 HOH HOH A . 
D 4 HOH 89  2089 2089 HOH HOH A . 
D 4 HOH 90  2090 2090 HOH HOH A . 
D 4 HOH 91  2091 2091 HOH HOH A . 
D 4 HOH 92  2092 2092 HOH HOH A . 
D 4 HOH 93  2093 2093 HOH HOH A . 
D 4 HOH 94  2094 2094 HOH HOH A . 
D 4 HOH 95  2095 2095 HOH HOH A . 
D 4 HOH 96  2096 2096 HOH HOH A . 
D 4 HOH 97  2097 2097 HOH HOH A . 
D 4 HOH 98  2098 2098 HOH HOH A . 
D 4 HOH 99  2099 2099 HOH HOH A . 
D 4 HOH 100 2100 2100 HOH HOH A . 
D 4 HOH 101 2101 2101 HOH HOH A . 
D 4 HOH 102 2102 2102 HOH HOH A . 
D 4 HOH 103 2103 2103 HOH HOH A . 
D 4 HOH 104 2104 2104 HOH HOH A . 
D 4 HOH 105 2105 2105 HOH HOH A . 
D 4 HOH 106 2106 2106 HOH HOH A . 
D 4 HOH 107 2107 2107 HOH HOH A . 
D 4 HOH 108 2108 2108 HOH HOH A . 
D 4 HOH 109 2109 2109 HOH HOH A . 
D 4 HOH 110 2110 2110 HOH HOH A . 
D 4 HOH 111 2111 2111 HOH HOH A . 
D 4 HOH 112 2112 2112 HOH HOH A . 
D 4 HOH 113 2113 2113 HOH HOH A . 
D 4 HOH 114 2114 2114 HOH HOH A . 
D 4 HOH 115 2115 2115 HOH HOH A . 
D 4 HOH 116 2116 2116 HOH HOH A . 
D 4 HOH 117 2117 2117 HOH HOH A . 
D 4 HOH 118 2118 2118 HOH HOH A . 
D 4 HOH 119 2119 2119 HOH HOH A . 
D 4 HOH 120 2120 2120 HOH HOH A . 
D 4 HOH 121 2121 2121 HOH HOH A . 
D 4 HOH 122 2122 2122 HOH HOH A . 
D 4 HOH 123 2123 2123 HOH HOH A . 
D 4 HOH 124 2124 2124 HOH HOH A . 
D 4 HOH 125 2125 2125 HOH HOH A . 
D 4 HOH 126 2126 2126 HOH HOH A . 
D 4 HOH 127 2127 2127 HOH HOH A . 
D 4 HOH 128 2128 2128 HOH HOH A . 
D 4 HOH 129 2129 2129 HOH HOH A . 
D 4 HOH 130 2130 2130 HOH HOH A . 
D 4 HOH 131 2131 2131 HOH HOH A . 
D 4 HOH 132 2132 2132 HOH HOH A . 
D 4 HOH 133 2133 2133 HOH HOH A . 
D 4 HOH 134 2134 2134 HOH HOH A . 
D 4 HOH 135 2135 2135 HOH HOH A . 
D 4 HOH 136 2136 2136 HOH HOH A . 
D 4 HOH 137 2137 2137 HOH HOH A . 
D 4 HOH 138 2138 2138 HOH HOH A . 
D 4 HOH 139 2139 2139 HOH HOH A . 
D 4 HOH 140 2140 2140 HOH HOH A . 
D 4 HOH 141 2141 2141 HOH HOH A . 
D 4 HOH 142 2142 2142 HOH HOH A . 
D 4 HOH 143 2143 2143 HOH HOH A . 
D 4 HOH 144 2144 2144 HOH HOH A . 
# 
loop_
_pdbx_unobs_or_zero_occ_atoms.id 
_pdbx_unobs_or_zero_occ_atoms.PDB_model_num 
_pdbx_unobs_or_zero_occ_atoms.polymer_flag 
_pdbx_unobs_or_zero_occ_atoms.occupancy_flag 
_pdbx_unobs_or_zero_occ_atoms.auth_asym_id 
_pdbx_unobs_or_zero_occ_atoms.auth_comp_id 
_pdbx_unobs_or_zero_occ_atoms.auth_seq_id 
_pdbx_unobs_or_zero_occ_atoms.PDB_ins_code 
_pdbx_unobs_or_zero_occ_atoms.auth_atom_id 
_pdbx_unobs_or_zero_occ_atoms.label_alt_id 
_pdbx_unobs_or_zero_occ_atoms.label_asym_id 
_pdbx_unobs_or_zero_occ_atoms.label_comp_id 
_pdbx_unobs_or_zero_occ_atoms.label_seq_id 
_pdbx_unobs_or_zero_occ_atoms.label_atom_id 
1 1 Y 1 A ARG 46  ? CZ  ? A ARG 22 CZ  
2 1 Y 1 A ARG 46  ? NH1 ? A ARG 22 NH1 
3 1 Y 1 A ARG 46  ? NH2 ? A ARG 22 NH2 
4 1 Y 1 A ARG 117 ? CD  ? A ARG 93 CD  
5 1 Y 1 A ARG 117 ? NE  ? A ARG 93 NE  
6 1 Y 1 A ARG 117 ? CZ  ? A ARG 93 CZ  
7 1 Y 1 A ARG 117 ? NH1 ? A ARG 93 NH1 
8 1 Y 1 A ARG 117 ? NH2 ? A ARG 93 NH2 
# 
loop_
_software.name 
_software.classification 
_software.version 
_software.citation_id 
_software.pdbx_ordinal 
REFMAC  refinement       5.5.0109 ? 1 
XDS     'data reduction' .        ? 2 
SCALA   'data scaling'   .        ? 3 
SHELXDE phasing          .        ? 4 
# 
_cell.entry_id           3ZZO 
_cell.length_a           29.916 
_cell.length_b           44.576 
_cell.length_c           59.005 
_cell.angle_alpha        90.00 
_cell.angle_beta         90.00 
_cell.angle_gamma        90.00 
_cell.Z_PDB              4 
_cell.pdbx_unique_axis   ? 
# 
_symmetry.entry_id                         3ZZO 
_symmetry.space_group_name_H-M             'P 21 21 21' 
_symmetry.pdbx_full_space_group_name_H-M   ? 
_symmetry.cell_setting                     ? 
_symmetry.Int_Tables_number                19 
# 
_exptl.entry_id          3ZZO 
_exptl.method            'X-RAY DIFFRACTION' 
_exptl.crystals_number   1 
# 
_exptl_crystal.id                    1 
_exptl_crystal.density_meas          ? 
_exptl_crystal.density_Matthews      1.83 
_exptl_crystal.density_percent_sol   33 
_exptl_crystal.description           NONE 
# 
_exptl_crystal_grow.crystal_id      1 
_exptl_crystal_grow.method          ? 
_exptl_crystal_grow.temp            ? 
_exptl_crystal_grow.temp_details    ? 
_exptl_crystal_grow.pH              5.5 
_exptl_crystal_grow.pdbx_pH_range   ? 
_exptl_crystal_grow.pdbx_details    '50MM NA-ACETATE PH5.5, 200MM NASCN, 18-25% PEG3350' 
# 
_diffrn.id                     1 
_diffrn.ambient_temp           100 
_diffrn.ambient_temp_details   ? 
_diffrn.crystal_id             1 
# 
_diffrn_detector.diffrn_id              1 
_diffrn_detector.detector               CCD 
_diffrn_detector.type                   'ADSC CCD' 
_diffrn_detector.pdbx_collection_date   2008-03-25 
_diffrn_detector.details                'TOROIDAL MIRROR' 
# 
_diffrn_radiation.diffrn_id                        1 
_diffrn_radiation.wavelength_id                    1 
_diffrn_radiation.pdbx_monochromatic_or_laue_m_l   M 
_diffrn_radiation.monochromator                    'SILICON (1 1 1) CHANNEL- CUT' 
_diffrn_radiation.pdbx_diffrn_protocol             'SINGLE WAVELENGTH' 
_diffrn_radiation.pdbx_scattering_type             x-ray 
# 
_diffrn_radiation_wavelength.id           1 
_diffrn_radiation_wavelength.wavelength   0.9834 
_diffrn_radiation_wavelength.wt           1.0 
# 
_diffrn_source.diffrn_id                   1 
_diffrn_source.source                      SYNCHROTRON 
_diffrn_source.type                        'ESRF BEAMLINE ID23-1' 
_diffrn_source.pdbx_synchrotron_site       ESRF 
_diffrn_source.pdbx_synchrotron_beamline   ID23-1 
_diffrn_source.pdbx_wavelength             0.9834 
_diffrn_source.pdbx_wavelength_list        ? 
# 
_reflns.pdbx_diffrn_id               1 
_reflns.pdbx_ordinal                 1 
_reflns.entry_id                     3ZZO 
_reflns.observed_criterion_sigma_I   0.0 
_reflns.observed_criterion_sigma_F   ? 
_reflns.d_resolution_low             19.00 
_reflns.d_resolution_high            1.15 
_reflns.number_obs                   28072 
_reflns.number_all                   ? 
_reflns.percent_possible_obs         98.0 
_reflns.pdbx_Rmerge_I_obs            0.09 
_reflns.pdbx_Rsym_value              ? 
_reflns.pdbx_netI_over_sigmaI        9.80 
_reflns.B_iso_Wilson_estimate        11.8 
_reflns.pdbx_redundancy              3.3 
# 
_reflns_shell.pdbx_diffrn_id         1 
_reflns_shell.pdbx_ordinal           1 
_reflns_shell.d_res_high             1.15 
_reflns_shell.d_res_low              1.21 
_reflns_shell.percent_possible_all   97.6 
_reflns_shell.Rmerge_I_obs           0.26 
_reflns_shell.pdbx_Rsym_value        ? 
_reflns_shell.meanI_over_sigI_obs    3.10 
_reflns_shell.pdbx_redundancy        2.9 
# 
_refine.pdbx_refine_id                           'X-RAY DIFFRACTION' 
_refine.entry_id                                 3ZZO 
_refine.pdbx_diffrn_id                           1 
_refine.pdbx_TLS_residual_ADP_flag               ? 
_refine.ls_number_reflns_obs                     26611 
_refine.ls_number_reflns_all                     ? 
_refine.pdbx_ls_sigma_I                          ? 
_refine.pdbx_ls_sigma_F                          . 
_refine.pdbx_data_cutoff_high_absF               ? 
_refine.pdbx_data_cutoff_low_absF                ? 
_refine.pdbx_data_cutoff_high_rms_absF           ? 
_refine.ls_d_res_low                             18.00 
_refine.ls_d_res_high                            1.15 
_refine.ls_percent_reflns_obs                    97.54 
_refine.ls_R_factor_obs                          0.13006 
_refine.ls_R_factor_all                          ? 
_refine.ls_R_factor_R_work                       0.12892 
_refine.ls_R_factor_R_free                       0.15129 
_refine.ls_R_factor_R_free_error                 ? 
_refine.ls_R_factor_R_free_error_details         ? 
_refine.ls_percent_reflns_R_free                 5.1 
_refine.ls_number_reflns_R_free                  1422 
_refine.ls_number_parameters                     ? 
_refine.ls_number_restraints                     ? 
_refine.occupancy_min                            ? 
_refine.occupancy_max                            ? 
_refine.correlation_coeff_Fo_to_Fc               0.976 
_refine.correlation_coeff_Fo_to_Fc_free          0.969 
_refine.B_iso_mean                               12.34 
_refine.aniso_B[1][1]                            0.01 
_refine.aniso_B[2][2]                            -0.21 
_refine.aniso_B[3][3]                            0.20 
_refine.aniso_B[1][2]                            0.00 
_refine.aniso_B[1][3]                            0.00 
_refine.aniso_B[2][3]                            0.00 
_refine.solvent_model_details                    'BABINET MODEL WITH MASK' 
_refine.solvent_model_param_ksol                 ? 
_refine.solvent_model_param_bsol                 ? 
_refine.pdbx_solvent_vdw_probe_radii             1.20 
_refine.pdbx_solvent_ion_probe_radii             0.80 
_refine.pdbx_solvent_shrinkage_radii             0.80 
_refine.pdbx_ls_cross_valid_method               THROUGHOUT 
_refine.details                                  'HYDROGENS HAVE BEEN ADDED IN THE RIDING POSITIONS.' 
_refine.pdbx_starting_model                      NONE 
_refine.pdbx_method_to_determine_struct          SIRAS 
_refine.pdbx_isotropic_thermal_model             ? 
_refine.pdbx_stereochemistry_target_values       'MAXIMUM LIKELIHOOD' 
_refine.pdbx_stereochem_target_val_spec_case     ? 
_refine.pdbx_R_Free_selection_details            RANDOM 
_refine.pdbx_overall_ESU_R                       0.033 
_refine.pdbx_overall_ESU_R_Free                  0.032 
_refine.overall_SU_ML                            0.019 
_refine.pdbx_overall_phase_error                 ? 
_refine.overall_SU_B                             0.875 
_refine.overall_SU_R_Cruickshank_DPI             ? 
_refine.pdbx_overall_SU_R_free_Cruickshank_DPI   ? 
_refine.pdbx_overall_SU_R_Blow_DPI               ? 
_refine.pdbx_overall_SU_R_free_Blow_DPI          ? 
# 
_refine_hist.pdbx_refine_id                   'X-RAY DIFFRACTION' 
_refine_hist.cycle_id                         LAST 
_refine_hist.pdbx_number_atoms_protein        711 
_refine_hist.pdbx_number_atoms_nucleic_acid   0 
_refine_hist.pdbx_number_atoms_ligand         7 
_refine_hist.number_atoms_solvent             144 
_refine_hist.number_atoms_total               862 
_refine_hist.d_res_high                       1.15 
_refine_hist.d_res_low                        18.00 
# 
loop_
_refine_ls_restr.type 
_refine_ls_restr.dev_ideal 
_refine_ls_restr.dev_ideal_target 
_refine_ls_restr.weight 
_refine_ls_restr.number 
_refine_ls_restr.pdbx_refine_id 
_refine_ls_restr.pdbx_restraint_function 
r_bond_refined_d             0.018  0.022  ? 756  'X-RAY DIFFRACTION' ? 
r_bond_other_d               0.018  0.020  ? 521  'X-RAY DIFFRACTION' ? 
r_angle_refined_deg          1.595  1.937  ? 1023 'X-RAY DIFFRACTION' ? 
r_angle_other_deg            1.325  3.000  ? 1260 'X-RAY DIFFRACTION' ? 
r_dihedral_angle_1_deg       5.869  5.000  ? 96   'X-RAY DIFFRACTION' ? 
r_dihedral_angle_2_deg       28.081 24.750 ? 40   'X-RAY DIFFRACTION' ? 
r_dihedral_angle_3_deg       10.353 15.000 ? 124  'X-RAY DIFFRACTION' ? 
r_dihedral_angle_4_deg       22.229 15.000 ? 6    'X-RAY DIFFRACTION' ? 
r_chiral_restr               0.131  0.200  ? 105  'X-RAY DIFFRACTION' ? 
r_gen_planes_refined         0.008  0.020  ? 863  'X-RAY DIFFRACTION' ? 
r_gen_planes_other           0.002  0.020  ? 157  'X-RAY DIFFRACTION' ? 
r_nbd_refined                ?      ?      ? ?    'X-RAY DIFFRACTION' ? 
r_nbd_other                  ?      ?      ? ?    'X-RAY DIFFRACTION' ? 
r_nbtor_refined              ?      ?      ? ?    'X-RAY DIFFRACTION' ? 
r_nbtor_other                ?      ?      ? ?    'X-RAY DIFFRACTION' ? 
r_xyhbond_nbd_refined        ?      ?      ? ?    'X-RAY DIFFRACTION' ? 
r_xyhbond_nbd_other          ?      ?      ? ?    'X-RAY DIFFRACTION' ? 
r_metal_ion_refined          ?      ?      ? ?    'X-RAY DIFFRACTION' ? 
r_metal_ion_other            ?      ?      ? ?    'X-RAY DIFFRACTION' ? 
r_symmetry_vdw_refined       ?      ?      ? ?    'X-RAY DIFFRACTION' ? 
r_symmetry_vdw_other         ?      ?      ? ?    'X-RAY DIFFRACTION' ? 
r_symmetry_hbond_refined     ?      ?      ? ?    'X-RAY DIFFRACTION' ? 
r_symmetry_hbond_other       ?      ?      ? ?    'X-RAY DIFFRACTION' ? 
r_symmetry_metal_ion_refined ?      ?      ? ?    'X-RAY DIFFRACTION' ? 
r_symmetry_metal_ion_other   ?      ?      ? ?    'X-RAY DIFFRACTION' ? 
r_mcbond_it                  1.518  1.500  ? 466  'X-RAY DIFFRACTION' ? 
r_mcbond_other               0.644  1.500  ? 195  'X-RAY DIFFRACTION' ? 
r_mcangle_it                 2.223  2.000  ? 746  'X-RAY DIFFRACTION' ? 
r_mcangle_other              ?      ?      ? ?    'X-RAY DIFFRACTION' ? 
r_scbond_it                  3.202  3.000  ? 290  'X-RAY DIFFRACTION' ? 
r_scbond_other               ?      ?      ? ?    'X-RAY DIFFRACTION' ? 
r_scangle_it                 4.259  4.500  ? 275  'X-RAY DIFFRACTION' ? 
r_scangle_other              ?      ?      ? ?    'X-RAY DIFFRACTION' ? 
r_long_range_B_refined       ?      ?      ? ?    'X-RAY DIFFRACTION' ? 
r_long_range_B_other         ?      ?      ? ?    'X-RAY DIFFRACTION' ? 
r_rigid_bond_restr           1.538  3.000  ? 1277 'X-RAY DIFFRACTION' ? 
r_sphericity_free            ?      ?      ? ?    'X-RAY DIFFRACTION' ? 
r_sphericity_bonded          ?      ?      ? ?    'X-RAY DIFFRACTION' ? 
# 
_refine_ls_shell.pdbx_refine_id                   'X-RAY DIFFRACTION' 
_refine_ls_shell.pdbx_total_number_of_bins_used   20 
_refine_ls_shell.d_res_high                       1.150 
_refine_ls_shell.d_res_low                        1.180 
_refine_ls_shell.number_reflns_R_work             1860 
_refine_ls_shell.R_factor_R_work                  0.201 
_refine_ls_shell.percent_reflns_obs               94.81 
_refine_ls_shell.R_factor_R_free                  0.229 
_refine_ls_shell.R_factor_R_free_error            ? 
_refine_ls_shell.percent_reflns_R_free            ? 
_refine_ls_shell.number_reflns_R_free             95 
_refine_ls_shell.number_reflns_all                ? 
_refine_ls_shell.R_factor_all                     ? 
# 
_struct.entry_id                  3ZZO 
_struct.title                     'Crystal structure of the CG11501 protein in P212121 spacegroup' 
_struct.pdbx_model_details        ? 
_struct.pdbx_CASP_flag            ? 
_struct.pdbx_model_type_details   ? 
# 
_struct_keywords.entry_id        3ZZO 
_struct_keywords.pdbx_keywords   'IMMUNE SYSTEM' 
_struct_keywords.text            'IMMUNE SYSTEM, IMMUNE RESPONSE' 
# 
loop_
_struct_asym.id 
_struct_asym.pdbx_blank_PDB_chainid_flag 
_struct_asym.pdbx_modified 
_struct_asym.entity_id 
_struct_asym.details 
A N N 1 ? 
B N N 2 ? 
C N N 3 ? 
D N N 4 ? 
# 
_struct_ref.id                         1 
_struct_ref.db_name                    UNP 
_struct_ref.db_code                    Q9VAK8_DROME 
_struct_ref.entity_id                  1 
_struct_ref.pdbx_seq_one_letter_code   ? 
_struct_ref.pdbx_align_begin           ? 
_struct_ref.pdbx_db_accession          Q9VAK8 
_struct_ref.pdbx_db_isoform            ? 
# 
_struct_ref_seq.align_id                      1 
_struct_ref_seq.ref_id                        1 
_struct_ref_seq.pdbx_PDB_id_code              3ZZO 
_struct_ref_seq.pdbx_strand_id                A 
_struct_ref_seq.seq_align_beg                 1 
_struct_ref_seq.pdbx_seq_align_beg_ins_code   ? 
_struct_ref_seq.seq_align_end                 91 
_struct_ref_seq.pdbx_seq_align_end_ins_code   ? 
_struct_ref_seq.pdbx_db_accession             Q9VAK8 
_struct_ref_seq.db_align_beg                  25 
_struct_ref_seq.pdbx_db_align_beg_ins_code    ? 
_struct_ref_seq.db_align_end                  115 
_struct_ref_seq.pdbx_db_align_end_ins_code    ? 
_struct_ref_seq.pdbx_auth_seq_align_beg       25 
_struct_ref_seq.pdbx_auth_seq_align_end       115 
# 
loop_
_struct_ref_seq_dif.align_id 
_struct_ref_seq_dif.pdbx_pdb_id_code 
_struct_ref_seq_dif.mon_id 
_struct_ref_seq_dif.pdbx_pdb_strand_id 
_struct_ref_seq_dif.seq_num 
_struct_ref_seq_dif.pdbx_pdb_ins_code 
_struct_ref_seq_dif.pdbx_seq_db_name 
_struct_ref_seq_dif.pdbx_seq_db_accession_code 
_struct_ref_seq_dif.db_mon_id 
_struct_ref_seq_dif.pdbx_seq_db_seq_num 
_struct_ref_seq_dif.details 
_struct_ref_seq_dif.pdbx_auth_seq_num 
_struct_ref_seq_dif.pdbx_ordinal 
1 3ZZO TRP A 92 ? UNP Q9VAK8 ?   ?  'expression tag' 116 1 
1 3ZZO ARG A 93 ? UNP Q9VAK8 ?   ?  'expression tag' 117 2 
1 3ZZO PRO A 94 ? UNP Q9VAK8 ?   ?  'expression tag' 118 3 
1 3ZZO LEU A 95 ? UNP Q9VAK8 ?   ?  'expression tag' 119 4 
1 3ZZO PRO A 51 ? UNP Q9VAK8 SER 75 'SEE REMARK 999' 75  5 
# 
_pdbx_struct_assembly.id                   1 
_pdbx_struct_assembly.details              author_and_software_defined_assembly 
_pdbx_struct_assembly.method_details       PISA 
_pdbx_struct_assembly.oligomeric_details   monomeric 
_pdbx_struct_assembly.oligomeric_count     1 
# 
_pdbx_struct_assembly_gen.assembly_id       1 
_pdbx_struct_assembly_gen.oper_expression   1 
_pdbx_struct_assembly_gen.asym_id_list      A,B,C,D 
# 
_pdbx_struct_oper_list.id                   1 
_pdbx_struct_oper_list.type                 'identity operation' 
_pdbx_struct_oper_list.name                 1_555 
_pdbx_struct_oper_list.symmetry_operation   x,y,z 
_pdbx_struct_oper_list.matrix[1][1]         1.0000000000 
_pdbx_struct_oper_list.matrix[1][2]         0.0000000000 
_pdbx_struct_oper_list.matrix[1][3]         0.0000000000 
_pdbx_struct_oper_list.vector[1]            0.0000000000 
_pdbx_struct_oper_list.matrix[2][1]         0.0000000000 
_pdbx_struct_oper_list.matrix[2][2]         1.0000000000 
_pdbx_struct_oper_list.matrix[2][3]         0.0000000000 
_pdbx_struct_oper_list.vector[2]            0.0000000000 
_pdbx_struct_oper_list.matrix[3][1]         0.0000000000 
_pdbx_struct_oper_list.matrix[3][2]         0.0000000000 
_pdbx_struct_oper_list.matrix[3][3]         1.0000000000 
_pdbx_struct_oper_list.vector[3]            0.0000000000 
# 
_struct_biol.id   1 
# 
loop_
_struct_conf.conf_type_id 
_struct_conf.id 
_struct_conf.pdbx_PDB_helix_id 
_struct_conf.beg_label_comp_id 
_struct_conf.beg_label_asym_id 
_struct_conf.beg_label_seq_id 
_struct_conf.pdbx_beg_PDB_ins_code 
_struct_conf.end_label_comp_id 
_struct_conf.end_label_asym_id 
_struct_conf.end_label_seq_id 
_struct_conf.pdbx_end_PDB_ins_code 
_struct_conf.beg_auth_comp_id 
_struct_conf.beg_auth_asym_id 
_struct_conf.beg_auth_seq_id 
_struct_conf.end_auth_comp_id 
_struct_conf.end_auth_asym_id 
_struct_conf.end_auth_seq_id 
_struct_conf.pdbx_PDB_helix_class 
_struct_conf.details 
_struct_conf.pdbx_PDB_helix_length 
HELX_P HELX_P1 1 ASP A 17 ? ARG A 22 ? ASP A 41  ARG A 46  5 ? 6 
HELX_P HELX_P2 2 TRP A 68 ? ASN A 76 ? TRP A 92  ASN A 100 1 ? 9 
HELX_P HELX_P3 3 GLN A 77 ? TYR A 79 ? GLN A 101 TYR A 103 5 ? 3 
# 
_struct_conf_type.id          HELX_P 
_struct_conf_type.criteria    ? 
_struct_conf_type.reference   ? 
# 
loop_
_struct_conn.id 
_struct_conn.conn_type_id 
_struct_conn.pdbx_leaving_atom_flag 
_struct_conn.pdbx_PDB_id 
_struct_conn.ptnr1_label_asym_id 
_struct_conn.ptnr1_label_comp_id 
_struct_conn.ptnr1_label_seq_id 
_struct_conn.ptnr1_label_atom_id 
_struct_conn.pdbx_ptnr1_label_alt_id 
_struct_conn.pdbx_ptnr1_PDB_ins_code 
_struct_conn.pdbx_ptnr1_standard_comp_id 
_struct_conn.ptnr1_symmetry 
_struct_conn.ptnr2_label_asym_id 
_struct_conn.ptnr2_label_comp_id 
_struct_conn.ptnr2_label_seq_id 
_struct_conn.ptnr2_label_atom_id 
_struct_conn.pdbx_ptnr2_label_alt_id 
_struct_conn.pdbx_ptnr2_PDB_ins_code 
_struct_conn.ptnr1_auth_asym_id 
_struct_conn.ptnr1_auth_comp_id 
_struct_conn.ptnr1_auth_seq_id 
_struct_conn.ptnr2_auth_asym_id 
_struct_conn.ptnr2_auth_comp_id 
_struct_conn.ptnr2_auth_seq_id 
_struct_conn.ptnr2_symmetry 
_struct_conn.pdbx_ptnr3_label_atom_id 
_struct_conn.pdbx_ptnr3_label_seq_id 
_struct_conn.pdbx_ptnr3_label_comp_id 
_struct_conn.pdbx_ptnr3_label_asym_id 
_struct_conn.pdbx_ptnr3_label_alt_id 
_struct_conn.pdbx_ptnr3_PDB_ins_code 
_struct_conn.details 
_struct_conn.pdbx_dist_value 
_struct_conn.pdbx_value_order 
_struct_conn.pdbx_role 
disulf1 disulf ? ? A CYS 2  SG ? ? ? 1_555 A CYS 57 SG ? ? A CYS 26 A CYS 81 1_555 ? ? ? ? ? ? ? 2.017 ? ? 
disulf2 disulf ? ? A CYS 3  SG ? ? ? 1_555 A CYS 63 SG ? ? A CYS 27 A CYS 87 1_555 ? ? ? ? ? ? ? 2.043 ? ? 
disulf3 disulf ? ? A CYS 18 SG ? ? ? 1_555 A CYS 31 SG ? ? A CYS 42 A CYS 55 1_555 ? ? ? ? ? ? ? 2.038 ? ? 
disulf4 disulf ? ? A CYS 36 SG ? ? ? 1_555 A CYS 47 SG ? ? A CYS 60 A CYS 71 1_555 ? ? ? ? ? ? ? 2.043 ? ? 
disulf5 disulf ? ? A CYS 52 SG ? ? ? 1_555 A CYS 59 SG ? ? A CYS 76 A CYS 83 1_555 ? ? ? ? ? ? ? 2.048 ? ? 
# 
_struct_conn_type.id          disulf 
_struct_conn_type.criteria    ? 
_struct_conn_type.reference   ? 
# 
loop_
_pdbx_modification_feature.ordinal 
_pdbx_modification_feature.label_comp_id 
_pdbx_modification_feature.label_asym_id 
_pdbx_modification_feature.label_seq_id 
_pdbx_modification_feature.label_alt_id 
_pdbx_modification_feature.modified_residue_label_comp_id 
_pdbx_modification_feature.modified_residue_label_asym_id 
_pdbx_modification_feature.modified_residue_label_seq_id 
_pdbx_modification_feature.modified_residue_label_alt_id 
_pdbx_modification_feature.auth_comp_id 
_pdbx_modification_feature.auth_asym_id 
_pdbx_modification_feature.auth_seq_id 
_pdbx_modification_feature.PDB_ins_code 
_pdbx_modification_feature.symmetry 
_pdbx_modification_feature.modified_residue_auth_comp_id 
_pdbx_modification_feature.modified_residue_auth_asym_id 
_pdbx_modification_feature.modified_residue_auth_seq_id 
_pdbx_modification_feature.modified_residue_PDB_ins_code 
_pdbx_modification_feature.modified_residue_symmetry 
_pdbx_modification_feature.comp_id_linking_atom 
_pdbx_modification_feature.modified_residue_id_linking_atom 
_pdbx_modification_feature.modified_residue_id 
_pdbx_modification_feature.ref_pcm_id 
_pdbx_modification_feature.ref_comp_id 
_pdbx_modification_feature.type 
_pdbx_modification_feature.category 
1 CYS A 2  ? CYS A 57 ? CYS A 26 ? 1_555 CYS A 81 ? 1_555 SG SG . . . None 'Disulfide bridge' 
2 CYS A 3  ? CYS A 63 ? CYS A 27 ? 1_555 CYS A 87 ? 1_555 SG SG . . . None 'Disulfide bridge' 
3 CYS A 18 ? CYS A 31 ? CYS A 42 ? 1_555 CYS A 55 ? 1_555 SG SG . . . None 'Disulfide bridge' 
4 CYS A 36 ? CYS A 47 ? CYS A 60 ? 1_555 CYS A 71 ? 1_555 SG SG . . . None 'Disulfide bridge' 
5 CYS A 52 ? CYS A 59 ? CYS A 76 ? 1_555 CYS A 83 ? 1_555 SG SG . . . None 'Disulfide bridge' 
# 
loop_
_struct_mon_prot_cis.pdbx_id 
_struct_mon_prot_cis.label_comp_id 
_struct_mon_prot_cis.label_seq_id 
_struct_mon_prot_cis.label_asym_id 
_struct_mon_prot_cis.label_alt_id 
_struct_mon_prot_cis.pdbx_PDB_ins_code 
_struct_mon_prot_cis.auth_comp_id 
_struct_mon_prot_cis.auth_seq_id 
_struct_mon_prot_cis.auth_asym_id 
_struct_mon_prot_cis.pdbx_label_comp_id_2 
_struct_mon_prot_cis.pdbx_label_seq_id_2 
_struct_mon_prot_cis.pdbx_label_asym_id_2 
_struct_mon_prot_cis.pdbx_PDB_ins_code_2 
_struct_mon_prot_cis.pdbx_auth_comp_id_2 
_struct_mon_prot_cis.pdbx_auth_seq_id_2 
_struct_mon_prot_cis.pdbx_auth_asym_id_2 
_struct_mon_prot_cis.pdbx_PDB_model_num 
_struct_mon_prot_cis.pdbx_omega_angle 
1 TYR 27 A . ? TYR 51  A PRO 28 A ? PRO 52  A 1 6.96  
2 LEU 89 A . ? LEU 113 A PRO 90 A ? PRO 114 A 1 -5.03 
# 
_struct_sheet.id               AA 
_struct_sheet.type             ? 
_struct_sheet.number_strands   4 
_struct_sheet.details          ? 
# 
loop_
_struct_sheet_order.sheet_id 
_struct_sheet_order.range_id_1 
_struct_sheet_order.range_id_2 
_struct_sheet_order.offset 
_struct_sheet_order.sense 
AA 1 2 ? anti-parallel 
AA 2 3 ? anti-parallel 
AA 3 4 ? anti-parallel 
# 
loop_
_struct_sheet_range.sheet_id 
_struct_sheet_range.id 
_struct_sheet_range.beg_label_comp_id 
_struct_sheet_range.beg_label_asym_id 
_struct_sheet_range.beg_label_seq_id 
_struct_sheet_range.pdbx_beg_PDB_ins_code 
_struct_sheet_range.end_label_comp_id 
_struct_sheet_range.end_label_asym_id 
_struct_sheet_range.end_label_seq_id 
_struct_sheet_range.pdbx_end_PDB_ins_code 
_struct_sheet_range.beg_auth_comp_id 
_struct_sheet_range.beg_auth_asym_id 
_struct_sheet_range.beg_auth_seq_id 
_struct_sheet_range.end_auth_comp_id 
_struct_sheet_range.end_auth_asym_id 
_struct_sheet_range.end_auth_seq_id 
AA 1 ILE A 24 ? GLU A 25 ? ILE A 48  GLU A 49  
AA 2 CYS A 31 ? ILE A 35 ? CYS A 55  ILE A 59  
AA 3 ARG A 6  ? MET A 13 ? ARG A 30  MET A 37  
AA 4 ILE A 81 ? LEU A 89 ? ILE A 105 LEU A 113 
# 
loop_
_pdbx_struct_sheet_hbond.sheet_id 
_pdbx_struct_sheet_hbond.range_id_1 
_pdbx_struct_sheet_hbond.range_id_2 
_pdbx_struct_sheet_hbond.range_1_label_atom_id 
_pdbx_struct_sheet_hbond.range_1_label_comp_id 
_pdbx_struct_sheet_hbond.range_1_label_asym_id 
_pdbx_struct_sheet_hbond.range_1_label_seq_id 
_pdbx_struct_sheet_hbond.range_1_PDB_ins_code 
_pdbx_struct_sheet_hbond.range_1_auth_atom_id 
_pdbx_struct_sheet_hbond.range_1_auth_comp_id 
_pdbx_struct_sheet_hbond.range_1_auth_asym_id 
_pdbx_struct_sheet_hbond.range_1_auth_seq_id 
_pdbx_struct_sheet_hbond.range_2_label_atom_id 
_pdbx_struct_sheet_hbond.range_2_label_comp_id 
_pdbx_struct_sheet_hbond.range_2_label_asym_id 
_pdbx_struct_sheet_hbond.range_2_label_seq_id 
_pdbx_struct_sheet_hbond.range_2_PDB_ins_code 
_pdbx_struct_sheet_hbond.range_2_auth_atom_id 
_pdbx_struct_sheet_hbond.range_2_auth_comp_id 
_pdbx_struct_sheet_hbond.range_2_auth_asym_id 
_pdbx_struct_sheet_hbond.range_2_auth_seq_id 
AA 1 2 N ILE A 24 ? N ILE A 48 O GLU A 32 ? O GLU A 56  
AA 2 3 N ILE A 35 ? N ILE A 59 O GLU A 7  ? O GLU A 31  
AA 3 4 N LYS A 12 ? N LYS A 36 O GLN A 82 ? O GLN A 106 
# 
loop_
_struct_site.id 
_struct_site.pdbx_evidence_code 
_struct_site.pdbx_auth_asym_id 
_struct_site.pdbx_auth_comp_id 
_struct_site.pdbx_auth_seq_id 
_struct_site.pdbx_auth_ins_code 
_struct_site.pdbx_num_residues 
_struct_site.details 
AC1 Software A SCN 1118 ? 6 'BINDING SITE FOR RESIDUE SCN A 1118' 
AC2 Software A EDO 1119 ? 9 'BINDING SITE FOR RESIDUE EDO A 1119' 
# 
loop_
_struct_site_gen.id 
_struct_site_gen.site_id 
_struct_site_gen.pdbx_num_res 
_struct_site_gen.label_comp_id 
_struct_site_gen.label_asym_id 
_struct_site_gen.label_seq_id 
_struct_site_gen.pdbx_auth_ins_code 
_struct_site_gen.auth_comp_id 
_struct_site_gen.auth_asym_id 
_struct_site_gen.auth_seq_id 
_struct_site_gen.label_atom_id 
_struct_site_gen.label_alt_id 
_struct_site_gen.symmetry 
_struct_site_gen.details 
1  AC1 6 ALA A 45 ? ALA A 69   . ? 1_555 ? 
2  AC1 6 TYR A 46 ? TYR A 70   . ? 1_555 ? 
3  AC1 6 CYS A 52 ? CYS A 76   . ? 1_555 ? 
4  AC1 6 TRP A 92 ? TRP A 116  . ? 3_655 ? 
5  AC1 6 EDO C .  ? EDO A 1119 . ? 1_655 ? 
6  AC1 6 HOH D .  ? HOH A 2088 . ? 1_555 ? 
7  AC2 9 TYR A 46 ? TYR A 70   . ? 1_455 ? 
8  AC2 9 CYS A 52 ? CYS A 76   . ? 1_455 ? 
9  AC2 9 ASN A 53 ? ASN A 77   . ? 1_455 ? 
10 AC2 9 ILE A 54 ? ILE A 78   . ? 1_455 ? 
11 AC2 9 SER A 69 ? SER A 93   . ? 1_555 ? 
12 AC2 9 GLN A 70 ? GLN A 94   . ? 1_555 ? 
13 AC2 9 ILE A 83 ? ILE A 107  . ? 1_555 ? 
14 AC2 9 SCN B .  ? SCN A 1118 . ? 1_455 ? 
15 AC2 9 HOH D .  ? HOH A 2144 . ? 1_555 ? 
# 
_pdbx_entry_details.entry_id                   3ZZO 
_pdbx_entry_details.compound_details           ? 
_pdbx_entry_details.source_details             ? 
_pdbx_entry_details.nonpolymer_details         ? 
_pdbx_entry_details.sequence_details           
;THE MUTATION S75P SEEN IN THE CRYSTAL STRUCTURE MIGHT BE
DUE TO AN ERROR INTO THE SEQUENCE DATABASE
;
_pdbx_entry_details.has_ligand_of_interest     ? 
_pdbx_entry_details.has_protein_modification   Y 
# 
_pdbx_validate_close_contact.id               1 
_pdbx_validate_close_contact.PDB_model_num    1 
_pdbx_validate_close_contact.auth_atom_id_1   O 
_pdbx_validate_close_contact.auth_asym_id_1   A 
_pdbx_validate_close_contact.auth_comp_id_1   HOH 
_pdbx_validate_close_contact.auth_seq_id_1    2041 
_pdbx_validate_close_contact.PDB_ins_code_1   ? 
_pdbx_validate_close_contact.label_alt_id_1   ? 
_pdbx_validate_close_contact.auth_atom_id_2   O 
_pdbx_validate_close_contact.auth_asym_id_2   A 
_pdbx_validate_close_contact.auth_comp_id_2   HOH 
_pdbx_validate_close_contact.auth_seq_id_2    2042 
_pdbx_validate_close_contact.PDB_ins_code_2   ? 
_pdbx_validate_close_contact.label_alt_id_2   ? 
_pdbx_validate_close_contact.dist             2.06 
# 
loop_
_pdbx_validate_symm_contact.id 
_pdbx_validate_symm_contact.PDB_model_num 
_pdbx_validate_symm_contact.auth_atom_id_1 
_pdbx_validate_symm_contact.auth_asym_id_1 
_pdbx_validate_symm_contact.auth_comp_id_1 
_pdbx_validate_symm_contact.auth_seq_id_1 
_pdbx_validate_symm_contact.PDB_ins_code_1 
_pdbx_validate_symm_contact.label_alt_id_1 
_pdbx_validate_symm_contact.site_symmetry_1 
_pdbx_validate_symm_contact.auth_atom_id_2 
_pdbx_validate_symm_contact.auth_asym_id_2 
_pdbx_validate_symm_contact.auth_comp_id_2 
_pdbx_validate_symm_contact.auth_seq_id_2 
_pdbx_validate_symm_contact.PDB_ins_code_2 
_pdbx_validate_symm_contact.label_alt_id_2 
_pdbx_validate_symm_contact.site_symmetry_2 
_pdbx_validate_symm_contact.dist 
1 1 O A HOH 2002 ? ? 1_555 O A HOH 2070 ? ? 2_565 2.02 
2 1 O A HOH 2041 ? ? 1_555 O A HOH 2085 ? ? 1_455 2.07 
3 1 O A HOH 2042 ? ? 1_555 O A HOH 2142 ? ? 3_555 2.12 
# 
loop_
_pdbx_validate_rmsd_angle.id 
_pdbx_validate_rmsd_angle.PDB_model_num 
_pdbx_validate_rmsd_angle.auth_atom_id_1 
_pdbx_validate_rmsd_angle.auth_asym_id_1 
_pdbx_validate_rmsd_angle.auth_comp_id_1 
_pdbx_validate_rmsd_angle.auth_seq_id_1 
_pdbx_validate_rmsd_angle.PDB_ins_code_1 
_pdbx_validate_rmsd_angle.label_alt_id_1 
_pdbx_validate_rmsd_angle.auth_atom_id_2 
_pdbx_validate_rmsd_angle.auth_asym_id_2 
_pdbx_validate_rmsd_angle.auth_comp_id_2 
_pdbx_validate_rmsd_angle.auth_seq_id_2 
_pdbx_validate_rmsd_angle.PDB_ins_code_2 
_pdbx_validate_rmsd_angle.label_alt_id_2 
_pdbx_validate_rmsd_angle.auth_atom_id_3 
_pdbx_validate_rmsd_angle.auth_asym_id_3 
_pdbx_validate_rmsd_angle.auth_comp_id_3 
_pdbx_validate_rmsd_angle.auth_seq_id_3 
_pdbx_validate_rmsd_angle.PDB_ins_code_3 
_pdbx_validate_rmsd_angle.label_alt_id_3 
_pdbx_validate_rmsd_angle.angle_value 
_pdbx_validate_rmsd_angle.angle_target_value 
_pdbx_validate_rmsd_angle.angle_deviation 
_pdbx_validate_rmsd_angle.angle_standard_deviation 
_pdbx_validate_rmsd_angle.linker_flag 
1 1 NE A ARG 30 ? B CZ A ARG 30 ? B NH1 A ARG 30 ? B 124.78 120.30 4.48 0.50 N 
2 1 NE A ARG 99 ? ? CZ A ARG 99 ? ? NH1 A ARG 99 ? ? 124.21 120.30 3.91 0.50 N 
# 
loop_
_pdbx_validate_torsion.id 
_pdbx_validate_torsion.PDB_model_num 
_pdbx_validate_torsion.auth_comp_id 
_pdbx_validate_torsion.auth_asym_id 
_pdbx_validate_torsion.auth_seq_id 
_pdbx_validate_torsion.PDB_ins_code 
_pdbx_validate_torsion.label_alt_id 
_pdbx_validate_torsion.phi 
_pdbx_validate_torsion.psi 
1 1 CYS A 27 ? ? -106.70 47.71   
2 1 TRP A 92 ? ? 67.46   -135.44 
# 
loop_
_pdbx_refine_tls.pdbx_refine_id 
_pdbx_refine_tls.id 
_pdbx_refine_tls.details 
_pdbx_refine_tls.method 
_pdbx_refine_tls.origin_x 
_pdbx_refine_tls.origin_y 
_pdbx_refine_tls.origin_z 
_pdbx_refine_tls.T[1][1] 
_pdbx_refine_tls.T[2][2] 
_pdbx_refine_tls.T[3][3] 
_pdbx_refine_tls.T[1][2] 
_pdbx_refine_tls.T[1][3] 
_pdbx_refine_tls.T[2][3] 
_pdbx_refine_tls.L[1][1] 
_pdbx_refine_tls.L[2][2] 
_pdbx_refine_tls.L[3][3] 
_pdbx_refine_tls.L[1][2] 
_pdbx_refine_tls.L[1][3] 
_pdbx_refine_tls.L[2][3] 
_pdbx_refine_tls.S[1][1] 
_pdbx_refine_tls.S[1][2] 
_pdbx_refine_tls.S[1][3] 
_pdbx_refine_tls.S[2][1] 
_pdbx_refine_tls.S[2][2] 
_pdbx_refine_tls.S[2][3] 
_pdbx_refine_tls.S[3][1] 
_pdbx_refine_tls.S[3][2] 
_pdbx_refine_tls.S[3][3] 
'X-RAY DIFFRACTION' 1  ? refined -0.3417 -2.7744  -10.7510 0.0489 0.0598 0.0451 0.0076  0.0015 -0.0075 0.6466 0.3134  0.6803  -0.4558 0.0835  -0.2668  0.0340  0.0480  -0.0333 -0.0194 -0.0223 0.0247  0.0312  0.0031  -0.0117 
'X-RAY DIFFRACTION' 2  ? refined 1.2683  -5.3363  6.1990   0.0452 0.0554 0.0426 0.0038  0.0038 -0.0015 0.1021 0.1765  2.2588  0.0211  -0.3150 0.3466   0.0089  -0.0070 -0.0094 0.0072  -0.0045 0.0087  0.0643  0.0050  -0.0045 
'X-RAY DIFFRACTION' 3  ? refined -3.0284 2.9711   12.5647  0.0497 0.0569 0.0404 0.0078  0.0086 -0.0002 0.1951 0.0366  1.7673  -0.0221 -0.1612 0.2851   0.0413  -0.0139 0.0000  -0.0102 -0.0090 -0.0024 -0.0885 -0.0702 -0.0322 
'X-RAY DIFFRACTION' 4  ? refined -5.5241 -8.3296  14.8694  0.1627 0.1009 0.0174 -0.0379 0.0466 0.0202  0.3647 19.2943 15.6317 4.4475  -3.2385 -16.7040 -0.1765 0.0380  0.0136  -0.4253 0.3384  0.1234  0.8713  -0.7512 -0.1618 
'X-RAY DIFFRACTION' 5  ? refined -0.8144 0.0806   1.9126   0.0424 0.0545 0.0436 0.0077  0.0065 -0.0025 0.3067 0.3645  1.1781  0.1353  0.1666  -0.5274  -0.0062 0.0041  0.0002  -0.0079 0.0110  0.0065  0.0062  -0.0148 -0.0048 
'X-RAY DIFFRACTION' 6  ? refined -5.3460 2.7055   -13.6889 0.0421 0.0585 0.0439 0.0055  0.0043 -0.0036 0.3555 0.1215  0.3204  -0.1187 0.1737  -0.0587  0.0141  0.0291  -0.0138 -0.0002 -0.0046 -0.0055 0.0140  0.0286  -0.0094 
'X-RAY DIFFRACTION' 7  ? refined 5.0759  3.4882   -6.1063  0.0408 0.0623 0.0419 0.0013  0.0039 0.0008  0.6101 0.2066  0.8357  -0.3490 0.5406  -0.3300  0.0059  0.0533  0.0224  0.0028  -0.0172 -0.0088 0.0091  0.0596  0.0114  
'X-RAY DIFFRACTION' 8  ? refined 7.1353  5.4327   5.2444   0.0440 0.0562 0.0423 0.0030  0.0045 -0.0018 0.1639 0.2866  0.4795  0.1671  0.2085  0.1954   -0.0014 -0.0100 0.0009  -0.0075 -0.0142 0.0115  -0.0259 -0.0021 0.0156  
'X-RAY DIFFRACTION' 9  ? refined 4.7962  -1.0684  10.4878  0.0397 0.0539 0.0438 0.0010  0.0081 -0.0031 0.2383 1.0574  0.9697  0.0079  -0.1768 0.7623   0.0243  -0.0243 0.0006  -0.0037 -0.0042 0.0308  -0.0134 0.0336  -0.0201 
'X-RAY DIFFRACTION' 10 ? refined 2.3967  -12.1746 -5.5587  0.0411 0.0487 0.0456 0.0055  0.0038 -0.0017 0.8871 7.2190  3.3675  1.4879  1.8356  3.5089   -0.0664 -0.0250 0.0203  -0.2316 0.0087  0.0987  -0.1395 -0.0303 0.0577  
# 
loop_
_pdbx_refine_tls_group.pdbx_refine_id 
_pdbx_refine_tls_group.id 
_pdbx_refine_tls_group.refine_tls_id 
_pdbx_refine_tls_group.beg_auth_asym_id 
_pdbx_refine_tls_group.beg_auth_seq_id 
_pdbx_refine_tls_group.beg_label_asym_id 
_pdbx_refine_tls_group.beg_label_seq_id 
_pdbx_refine_tls_group.end_auth_asym_id 
_pdbx_refine_tls_group.end_auth_seq_id 
_pdbx_refine_tls_group.end_label_asym_id 
_pdbx_refine_tls_group.end_label_seq_id 
_pdbx_refine_tls_group.selection 
_pdbx_refine_tls_group.selection_details 
'X-RAY DIFFRACTION' 1  1  A 25  ? ? A 30  ? ? ? ? 
'X-RAY DIFFRACTION' 2  2  A 31  ? ? A 36  ? ? ? ? 
'X-RAY DIFFRACTION' 3  3  A 37  ? ? A 48  ? ? ? ? 
'X-RAY DIFFRACTION' 4  4  A 49  ? ? A 53  ? ? ? ? 
'X-RAY DIFFRACTION' 5  5  A 54  ? ? A 65  ? ? ? ? 
'X-RAY DIFFRACTION' 6  6  A 66  ? ? A 84  ? ? ? ? 
'X-RAY DIFFRACTION' 7  7  A 85  ? ? A 93  ? ? ? ? 
'X-RAY DIFFRACTION' 8  8  A 94  ? ? A 101 ? ? ? ? 
'X-RAY DIFFRACTION' 9  9  A 102 ? ? A 110 ? ? ? ? 
'X-RAY DIFFRACTION' 10 10 A 111 ? ? A 117 ? ? ? ? 
# 
loop_
_pdbx_unobs_or_zero_occ_residues.id 
_pdbx_unobs_or_zero_occ_residues.PDB_model_num 
_pdbx_unobs_or_zero_occ_residues.polymer_flag 
_pdbx_unobs_or_zero_occ_residues.occupancy_flag 
_pdbx_unobs_or_zero_occ_residues.auth_asym_id 
_pdbx_unobs_or_zero_occ_residues.auth_comp_id 
_pdbx_unobs_or_zero_occ_residues.auth_seq_id 
_pdbx_unobs_or_zero_occ_residues.PDB_ins_code 
_pdbx_unobs_or_zero_occ_residues.label_asym_id 
_pdbx_unobs_or_zero_occ_residues.label_comp_id 
_pdbx_unobs_or_zero_occ_residues.label_seq_id 
1 1 Y 1 A PRO 118 ? A PRO 94 
2 1 Y 1 A LEU 119 ? A LEU 95 
# 
loop_
_chem_comp_atom.comp_id 
_chem_comp_atom.atom_id 
_chem_comp_atom.type_symbol 
_chem_comp_atom.pdbx_aromatic_flag 
_chem_comp_atom.pdbx_stereo_config 
_chem_comp_atom.pdbx_ordinal 
ALA N    N N N 1   
ALA CA   C N S 2   
ALA C    C N N 3   
ALA O    O N N 4   
ALA CB   C N N 5   
ALA OXT  O N N 6   
ALA H    H N N 7   
ALA H2   H N N 8   
ALA HA   H N N 9   
ALA HB1  H N N 10  
ALA HB2  H N N 11  
ALA HB3  H N N 12  
ALA HXT  H N N 13  
ARG N    N N N 14  
ARG CA   C N S 15  
ARG C    C N N 16  
ARG O    O N N 17  
ARG CB   C N N 18  
ARG CG   C N N 19  
ARG CD   C N N 20  
ARG NE   N N N 21  
ARG CZ   C N N 22  
ARG NH1  N N N 23  
ARG NH2  N N N 24  
ARG OXT  O N N 25  
ARG H    H N N 26  
ARG H2   H N N 27  
ARG HA   H N N 28  
ARG HB2  H N N 29  
ARG HB3  H N N 30  
ARG HG2  H N N 31  
ARG HG3  H N N 32  
ARG HD2  H N N 33  
ARG HD3  H N N 34  
ARG HE   H N N 35  
ARG HH11 H N N 36  
ARG HH12 H N N 37  
ARG HH21 H N N 38  
ARG HH22 H N N 39  
ARG HXT  H N N 40  
ASN N    N N N 41  
ASN CA   C N S 42  
ASN C    C N N 43  
ASN O    O N N 44  
ASN CB   C N N 45  
ASN CG   C N N 46  
ASN OD1  O N N 47  
ASN ND2  N N N 48  
ASN OXT  O N N 49  
ASN H    H N N 50  
ASN H2   H N N 51  
ASN HA   H N N 52  
ASN HB2  H N N 53  
ASN HB3  H N N 54  
ASN HD21 H N N 55  
ASN HD22 H N N 56  
ASN HXT  H N N 57  
ASP N    N N N 58  
ASP CA   C N S 59  
ASP C    C N N 60  
ASP O    O N N 61  
ASP CB   C N N 62  
ASP CG   C N N 63  
ASP OD1  O N N 64  
ASP OD2  O N N 65  
ASP OXT  O N N 66  
ASP H    H N N 67  
ASP H2   H N N 68  
ASP HA   H N N 69  
ASP HB2  H N N 70  
ASP HB3  H N N 71  
ASP HD2  H N N 72  
ASP HXT  H N N 73  
CYS N    N N N 74  
CYS CA   C N R 75  
CYS C    C N N 76  
CYS O    O N N 77  
CYS CB   C N N 78  
CYS SG   S N N 79  
CYS OXT  O N N 80  
CYS H    H N N 81  
CYS H2   H N N 82  
CYS HA   H N N 83  
CYS HB2  H N N 84  
CYS HB3  H N N 85  
CYS HG   H N N 86  
CYS HXT  H N N 87  
EDO C1   C N N 88  
EDO O1   O N N 89  
EDO C2   C N N 90  
EDO O2   O N N 91  
EDO H11  H N N 92  
EDO H12  H N N 93  
EDO HO1  H N N 94  
EDO H21  H N N 95  
EDO H22  H N N 96  
EDO HO2  H N N 97  
GLN N    N N N 98  
GLN CA   C N S 99  
GLN C    C N N 100 
GLN O    O N N 101 
GLN CB   C N N 102 
GLN CG   C N N 103 
GLN CD   C N N 104 
GLN OE1  O N N 105 
GLN NE2  N N N 106 
GLN OXT  O N N 107 
GLN H    H N N 108 
GLN H2   H N N 109 
GLN HA   H N N 110 
GLN HB2  H N N 111 
GLN HB3  H N N 112 
GLN HG2  H N N 113 
GLN HG3  H N N 114 
GLN HE21 H N N 115 
GLN HE22 H N N 116 
GLN HXT  H N N 117 
GLU N    N N N 118 
GLU CA   C N S 119 
GLU C    C N N 120 
GLU O    O N N 121 
GLU CB   C N N 122 
GLU CG   C N N 123 
GLU CD   C N N 124 
GLU OE1  O N N 125 
GLU OE2  O N N 126 
GLU OXT  O N N 127 
GLU H    H N N 128 
GLU H2   H N N 129 
GLU HA   H N N 130 
GLU HB2  H N N 131 
GLU HB3  H N N 132 
GLU HG2  H N N 133 
GLU HG3  H N N 134 
GLU HE2  H N N 135 
GLU HXT  H N N 136 
GLY N    N N N 137 
GLY CA   C N N 138 
GLY C    C N N 139 
GLY O    O N N 140 
GLY OXT  O N N 141 
GLY H    H N N 142 
GLY H2   H N N 143 
GLY HA2  H N N 144 
GLY HA3  H N N 145 
GLY HXT  H N N 146 
HOH O    O N N 147 
HOH H1   H N N 148 
HOH H2   H N N 149 
ILE N    N N N 150 
ILE CA   C N S 151 
ILE C    C N N 152 
ILE O    O N N 153 
ILE CB   C N S 154 
ILE CG1  C N N 155 
ILE CG2  C N N 156 
ILE CD1  C N N 157 
ILE OXT  O N N 158 
ILE H    H N N 159 
ILE H2   H N N 160 
ILE HA   H N N 161 
ILE HB   H N N 162 
ILE HG12 H N N 163 
ILE HG13 H N N 164 
ILE HG21 H N N 165 
ILE HG22 H N N 166 
ILE HG23 H N N 167 
ILE HD11 H N N 168 
ILE HD12 H N N 169 
ILE HD13 H N N 170 
ILE HXT  H N N 171 
LEU N    N N N 172 
LEU CA   C N S 173 
LEU C    C N N 174 
LEU O    O N N 175 
LEU CB   C N N 176 
LEU CG   C N N 177 
LEU CD1  C N N 178 
LEU CD2  C N N 179 
LEU OXT  O N N 180 
LEU H    H N N 181 
LEU H2   H N N 182 
LEU HA   H N N 183 
LEU HB2  H N N 184 
LEU HB3  H N N 185 
LEU HG   H N N 186 
LEU HD11 H N N 187 
LEU HD12 H N N 188 
LEU HD13 H N N 189 
LEU HD21 H N N 190 
LEU HD22 H N N 191 
LEU HD23 H N N 192 
LEU HXT  H N N 193 
LYS N    N N N 194 
LYS CA   C N S 195 
LYS C    C N N 196 
LYS O    O N N 197 
LYS CB   C N N 198 
LYS CG   C N N 199 
LYS CD   C N N 200 
LYS CE   C N N 201 
LYS NZ   N N N 202 
LYS OXT  O N N 203 
LYS H    H N N 204 
LYS H2   H N N 205 
LYS HA   H N N 206 
LYS HB2  H N N 207 
LYS HB3  H N N 208 
LYS HG2  H N N 209 
LYS HG3  H N N 210 
LYS HD2  H N N 211 
LYS HD3  H N N 212 
LYS HE2  H N N 213 
LYS HE3  H N N 214 
LYS HZ1  H N N 215 
LYS HZ2  H N N 216 
LYS HZ3  H N N 217 
LYS HXT  H N N 218 
MET N    N N N 219 
MET CA   C N S 220 
MET C    C N N 221 
MET O    O N N 222 
MET CB   C N N 223 
MET CG   C N N 224 
MET SD   S N N 225 
MET CE   C N N 226 
MET OXT  O N N 227 
MET H    H N N 228 
MET H2   H N N 229 
MET HA   H N N 230 
MET HB2  H N N 231 
MET HB3  H N N 232 
MET HG2  H N N 233 
MET HG3  H N N 234 
MET HE1  H N N 235 
MET HE2  H N N 236 
MET HE3  H N N 237 
MET HXT  H N N 238 
PHE N    N N N 239 
PHE CA   C N S 240 
PHE C    C N N 241 
PHE O    O N N 242 
PHE CB   C N N 243 
PHE CG   C Y N 244 
PHE CD1  C Y N 245 
PHE CD2  C Y N 246 
PHE CE1  C Y N 247 
PHE CE2  C Y N 248 
PHE CZ   C Y N 249 
PHE OXT  O N N 250 
PHE H    H N N 251 
PHE H2   H N N 252 
PHE HA   H N N 253 
PHE HB2  H N N 254 
PHE HB3  H N N 255 
PHE HD1  H N N 256 
PHE HD2  H N N 257 
PHE HE1  H N N 258 
PHE HE2  H N N 259 
PHE HZ   H N N 260 
PHE HXT  H N N 261 
PRO N    N N N 262 
PRO CA   C N S 263 
PRO C    C N N 264 
PRO O    O N N 265 
PRO CB   C N N 266 
PRO CG   C N N 267 
PRO CD   C N N 268 
PRO OXT  O N N 269 
PRO H    H N N 270 
PRO HA   H N N 271 
PRO HB2  H N N 272 
PRO HB3  H N N 273 
PRO HG2  H N N 274 
PRO HG3  H N N 275 
PRO HD2  H N N 276 
PRO HD3  H N N 277 
PRO HXT  H N N 278 
SCN S    S N N 279 
SCN C    C N N 280 
SCN N    N N N 281 
SER N    N N N 282 
SER CA   C N S 283 
SER C    C N N 284 
SER O    O N N 285 
SER CB   C N N 286 
SER OG   O N N 287 
SER OXT  O N N 288 
SER H    H N N 289 
SER H2   H N N 290 
SER HA   H N N 291 
SER HB2  H N N 292 
SER HB3  H N N 293 
SER HG   H N N 294 
SER HXT  H N N 295 
THR N    N N N 296 
THR CA   C N S 297 
THR C    C N N 298 
THR O    O N N 299 
THR CB   C N R 300 
THR OG1  O N N 301 
THR CG2  C N N 302 
THR OXT  O N N 303 
THR H    H N N 304 
THR H2   H N N 305 
THR HA   H N N 306 
THR HB   H N N 307 
THR HG1  H N N 308 
THR HG21 H N N 309 
THR HG22 H N N 310 
THR HG23 H N N 311 
THR HXT  H N N 312 
TRP N    N N N 313 
TRP CA   C N S 314 
TRP C    C N N 315 
TRP O    O N N 316 
TRP CB   C N N 317 
TRP CG   C Y N 318 
TRP CD1  C Y N 319 
TRP CD2  C Y N 320 
TRP NE1  N Y N 321 
TRP CE2  C Y N 322 
TRP CE3  C Y N 323 
TRP CZ2  C Y N 324 
TRP CZ3  C Y N 325 
TRP CH2  C Y N 326 
TRP OXT  O N N 327 
TRP H    H N N 328 
TRP H2   H N N 329 
TRP HA   H N N 330 
TRP HB2  H N N 331 
TRP HB3  H N N 332 
TRP HD1  H N N 333 
TRP HE1  H N N 334 
TRP HE3  H N N 335 
TRP HZ2  H N N 336 
TRP HZ3  H N N 337 
TRP HH2  H N N 338 
TRP HXT  H N N 339 
TYR N    N N N 340 
TYR CA   C N S 341 
TYR C    C N N 342 
TYR O    O N N 343 
TYR CB   C N N 344 
TYR CG   C Y N 345 
TYR CD1  C Y N 346 
TYR CD2  C Y N 347 
TYR CE1  C Y N 348 
TYR CE2  C Y N 349 
TYR CZ   C Y N 350 
TYR OH   O N N 351 
TYR OXT  O N N 352 
TYR H    H N N 353 
TYR H2   H N N 354 
TYR HA   H N N 355 
TYR HB2  H N N 356 
TYR HB3  H N N 357 
TYR HD1  H N N 358 
TYR HD2  H N N 359 
TYR HE1  H N N 360 
TYR HE2  H N N 361 
TYR HH   H N N 362 
TYR HXT  H N N 363 
VAL N    N N N 364 
VAL CA   C N S 365 
VAL C    C N N 366 
VAL O    O N N 367 
VAL CB   C N N 368 
VAL CG1  C N N 369 
VAL CG2  C N N 370 
VAL OXT  O N N 371 
VAL H    H N N 372 
VAL H2   H N N 373 
VAL HA   H N N 374 
VAL HB   H N N 375 
VAL HG11 H N N 376 
VAL HG12 H N N 377 
VAL HG13 H N N 378 
VAL HG21 H N N 379 
VAL HG22 H N N 380 
VAL HG23 H N N 381 
VAL HXT  H N N 382 
# 
loop_
_chem_comp_bond.comp_id 
_chem_comp_bond.atom_id_1 
_chem_comp_bond.atom_id_2 
_chem_comp_bond.value_order 
_chem_comp_bond.pdbx_aromatic_flag 
_chem_comp_bond.pdbx_stereo_config 
_chem_comp_bond.pdbx_ordinal 
ALA N   CA   sing N N 1   
ALA N   H    sing N N 2   
ALA N   H2   sing N N 3   
ALA CA  C    sing N N 4   
ALA CA  CB   sing N N 5   
ALA CA  HA   sing N N 6   
ALA C   O    doub N N 7   
ALA C   OXT  sing N N 8   
ALA CB  HB1  sing N N 9   
ALA CB  HB2  sing N N 10  
ALA CB  HB3  sing N N 11  
ALA OXT HXT  sing N N 12  
ARG N   CA   sing N N 13  
ARG N   H    sing N N 14  
ARG N   H2   sing N N 15  
ARG CA  C    sing N N 16  
ARG CA  CB   sing N N 17  
ARG CA  HA   sing N N 18  
ARG C   O    doub N N 19  
ARG C   OXT  sing N N 20  
ARG CB  CG   sing N N 21  
ARG CB  HB2  sing N N 22  
ARG CB  HB3  sing N N 23  
ARG CG  CD   sing N N 24  
ARG CG  HG2  sing N N 25  
ARG CG  HG3  sing N N 26  
ARG CD  NE   sing N N 27  
ARG CD  HD2  sing N N 28  
ARG CD  HD3  sing N N 29  
ARG NE  CZ   sing N N 30  
ARG NE  HE   sing N N 31  
ARG CZ  NH1  sing N N 32  
ARG CZ  NH2  doub N N 33  
ARG NH1 HH11 sing N N 34  
ARG NH1 HH12 sing N N 35  
ARG NH2 HH21 sing N N 36  
ARG NH2 HH22 sing N N 37  
ARG OXT HXT  sing N N 38  
ASN N   CA   sing N N 39  
ASN N   H    sing N N 40  
ASN N   H2   sing N N 41  
ASN CA  C    sing N N 42  
ASN CA  CB   sing N N 43  
ASN CA  HA   sing N N 44  
ASN C   O    doub N N 45  
ASN C   OXT  sing N N 46  
ASN CB  CG   sing N N 47  
ASN CB  HB2  sing N N 48  
ASN CB  HB3  sing N N 49  
ASN CG  OD1  doub N N 50  
ASN CG  ND2  sing N N 51  
ASN ND2 HD21 sing N N 52  
ASN ND2 HD22 sing N N 53  
ASN OXT HXT  sing N N 54  
ASP N   CA   sing N N 55  
ASP N   H    sing N N 56  
ASP N   H2   sing N N 57  
ASP CA  C    sing N N 58  
ASP CA  CB   sing N N 59  
ASP CA  HA   sing N N 60  
ASP C   O    doub N N 61  
ASP C   OXT  sing N N 62  
ASP CB  CG   sing N N 63  
ASP CB  HB2  sing N N 64  
ASP CB  HB3  sing N N 65  
ASP CG  OD1  doub N N 66  
ASP CG  OD2  sing N N 67  
ASP OD2 HD2  sing N N 68  
ASP OXT HXT  sing N N 69  
CYS N   CA   sing N N 70  
CYS N   H    sing N N 71  
CYS N   H2   sing N N 72  
CYS CA  C    sing N N 73  
CYS CA  CB   sing N N 74  
CYS CA  HA   sing N N 75  
CYS C   O    doub N N 76  
CYS C   OXT  sing N N 77  
CYS CB  SG   sing N N 78  
CYS CB  HB2  sing N N 79  
CYS CB  HB3  sing N N 80  
CYS SG  HG   sing N N 81  
CYS OXT HXT  sing N N 82  
EDO C1  O1   sing N N 83  
EDO C1  C2   sing N N 84  
EDO C1  H11  sing N N 85  
EDO C1  H12  sing N N 86  
EDO O1  HO1  sing N N 87  
EDO C2  O2   sing N N 88  
EDO C2  H21  sing N N 89  
EDO C2  H22  sing N N 90  
EDO O2  HO2  sing N N 91  
GLN N   CA   sing N N 92  
GLN N   H    sing N N 93  
GLN N   H2   sing N N 94  
GLN CA  C    sing N N 95  
GLN CA  CB   sing N N 96  
GLN CA  HA   sing N N 97  
GLN C   O    doub N N 98  
GLN C   OXT  sing N N 99  
GLN CB  CG   sing N N 100 
GLN CB  HB2  sing N N 101 
GLN CB  HB3  sing N N 102 
GLN CG  CD   sing N N 103 
GLN CG  HG2  sing N N 104 
GLN CG  HG3  sing N N 105 
GLN CD  OE1  doub N N 106 
GLN CD  NE2  sing N N 107 
GLN NE2 HE21 sing N N 108 
GLN NE2 HE22 sing N N 109 
GLN OXT HXT  sing N N 110 
GLU N   CA   sing N N 111 
GLU N   H    sing N N 112 
GLU N   H2   sing N N 113 
GLU CA  C    sing N N 114 
GLU CA  CB   sing N N 115 
GLU CA  HA   sing N N 116 
GLU C   O    doub N N 117 
GLU C   OXT  sing N N 118 
GLU CB  CG   sing N N 119 
GLU CB  HB2  sing N N 120 
GLU CB  HB3  sing N N 121 
GLU CG  CD   sing N N 122 
GLU CG  HG2  sing N N 123 
GLU CG  HG3  sing N N 124 
GLU CD  OE1  doub N N 125 
GLU CD  OE2  sing N N 126 
GLU OE2 HE2  sing N N 127 
GLU OXT HXT  sing N N 128 
GLY N   CA   sing N N 129 
GLY N   H    sing N N 130 
GLY N   H2   sing N N 131 
GLY CA  C    sing N N 132 
GLY CA  HA2  sing N N 133 
GLY CA  HA3  sing N N 134 
GLY C   O    doub N N 135 
GLY C   OXT  sing N N 136 
GLY OXT HXT  sing N N 137 
HOH O   H1   sing N N 138 
HOH O   H2   sing N N 139 
ILE N   CA   sing N N 140 
ILE N   H    sing N N 141 
ILE N   H2   sing N N 142 
ILE CA  C    sing N N 143 
ILE CA  CB   sing N N 144 
ILE CA  HA   sing N N 145 
ILE C   O    doub N N 146 
ILE C   OXT  sing N N 147 
ILE CB  CG1  sing N N 148 
ILE CB  CG2  sing N N 149 
ILE CB  HB   sing N N 150 
ILE CG1 CD1  sing N N 151 
ILE CG1 HG12 sing N N 152 
ILE CG1 HG13 sing N N 153 
ILE CG2 HG21 sing N N 154 
ILE CG2 HG22 sing N N 155 
ILE CG2 HG23 sing N N 156 
ILE CD1 HD11 sing N N 157 
ILE CD1 HD12 sing N N 158 
ILE CD1 HD13 sing N N 159 
ILE OXT HXT  sing N N 160 
LEU N   CA   sing N N 161 
LEU N   H    sing N N 162 
LEU N   H2   sing N N 163 
LEU CA  C    sing N N 164 
LEU CA  CB   sing N N 165 
LEU CA  HA   sing N N 166 
LEU C   O    doub N N 167 
LEU C   OXT  sing N N 168 
LEU CB  CG   sing N N 169 
LEU CB  HB2  sing N N 170 
LEU CB  HB3  sing N N 171 
LEU CG  CD1  sing N N 172 
LEU CG  CD2  sing N N 173 
LEU CG  HG   sing N N 174 
LEU CD1 HD11 sing N N 175 
LEU CD1 HD12 sing N N 176 
LEU CD1 HD13 sing N N 177 
LEU CD2 HD21 sing N N 178 
LEU CD2 HD22 sing N N 179 
LEU CD2 HD23 sing N N 180 
LEU OXT HXT  sing N N 181 
LYS N   CA   sing N N 182 
LYS N   H    sing N N 183 
LYS N   H2   sing N N 184 
LYS CA  C    sing N N 185 
LYS CA  CB   sing N N 186 
LYS CA  HA   sing N N 187 
LYS C   O    doub N N 188 
LYS C   OXT  sing N N 189 
LYS CB  CG   sing N N 190 
LYS CB  HB2  sing N N 191 
LYS CB  HB3  sing N N 192 
LYS CG  CD   sing N N 193 
LYS CG  HG2  sing N N 194 
LYS CG  HG3  sing N N 195 
LYS CD  CE   sing N N 196 
LYS CD  HD2  sing N N 197 
LYS CD  HD3  sing N N 198 
LYS CE  NZ   sing N N 199 
LYS CE  HE2  sing N N 200 
LYS CE  HE3  sing N N 201 
LYS NZ  HZ1  sing N N 202 
LYS NZ  HZ2  sing N N 203 
LYS NZ  HZ3  sing N N 204 
LYS OXT HXT  sing N N 205 
MET N   CA   sing N N 206 
MET N   H    sing N N 207 
MET N   H2   sing N N 208 
MET CA  C    sing N N 209 
MET CA  CB   sing N N 210 
MET CA  HA   sing N N 211 
MET C   O    doub N N 212 
MET C   OXT  sing N N 213 
MET CB  CG   sing N N 214 
MET CB  HB2  sing N N 215 
MET CB  HB3  sing N N 216 
MET CG  SD   sing N N 217 
MET CG  HG2  sing N N 218 
MET CG  HG3  sing N N 219 
MET SD  CE   sing N N 220 
MET CE  HE1  sing N N 221 
MET CE  HE2  sing N N 222 
MET CE  HE3  sing N N 223 
MET OXT HXT  sing N N 224 
PHE N   CA   sing N N 225 
PHE N   H    sing N N 226 
PHE N   H2   sing N N 227 
PHE CA  C    sing N N 228 
PHE CA  CB   sing N N 229 
PHE CA  HA   sing N N 230 
PHE C   O    doub N N 231 
PHE C   OXT  sing N N 232 
PHE CB  CG   sing N N 233 
PHE CB  HB2  sing N N 234 
PHE CB  HB3  sing N N 235 
PHE CG  CD1  doub Y N 236 
PHE CG  CD2  sing Y N 237 
PHE CD1 CE1  sing Y N 238 
PHE CD1 HD1  sing N N 239 
PHE CD2 CE2  doub Y N 240 
PHE CD2 HD2  sing N N 241 
PHE CE1 CZ   doub Y N 242 
PHE CE1 HE1  sing N N 243 
PHE CE2 CZ   sing Y N 244 
PHE CE2 HE2  sing N N 245 
PHE CZ  HZ   sing N N 246 
PHE OXT HXT  sing N N 247 
PRO N   CA   sing N N 248 
PRO N   CD   sing N N 249 
PRO N   H    sing N N 250 
PRO CA  C    sing N N 251 
PRO CA  CB   sing N N 252 
PRO CA  HA   sing N N 253 
PRO C   O    doub N N 254 
PRO C   OXT  sing N N 255 
PRO CB  CG   sing N N 256 
PRO CB  HB2  sing N N 257 
PRO CB  HB3  sing N N 258 
PRO CG  CD   sing N N 259 
PRO CG  HG2  sing N N 260 
PRO CG  HG3  sing N N 261 
PRO CD  HD2  sing N N 262 
PRO CD  HD3  sing N N 263 
PRO OXT HXT  sing N N 264 
SCN S   C    sing N N 265 
SCN C   N    trip N N 266 
SER N   CA   sing N N 267 
SER N   H    sing N N 268 
SER N   H2   sing N N 269 
SER CA  C    sing N N 270 
SER CA  CB   sing N N 271 
SER CA  HA   sing N N 272 
SER C   O    doub N N 273 
SER C   OXT  sing N N 274 
SER CB  OG   sing N N 275 
SER CB  HB2  sing N N 276 
SER CB  HB3  sing N N 277 
SER OG  HG   sing N N 278 
SER OXT HXT  sing N N 279 
THR N   CA   sing N N 280 
THR N   H    sing N N 281 
THR N   H2   sing N N 282 
THR CA  C    sing N N 283 
THR CA  CB   sing N N 284 
THR CA  HA   sing N N 285 
THR C   O    doub N N 286 
THR C   OXT  sing N N 287 
THR CB  OG1  sing N N 288 
THR CB  CG2  sing N N 289 
THR CB  HB   sing N N 290 
THR OG1 HG1  sing N N 291 
THR CG2 HG21 sing N N 292 
THR CG2 HG22 sing N N 293 
THR CG2 HG23 sing N N 294 
THR OXT HXT  sing N N 295 
TRP N   CA   sing N N 296 
TRP N   H    sing N N 297 
TRP N   H2   sing N N 298 
TRP CA  C    sing N N 299 
TRP CA  CB   sing N N 300 
TRP CA  HA   sing N N 301 
TRP C   O    doub N N 302 
TRP C   OXT  sing N N 303 
TRP CB  CG   sing N N 304 
TRP CB  HB2  sing N N 305 
TRP CB  HB3  sing N N 306 
TRP CG  CD1  doub Y N 307 
TRP CG  CD2  sing Y N 308 
TRP CD1 NE1  sing Y N 309 
TRP CD1 HD1  sing N N 310 
TRP CD2 CE2  doub Y N 311 
TRP CD2 CE3  sing Y N 312 
TRP NE1 CE2  sing Y N 313 
TRP NE1 HE1  sing N N 314 
TRP CE2 CZ2  sing Y N 315 
TRP CE3 CZ3  doub Y N 316 
TRP CE3 HE3  sing N N 317 
TRP CZ2 CH2  doub Y N 318 
TRP CZ2 HZ2  sing N N 319 
TRP CZ3 CH2  sing Y N 320 
TRP CZ3 HZ3  sing N N 321 
TRP CH2 HH2  sing N N 322 
TRP OXT HXT  sing N N 323 
TYR N   CA   sing N N 324 
TYR N   H    sing N N 325 
TYR N   H2   sing N N 326 
TYR CA  C    sing N N 327 
TYR CA  CB   sing N N 328 
TYR CA  HA   sing N N 329 
TYR C   O    doub N N 330 
TYR C   OXT  sing N N 331 
TYR CB  CG   sing N N 332 
TYR CB  HB2  sing N N 333 
TYR CB  HB3  sing N N 334 
TYR CG  CD1  doub Y N 335 
TYR CG  CD2  sing Y N 336 
TYR CD1 CE1  sing Y N 337 
TYR CD1 HD1  sing N N 338 
TYR CD2 CE2  doub Y N 339 
TYR CD2 HD2  sing N N 340 
TYR CE1 CZ   doub Y N 341 
TYR CE1 HE1  sing N N 342 
TYR CE2 CZ   sing Y N 343 
TYR CE2 HE2  sing N N 344 
TYR CZ  OH   sing N N 345 
TYR OH  HH   sing N N 346 
TYR OXT HXT  sing N N 347 
VAL N   CA   sing N N 348 
VAL N   H    sing N N 349 
VAL N   H2   sing N N 350 
VAL CA  C    sing N N 351 
VAL CA  CB   sing N N 352 
VAL CA  HA   sing N N 353 
VAL C   O    doub N N 354 
VAL C   OXT  sing N N 355 
VAL CB  CG1  sing N N 356 
VAL CB  CG2  sing N N 357 
VAL CB  HB   sing N N 358 
VAL CG1 HG11 sing N N 359 
VAL CG1 HG12 sing N N 360 
VAL CG1 HG13 sing N N 361 
VAL CG2 HG21 sing N N 362 
VAL CG2 HG22 sing N N 363 
VAL CG2 HG23 sing N N 364 
VAL OXT HXT  sing N N 365 
# 
_atom_sites.entry_id                    3ZZO 
_atom_sites.fract_transf_matrix[1][1]   -0.02356349 
_atom_sites.fract_transf_matrix[1][2]   0.00528192 
_atom_sites.fract_transf_matrix[1][3]   -0.02311336 
_atom_sites.fract_transf_matrix[2][1]   0.00566531 
_atom_sites.fract_transf_matrix[2][2]   0.02169144 
_atom_sites.fract_transf_matrix[2][3]   -0.00081867 
_atom_sites.fract_transf_matrix[3][1]   0.01123321 
_atom_sites.fract_transf_matrix[3][2]   -0.00339536 
_atom_sites.fract_transf_matrix[3][3]   -0.01222789 
_atom_sites.fract_transf_vector[1]      0.271349 
_atom_sites.fract_transf_vector[2]      0.493740 
_atom_sites.fract_transf_vector[3]      0.185459 
# 
loop_
_atom_type.symbol 
C 
N 
O 
S 
# 
loop_
_atom_site.group_PDB 
_atom_site.id 
_atom_site.type_symbol 
_atom_site.label_atom_id 
_atom_site.label_alt_id 
_atom_site.label_comp_id 
_atom_site.label_asym_id 
_atom_site.label_entity_id 
_atom_site.label_seq_id 
_atom_site.pdbx_PDB_ins_code 
_atom_site.Cartn_x 
_atom_site.Cartn_y 
_atom_site.Cartn_z 
_atom_site.occupancy 
_atom_site.B_iso_or_equiv 
_atom_site.pdbx_formal_charge 
_atom_site.auth_seq_id 
_atom_site.auth_comp_id 
_atom_site.auth_asym_id 
_atom_site.auth_atom_id 
_atom_site.pdbx_PDB_model_num 
ATOM   1   N N   . GLU A 1 1  ? 2.510   1.101   -19.637 1.00 12.50 ? 25   GLU A N   1 
ATOM   2   C CA  . GLU A 1 1  ? 2.619   0.000   -18.678 1.00 11.37 ? 25   GLU A CA  1 
ATOM   3   C C   . GLU A 1 1  ? 1.351   -0.057  -17.846 1.00 10.59 ? 25   GLU A C   1 
ATOM   4   O O   . GLU A 1 1  ? 0.440   0.737   -18.052 1.00 11.73 ? 25   GLU A O   1 
ATOM   5   C CB  . GLU A 1 1  ? 3.871   0.101   -17.814 1.00 11.35 ? 25   GLU A CB  1 
ATOM   6   C CG  . GLU A 1 1  ? 3.899   1.233   -16.815 1.00 11.96 ? 25   GLU A CG  1 
ATOM   7   C CD  . GLU A 1 1  ? 5.078   1.204   -15.882 1.00 11.60 ? 25   GLU A CD  1 
ATOM   8   O OE1 . GLU A 1 1  ? 5.783   0.215   -15.783 1.00 12.48 ? 25   GLU A OE1 1 
ATOM   9   O OE2 . GLU A 1 1  ? 5.269   2.271   -15.192 1.00 15.66 ? 25   GLU A OE2 1 
ATOM   10  N N   . CYS A 1 2  ? 1.296   -1.017  -16.965 1.00 9.57  ? 26   CYS A N   1 
ATOM   11  C CA  . CYS A 1 2  ? 0.113   -1.251  -16.163 1.00 9.86  ? 26   CYS A CA  1 
ATOM   12  C C   . CYS A 1 2  ? 0.408   -0.931  -14.701 1.00 9.11  ? 26   CYS A C   1 
ATOM   13  O O   . CYS A 1 2  ? 1.504   -1.159  -14.206 1.00 9.92  ? 26   CYS A O   1 
ATOM   14  C CB  . CYS A 1 2  ? -0.362  -2.677  -16.378 1.00 10.71 ? 26   CYS A CB  1 
ATOM   15  S SG  . CYS A 1 2  ? -0.661  -3.015  -18.115 1.00 13.17 ? 26   CYS A SG  1 
ATOM   16  N N   . CYS A 1 3  ? -0.608  -0.431  -14.007 1.00 8.21  ? 27   CYS A N   1 
ATOM   17  C CA  . CYS A 1 3  ? -0.504  -0.084  -12.602 1.00 7.96  ? 27   CYS A CA  1 
ATOM   18  C C   . CYS A 1 3  ? -1.239  -1.092  -11.764 1.00 7.41  ? 27   CYS A C   1 
ATOM   19  O O   . CYS A 1 3  ? -1.980  -0.770  -10.827 1.00 7.26  ? 27   CYS A O   1 
ATOM   20  C CB  . CYS A 1 3  ? -0.948  1.351   -12.341 1.00 8.00  ? 27   CYS A CB  1 
ATOM   21  S SG  . CYS A 1 3  ? -0.136  2.549   -13.406 1.00 8.78  ? 27   CYS A SG  1 
ATOM   22  N N   . THR A 1 4  ? -0.976  -2.352  -12.058 1.00 8.33  ? 28   THR A N   1 
ATOM   23  C CA  . THR A 1 4  ? -1.598  -3.479  -11.428 1.00 8.90  ? 28   THR A CA  1 
ATOM   24  C C   . THR A 1 4  ? -0.815  -4.016  -10.224 1.00 8.46  ? 28   THR A C   1 
ATOM   25  O O   . THR A 1 4  ? -1.354  -4.774  -9.449  1.00 10.23 ? 28   THR A O   1 
ATOM   26  C CB  . THR A 1 4  ? -1.793  -4.599  -12.475 1.00 11.45 ? 28   THR A CB  1 
ATOM   27  O OG1 . THR A 1 4  ? -0.573  -4.721  -13.241 1.00 13.38 ? 28   THR A OG1 1 
ATOM   28  C CG2 . THR A 1 4  ? -2.965  -4.301  -13.396 1.00 13.08 ? 28   THR A CG2 1 
ATOM   29  N N   . SER A 1 5  ? 0.443   -3.616  -10.071 1.00 7.34  ? 29   SER A N   1 
ATOM   30  C CA  . SER A 1 5  ? 1.229   -4.051  -8.924  1.00 7.35  ? 29   SER A CA  1 
ATOM   31  C C   . SER A 1 5  ? 0.767   -3.324  -7.663  1.00 6.61  ? 29   SER A C   1 
ATOM   32  O O   . SER A 1 5  ? 0.457   -2.131  -7.713  1.00 7.25  ? 29   SER A O   1 
ATOM   33  C CB  . SER A 1 5  ? 2.728   -3.800  -9.138  1.00 8.07  ? 29   SER A CB  1 
ATOM   34  O OG  . SER A 1 5  ? 3.204   -4.615  -10.182 1.00 10.24 ? 29   SER A OG  1 
ATOM   35  N N   . ARG A 1 6  ? 0.718   -4.071  -6.561  1.00 7.08  ? 30   ARG A N   1 
ATOM   36  C CA  A ARG A 1 6  ? 0.429   -3.516  -5.243  0.50 7.21  ? 30   ARG A CA  1 
ATOM   37  C CA  B ARG A 1 6  ? 0.383   -3.547  -5.238  0.50 7.32  ? 30   ARG A CA  1 
ATOM   38  C C   . ARG A 1 6  ? 1.077   -4.393  -4.198  1.00 6.60  ? 30   ARG A C   1 
ATOM   39  O O   . ARG A 1 6  ? 1.629   -5.458  -4.544  1.00 8.14  ? 30   ARG A O   1 
ATOM   40  C CB  A ARG A 1 6  ? -1.043  -3.307  -5.026  0.50 9.64  ? 30   ARG A CB  1 
ATOM   41  C CB  B ARG A 1 6  ? -1.102  -3.509  -5.026  0.50 9.93  ? 30   ARG A CB  1 
ATOM   42  C CG  A ARG A 1 6  ? -1.907  -4.527  -5.055  0.50 9.76  ? 30   ARG A CG  1 
ATOM   43  C CG  B ARG A 1 6  ? -1.862  -4.753  -5.242  0.50 13.23 ? 30   ARG A CG  1 
ATOM   44  C CD  A ARG A 1 6  ? -3.391  -4.264  -5.395  0.50 10.32 ? 30   ARG A CD  1 
ATOM   45  C CD  B ARG A 1 6  ? -2.982  -4.638  -6.279  0.50 14.19 ? 30   ARG A CD  1 
ATOM   46  N NE  A ARG A 1 6  ? -4.161  -5.456  -5.458  0.50 12.56 ? 30   ARG A NE  1 
ATOM   47  N NE  B ARG A 1 6  ? -3.767  -5.861  -6.319  0.50 16.53 ? 30   ARG A NE  1 
ATOM   48  C CZ  A ARG A 1 6  ? -5.441  -5.485  -5.148  0.50 13.38 ? 30   ARG A CZ  1 
ATOM   49  C CZ  B ARG A 1 6  ? -3.559  -6.917  -7.120  0.50 14.57 ? 30   ARG A CZ  1 
ATOM   50  N NH1 A ARG A 1 6  ? -6.110  -4.384  -4.698  0.50 12.75 ? 30   ARG A NH1 1 
ATOM   51  N NH1 B ARG A 1 6  ? -2.587  -7.017  -7.974  0.50 16.97 ? 30   ARG A NH1 1 
ATOM   52  N NH2 A ARG A 1 6  ? -6.070  -6.639  -5.212  0.50 16.50 ? 30   ARG A NH2 1 
ATOM   53  N NH2 B ARG A 1 6  ? -4.426  -7.887  -7.080  0.50 17.78 ? 30   ARG A NH2 1 
ATOM   54  N N   . GLU A 1 7  ? 1.094   -3.983  -2.951  1.00 6.63  ? 31   GLU A N   1 
ATOM   55  C CA  . GLU A 1 7  ? 1.615   -4.815  -1.870  1.00 6.12  ? 31   GLU A CA  1 
ATOM   56  C C   . GLU A 1 7  ? 0.601   -4.918  -0.768  1.00 6.57  ? 31   GLU A C   1 
ATOM   57  O O   . GLU A 1 7  ? -0.042  -3.946  -0.385  1.00 7.29  ? 31   GLU A O   1 
ATOM   58  C CB  . GLU A 1 7  ? 2.929   -4.284  -1.278  1.00 6.76  ? 31   GLU A CB  1 
ATOM   59  C CG  . GLU A 1 7  ? 4.138   -4.511  -2.137  1.00 7.09  ? 31   GLU A CG  1 
ATOM   60  C CD  . GLU A 1 7  ? 5.402   -4.008  -1.506  1.00 7.48  ? 31   GLU A CD  1 
ATOM   61  O OE1 . GLU A 1 7  ? 5.378   -3.186  -0.588  1.00 7.44  ? 31   GLU A OE1 1 
ATOM   62  O OE2 . GLU A 1 7  ? 6.485   -4.457  -2.005  1.00 9.30  ? 31   GLU A OE2 1 
ATOM   63  N N   . LEU A 1 8  ? 0.500   -6.111  -0.216  1.00 6.43  ? 32   LEU A N   1 
ATOM   64  C CA  . LEU A 1 8  ? -0.245  -6.390  1.012   1.00 7.21  ? 32   LEU A CA  1 
ATOM   65  C C   . LEU A 1 8  ? 0.728   -6.353  2.163   1.00 6.46  ? 32   LEU A C   1 
ATOM   66  O O   . LEU A 1 8  ? 1.686   -7.142  2.182   1.00 8.08  ? 32   LEU A O   1 
ATOM   67  C CB  A LEU A 1 8  ? -0.841  -7.824  0.943   0.50 7.79  ? 32   LEU A CB  1 
ATOM   68  C CB  B LEU A 1 8  ? -0.939  -7.758  0.983   0.50 8.29  ? 32   LEU A CB  1 
ATOM   69  C CG  A LEU A 1 8  ? -1.720  -8.230  -0.278  0.50 7.77  ? 32   LEU A CG  1 
ATOM   70  C CG  B LEU A 1 8  ? -2.047  -7.788  2.063   0.50 9.78  ? 32   LEU A CG  1 
ATOM   71  C CD1 A LEU A 1 8  ? -1.837  -9.741  -0.393  0.50 9.14  ? 32   LEU A CD1 1 
ATOM   72  C CD2 A LEU A 1 8  ? -3.068  -7.546  -0.212  0.50 11.04 ? 32   LEU A CD2 1 
ATOM   73  N N   . VAL A 1 9  ? 0.549   -5.459  3.112   1.00 6.49  ? 33   VAL A N   1 
ATOM   74  C CA  . VAL A 1 9  ? 1.457   -5.271  4.210   1.00 6.74  ? 33   VAL A CA  1 
ATOM   75  C C   . VAL A 1 9  ? 0.761   -5.527  5.528   1.00 6.78  ? 33   VAL A C   1 
ATOM   76  O O   . VAL A 1 9  ? -0.307  -4.962  5.795   1.00 7.64  ? 33   VAL A O   1 
ATOM   77  C CB  . VAL A 1 9  ? 2.032   -3.847  4.210   1.00 7.03  ? 33   VAL A CB  1 
ATOM   78  C CG1 . VAL A 1 9  ? 3.041   -3.641  5.347   1.00 8.49  ? 33   VAL A CG1 1 
ATOM   79  C CG2 . VAL A 1 9  ? 2.662   -3.502  2.865   1.00 8.20  ? 33   VAL A CG2 1 
ATOM   80  N N   . GLU A 1 10 ? 1.339   -6.402  6.352   1.00 6.46  ? 34   GLU A N   1 
ATOM   81  C CA  . GLU A 1 10 ? 0.883   -6.606  7.724   1.00 6.73  ? 34   GLU A CA  1 
ATOM   82  C C   . GLU A 1 10 ? 1.930   -6.012  8.641   1.00 7.09  ? 34   GLU A C   1 
ATOM   83  O O   . GLU A 1 10 ? 3.129   -6.183  8.427   1.00 6.79  ? 34   GLU A O   1 
ATOM   84  C CB  . GLU A 1 10 ? 0.714   -8.098  8.048   1.00 8.45  ? 34   GLU A CB  1 
ATOM   85  C CG  . GLU A 1 10 ? -0.360  -8.754  7.254   1.00 12.94 ? 34   GLU A CG  1 
ATOM   86  C CD  . GLU A 1 10 ? -0.572  -10.215 7.687   1.00 16.20 ? 34   GLU A CD  1 
ATOM   87  O OE1 . GLU A 1 10 ? -0.040  -10.687 8.731   1.00 21.22 ? 34   GLU A OE1 1 
ATOM   88  O OE2 . GLU A 1 10 ? -1.240  -10.946 6.906   1.00 19.77 ? 34   GLU A OE2 1 
ATOM   89  N N   . PHE A 1 11 ? 1.478   -5.297  9.667   1.00 6.55  ? 35   PHE A N   1 
ATOM   90  C CA  . PHE A 1 11 ? 2.417   -4.562  10.510  1.00 6.80  ? 35   PHE A CA  1 
ATOM   91  C C   . PHE A 1 11 ? 1.788   -4.280  11.861  1.00 6.37  ? 35   PHE A C   1 
ATOM   92  O O   . PHE A 1 11 ? 0.554   -4.323  12.010  1.00 7.76  ? 35   PHE A O   1 
ATOM   93  C CB  . PHE A 1 11 ? 2.801   -3.235  9.826   1.00 6.59  ? 35   PHE A CB  1 
ATOM   94  C CG  . PHE A 1 11 ? 1.638   -2.278  9.610   1.00 6.66  ? 35   PHE A CG  1 
ATOM   95  C CD1 . PHE A 1 11 ? 0.798   -2.420  8.503   1.00 6.89  ? 35   PHE A CD1 1 
ATOM   96  C CD2 . PHE A 1 11 ? 1.388   -1.254  10.514  1.00 6.82  ? 35   PHE A CD2 1 
ATOM   97  C CE1 . PHE A 1 11 ? -0.273  -1.566  8.349   1.00 7.19  ? 35   PHE A CE1 1 
ATOM   98  C CE2 . PHE A 1 11 ? 0.297   -0.392  10.341  1.00 6.56  ? 35   PHE A CE2 1 
ATOM   99  C CZ  . PHE A 1 11 ? -0.520  -0.558  9.256   1.00 7.32  ? 35   PHE A CZ  1 
ATOM   100 N N   . LYS A 1 12 ? 2.616   -3.934  12.815  1.00 7.26  ? 36   LYS A N   1 
ATOM   101 C CA  . LYS A 1 12 ? 2.172   -3.417  14.104  1.00 7.41  ? 36   LYS A CA  1 
ATOM   102 C C   . LYS A 1 12 ? 2.642   -1.970  14.208  1.00 7.60  ? 36   LYS A C   1 
ATOM   103 O O   . LYS A 1 12 ? 3.407   -1.490  13.375  1.00 7.82  ? 36   LYS A O   1 
ATOM   104 C CB  . LYS A 1 12 ? 2.656   -4.294  15.251  1.00 7.75  ? 36   LYS A CB  1 
ATOM   105 C CG  . LYS A 1 12 ? 1.871   -5.584  15.316  1.00 9.49  ? 36   LYS A CG  1 
ATOM   106 C CD  . LYS A 1 12 ? 2.395   -6.602  16.363  1.00 11.29 ? 36   LYS A CD  1 
ATOM   107 C CE  . LYS A 1 12 ? 1.552   -7.889  16.351  1.00 13.34 ? 36   LYS A CE  1 
ATOM   108 N NZ  . LYS A 1 12 ? 2.188   -8.945  17.175  1.00 16.08 ? 36   LYS A NZ  1 
ATOM   109 N N   . MET A 1 13 ? 2.116   -1.248  15.187  1.00 7.85  ? 37   MET A N   1 
ATOM   110 C CA  . MET A 1 13 ? 2.363   0.186   15.333  1.00 8.71  ? 37   MET A CA  1 
ATOM   111 C C   . MET A 1 13 ? 2.736   0.485   16.770  1.00 8.81  ? 37   MET A C   1 
ATOM   112 O O   . MET A 1 13 ? 2.048   0.064   17.698  1.00 9.58  ? 37   MET A O   1 
ATOM   113 C CB  . MET A 1 13 ? 1.049   0.972   15.023  1.00 9.70  ? 37   MET A CB  1 
ATOM   114 C CG  . MET A 1 13 ? 0.574   0.788   13.611  1.00 9.44  ? 37   MET A CG  1 
ATOM   115 S SD  . MET A 1 13 ? -0.939  1.668   13.285  1.00 9.33  ? 37   MET A SD  1 
ATOM   116 C CE  . MET A 1 13 ? -0.315  3.346   13.157  1.00 9.26  ? 37   MET A CE  1 
ATOM   117 N N   . ASP A 1 14 ? 3.767   1.268   16.970  1.00 9.09  ? 38   ASP A N   1 
ATOM   118 C CA  . ASP A 1 14 ? 4.123   1.703   18.313  1.00 10.31 ? 38   ASP A CA  1 
ATOM   119 C C   . ASP A 1 14 ? 3.232   2.793   18.854  1.00 9.47  ? 38   ASP A C   1 
ATOM   120 O O   . ASP A 1 14 ? 2.998   2.885   20.051  1.00 10.54 ? 38   ASP A O   1 
ATOM   121 C CB  . ASP A 1 14 ? 5.558   2.196   18.331  1.00 11.59 ? 38   ASP A CB  1 
ATOM   122 C CG  . ASP A 1 14 ? 6.563   1.107   18.035  1.00 14.15 ? 38   ASP A CG  1 
ATOM   123 O OD1 . ASP A 1 14 ? 6.316   -0.082  18.366  1.00 15.93 ? 38   ASP A OD1 1 
ATOM   124 O OD2 . ASP A 1 14 ? 7.539   1.472   17.400  1.00 21.09 ? 38   ASP A OD2 1 
ATOM   125 N N   . ARG A 1 15 ? 2.721   3.634   17.982  1.00 9.33  ? 39   ARG A N   1 
ATOM   126 C CA  . ARG A 1 15 ? 1.844   4.771   18.310  1.00 9.77  ? 39   ARG A CA  1 
ATOM   127 C C   . ARG A 1 15 ? 0.720   4.836   17.285  1.00 9.23  ? 39   ARG A C   1 
ATOM   128 O O   . ARG A 1 15 ? 0.847   4.304   16.182  1.00 10.15 ? 39   ARG A O   1 
ATOM   129 C CB  . ARG A 1 15 ? 2.680   6.109   18.325  1.00 11.44 ? 39   ARG A CB  1 
ATOM   130 C CG  . ARG A 1 15 ? 3.809   6.051   19.345  1.00 13.34 ? 39   ARG A CG  1 
ATOM   131 C CD  . ARG A 1 15 ? 4.756   7.260   19.216  1.00 13.71 ? 39   ARG A CD  1 
ATOM   132 N NE  . ARG A 1 15 ? 5.586   7.224   18.011  1.00 16.83 ? 39   ARG A NE  1 
ATOM   133 C CZ  . ARG A 1 15 ? 6.653   6.456   17.845  1.00 17.24 ? 39   ARG A CZ  1 
ATOM   134 N NH1 . ARG A 1 15 ? 7.109   5.675   18.816  1.00 20.11 ? 39   ARG A NH1 1 
ATOM   135 N NH2 . ARG A 1 15 ? 7.357   6.550   16.707  1.00 20.92 ? 39   ARG A NH2 1 
ATOM   136 N N   . GLY A 1 16 ? -0.352  5.503   17.641  1.00 9.37  ? 40   GLY A N   1 
ATOM   137 C CA  . GLY A 1 16 ? -1.495  5.593   16.742  1.00 9.75  ? 40   GLY A CA  1 
ATOM   138 C C   . GLY A 1 16 ? -2.221  4.279   16.633  1.00 8.76  ? 40   GLY A C   1 
ATOM   139 O O   . GLY A 1 16 ? -2.073  3.386   17.472  1.00 9.61  ? 40   GLY A O   1 
ATOM   140 N N   . ASP A 1 17 ? -3.068  4.166   15.593  1.00 8.39  ? 41   ASP A N   1 
ATOM   141 C CA  . ASP A 1 17 ? -3.836  2.953   15.381  1.00 8.12  ? 41   ASP A CA  1 
ATOM   142 C C   . ASP A 1 17 ? -3.972  2.702   13.882  1.00 7.62  ? 41   ASP A C   1 
ATOM   143 O O   . ASP A 1 17 ? -3.560  3.518   13.051  1.00 7.79  ? 41   ASP A O   1 
ATOM   144 C CB  . ASP A 1 17 ? -5.181  3.013   16.099  1.00 8.58  ? 41   ASP A CB  1 
ATOM   145 C CG  . ASP A 1 17 ? -6.111  4.096   15.603  1.00 9.49  ? 41   ASP A CG  1 
ATOM   146 O OD1 . ASP A 1 17 ? -5.887  4.705   14.563  1.00 10.82 ? 41   ASP A OD1 1 
ATOM   147 O OD2 . ASP A 1 17 ? -7.137  4.323   16.315  1.00 10.74 ? 41   ASP A OD2 1 
ATOM   148 N N   . CYS A 1 18 ? -4.499  1.523   13.520  1.00 7.86  ? 42   CYS A N   1 
ATOM   149 C CA  . CYS A 1 18 ? -4.512  1.134   12.113  1.00 7.73  ? 42   CYS A CA  1 
ATOM   150 C C   . CYS A 1 18 ? -5.185  2.194   11.240  1.00 7.81  ? 42   CYS A C   1 
ATOM   151 O O   . CYS A 1 18 ? -4.714  2.519   10.151  1.00 7.88  ? 42   CYS A O   1 
ATOM   152 C CB  . CYS A 1 18 ? -5.225  -0.225  11.913  1.00 8.00  ? 42   CYS A CB  1 
ATOM   153 S SG  . CYS A 1 18 ? -4.546  -1.571  12.925  1.00 9.10  ? 42   CYS A SG  1 
ATOM   154 N N   . GLU A 1 19 ? -6.295  2.742   11.705  1.00 8.75  ? 43   GLU A N   1 
ATOM   155 C CA  A GLU A 1 19 ? -7.046  3.694   10.931  0.50 9.95  ? 43   GLU A CA  1 
ATOM   156 C CA  B GLU A 1 19 ? -7.052  3.693   10.943  0.50 10.03 ? 43   GLU A CA  1 
ATOM   157 C C   . GLU A 1 19 ? -6.266  4.954   10.629  1.00 10.45 ? 43   GLU A C   1 
ATOM   158 O O   . GLU A 1 19 ? -6.475  5.584   9.610   1.00 11.50 ? 43   GLU A O   1 
ATOM   159 C CB  A GLU A 1 19 ? -8.373  4.030   11.613  0.50 11.46 ? 43   GLU A CB  1 
ATOM   160 C CB  B GLU A 1 19 ? -8.373  4.010   11.656  0.50 11.59 ? 43   GLU A CB  1 
ATOM   161 C CG  A GLU A 1 19 ? -9.352  2.897   11.666  0.50 14.45 ? 43   GLU A CG  1 
ATOM   162 C CG  B GLU A 1 19 ? -9.262  4.931   10.876  0.50 15.34 ? 43   GLU A CG  1 
ATOM   163 C CD  A GLU A 1 19 ? -10.646 3.304   12.352  0.50 18.32 ? 43   GLU A CD  1 
ATOM   164 C CD  B GLU A 1 19 ? -10.540 5.263   11.606  0.50 18.89 ? 43   GLU A CD  1 
ATOM   165 O OE1 A GLU A 1 19 ? -11.336 4.160   11.746  0.50 19.87 ? 43   GLU A OE1 1 
ATOM   166 O OE1 B GLU A 1 19 ? -10.776 4.781   12.745  0.50 18.07 ? 43   GLU A OE1 1 
ATOM   167 O OE2 A GLU A 1 19 ? -10.920 2.779   13.465  0.50 16.25 ? 43   GLU A OE2 1 
ATOM   168 O OE2 B GLU A 1 19 ? -11.309 6.025   11.011  0.50 23.17 ? 43   GLU A OE2 1 
ATOM   169 N N   . ALA A 1 20 ? -5.336  5.318   11.512  1.00 9.75  ? 44   ALA A N   1 
ATOM   170 C CA  . ALA A 1 20 ? -4.559  6.555   11.318  1.00 10.25 ? 44   ALA A CA  1 
ATOM   171 C C   . ALA A 1 20 ? -3.728  6.496   10.052  1.00 10.87 ? 44   ALA A C   1 
ATOM   172 O O   . ALA A 1 20 ? -3.345  7.521   9.516   1.00 12.61 ? 44   ALA A O   1 
ATOM   173 C CB  . ALA A 1 20 ? -3.643  6.777   12.499  1.00 10.68 ? 44   ALA A CB  1 
ATOM   174 N N   . VAL A 1 21 ? -3.396  5.302   9.596   1.00 9.46  ? 45   VAL A N   1 
ATOM   175 C CA  . VAL A 1 21 ? -2.587  5.136   8.387   1.00 9.90  ? 45   VAL A CA  1 
ATOM   176 C C   . VAL A 1 21 ? -3.395  4.477   7.289   1.00 8.83  ? 45   VAL A C   1 
ATOM   177 O O   . VAL A 1 21 ? -2.838  3.943   6.323   1.00 9.89  ? 45   VAL A O   1 
ATOM   178 C CB  . VAL A 1 21 ? -1.250  4.411   8.692   1.00 9.68  ? 45   VAL A CB  1 
ATOM   179 C CG1 . VAL A 1 21 ? -0.387  5.202   9.666   1.00 11.07 ? 45   VAL A CG1 1 
ATOM   180 C CG2 . VAL A 1 21 ? -1.489  2.969   9.187   1.00 9.39  ? 45   VAL A CG2 1 
ATOM   181 N N   . ARG A 1 22 ? -4.733  4.556   7.414   1.00 9.30  ? 46   ARG A N   1 
ATOM   182 C CA  . ARG A 1 22 ? -5.670  4.036   6.396   1.00 10.29 ? 46   ARG A CA  1 
ATOM   183 C C   . ARG A 1 22 ? -5.545  2.531   6.224   1.00 9.76  ? 46   ARG A C   1 
ATOM   184 O O   . ARG A 1 22 ? -5.751  2.010   5.142   1.00 11.31 ? 46   ARG A O   1 
ATOM   185 C CB  . ARG A 1 22 ? -5.543  4.814   5.069   1.00 12.45 ? 46   ARG A CB  1 
ATOM   186 C CG  . ARG A 1 22 ? -5.993  6.241   5.162   1.00 17.80 ? 46   ARG A CG  1 
ATOM   187 C CD  . ARG A 1 22 ? -6.187  6.817   3.760   1.00 22.26 ? 46   ARG A CD  1 
ATOM   188 N NE  . ARG A 1 22 ? -7.067  5.987   2.947   1.00 24.94 ? 46   ARG A NE  1 
ATOM   189 N N   . ALA A 1 23 ? -5.207  1.829   7.314   1.00 8.56  ? 47   ALA A N   1 
ATOM   190 C CA  . ALA A 1 23 ? -5.127  0.390   7.380   1.00 7.89  ? 47   ALA A CA  1 
ATOM   191 C C   . ALA A 1 23 ? -6.332  -0.121  8.110   1.00 8.80  ? 47   ALA A C   1 
ATOM   192 O O   . ALA A 1 23 ? -7.091  0.654   8.681   1.00 10.30 ? 47   ALA A O   1 
ATOM   193 C CB  . ALA A 1 23 ? -3.832  -0.033  8.060   1.00 8.08  ? 47   ALA A CB  1 
ATOM   194 N N   . ILE A 1 24 ? -6.509  -1.423  8.094   1.00 8.92  ? 48   ILE A N   1 
ATOM   195 C CA  . ILE A 1 24 ? -7.600  -2.069  8.797   1.00 10.39 ? 48   ILE A CA  1 
ATOM   196 C C   . ILE A 1 24 ? -7.078  -2.943  9.920   1.00 9.63  ? 48   ILE A C   1 
ATOM   197 O O   . ILE A 1 24 ? -5.968  -3.487  9.878   1.00 9.08  ? 48   ILE A O   1 
ATOM   198 C CB  . ILE A 1 24 ? -8.486  -2.840  7.864   1.00 13.56 ? 48   ILE A CB  1 
ATOM   199 C CG1 . ILE A 1 24 ? -7.823  -4.007  7.316   1.00 13.29 ? 48   ILE A CG1 1 
ATOM   200 C CG2 . ILE A 1 24 ? -9.052  -1.951  6.767   1.00 17.10 ? 48   ILE A CG2 1 
ATOM   201 C CD1 . ILE A 1 24 ? -8.746  -4.954  6.522   1.00 18.92 ? 48   ILE A CD1 1 
ATOM   202 N N   . GLU A 1 25 ? -7.868  -3.045  10.949  1.00 14.22 ? 49   GLU A N   1 
ATOM   203 C CA  . GLU A 1 25 ? -7.546  -3.900  12.052  1.00 14.65 ? 49   GLU A CA  1 
ATOM   204 C C   . GLU A 1 25 ? -7.453  -5.339  11.649  1.00 15.89 ? 49   GLU A C   1 
ATOM   205 O O   . GLU A 1 25 ? -8.299  -5.850  10.935  1.00 19.65 ? 49   GLU A O   1 
ATOM   206 C CB  . GLU A 1 25 ? -8.615  -3.808  13.128  1.00 19.49 ? 49   GLU A CB  1 
ATOM   207 C CG  . GLU A 1 25 ? -8.509  -2.651  13.978  1.00 22.42 ? 49   GLU A CG  1 
ATOM   208 C CD  . GLU A 1 25 ? -7.272  -2.705  14.950  1.00 20.41 ? 49   GLU A CD  1 
ATOM   209 O OE1 . GLU A 1 25 ? -6.734  -3.795  15.220  1.00 21.81 ? 49   GLU A OE1 1 
ATOM   210 O OE2 . GLU A 1 25 ? -6.891  -1.603  15.319  1.00 24.93 ? 49   GLU A OE2 1 
ATOM   211 N N   . ASN A 1 26 ? -6.436  -6.022  12.170  1.00 13.96 ? 50   ASN A N   1 
ATOM   212 C CA  . ASN A 1 26 ? -6.249  -7.435  11.914  1.00 17.08 ? 50   ASN A CA  1 
ATOM   213 C C   . ASN A 1 26 ? -5.841  -8.055  13.245  1.00 16.54 ? 50   ASN A C   1 
ATOM   214 O O   . ASN A 1 26 ? -5.050  -8.910  13.292  1.00 16.70 ? 50   ASN A O   1 
ATOM   215 C CB  . ASN A 1 26 ? -5.181  -7.642  10.824  1.00 18.00 ? 50   ASN A CB  1 
ATOM   216 C CG  . ASN A 1 26 ? -5.059  -9.078  10.332  1.00 22.98 ? 50   ASN A CG  1 
ATOM   217 O OD1 . ASN A 1 26 ? -3.941  -9.508  9.994   1.00 28.87 ? 50   ASN A OD1 1 
ATOM   218 N ND2 . ASN A 1 26 ? -6.177  -9.803  10.238  1.00 28.07 ? 50   ASN A ND2 1 
ATOM   219 N N   . TYR A 1 27 ? -6.386  -7.578  14.365  1.00 17.30 ? 51   TYR A N   1 
ATOM   220 C CA  . TYR A 1 27 ? -6.143  -8.145  15.671  1.00 17.27 ? 51   TYR A CA  1 
ATOM   221 C C   . TYR A 1 27 ? -6.432  -9.655  15.628  1.00 18.94 ? 51   TYR A C   1 
ATOM   222 O O   . TYR A 1 27 ? -7.434  -10.074 15.093  1.00 23.91 ? 51   TYR A O   1 
ATOM   223 C CB  . TYR A 1 27 ? -7.061  -7.441  16.720  1.00 18.21 ? 51   TYR A CB  1 
ATOM   224 C CG  . TYR A 1 27 ? -7.025  -8.069  18.076  1.00 16.88 ? 51   TYR A CG  1 
ATOM   225 C CD1 . TYR A 1 27 ? -6.087  -7.714  19.012  1.00 17.48 ? 51   TYR A CD1 1 
ATOM   226 C CD2 . TYR A 1 27 ? -7.945  -9.047  18.420  1.00 21.04 ? 51   TYR A CD2 1 
ATOM   227 C CE1 . TYR A 1 27 ? -6.030  -8.318  20.278  1.00 18.14 ? 51   TYR A CE1 1 
ATOM   228 C CE2 . TYR A 1 27 ? -7.890  -9.679  19.651  1.00 18.60 ? 51   TYR A CE2 1 
ATOM   229 C CZ  . TYR A 1 27 ? -6.956  -9.309  20.596  1.00 17.76 ? 51   TYR A CZ  1 
ATOM   230 O OH  . TYR A 1 27 ? -6.902  -9.890  21.797  1.00 18.79 ? 51   TYR A OH  1 
ATOM   231 N N   . PRO A 1 28 ? -5.591  -10.500 16.237  1.00 17.77 ? 52   PRO A N   1 
ATOM   232 C CA  . PRO A 1 28 ? -4.442  -10.169 17.099  1.00 16.09 ? 52   PRO A CA  1 
ATOM   233 C C   . PRO A 1 28 ? -3.142  -10.098 16.333  1.00 16.37 ? 52   PRO A C   1 
ATOM   234 O O   . PRO A 1 28 ? -2.112  -10.221 16.979  1.00 18.49 ? 52   PRO A O   1 
ATOM   235 C CB  . PRO A 1 28 ? -4.407  -11.359 18.102  1.00 17.00 ? 52   PRO A CB  1 
ATOM   236 C CG  . PRO A 1 28 ? -4.851  -12.491 17.250  1.00 20.11 ? 52   PRO A CG  1 
ATOM   237 C CD  . PRO A 1 28 ? -5.914  -11.962 16.317  1.00 21.66 ? 52   PRO A CD  1 
ATOM   238 N N   . ASN A 1 29 ? -3.211  -9.890  15.016  1.00 17.66 ? 53   ASN A N   1 
ATOM   239 C CA  . ASN A 1 29 ? -1.981  -9.888  14.174  1.00 19.31 ? 53   ASN A CA  1 
ATOM   240 C C   . ASN A 1 29 ? -1.673  -8.521  13.631  1.00 16.63 ? 53   ASN A C   1 
ATOM   241 O O   . ASN A 1 29 ? -1.068  -8.391  12.581  1.00 21.83 ? 53   ASN A O   1 
ATOM   242 C CB  . ASN A 1 29 ? -2.159  -10.928 13.091  1.00 21.60 ? 53   ASN A CB  1 
ATOM   243 C CG  . ASN A 1 29 ? -2.250  -12.284 13.698  1.00 28.52 ? 53   ASN A CG  1 
ATOM   244 O OD1 . ASN A 1 29 ? -3.256  -12.940 13.590  1.00 30.19 ? 53   ASN A OD1 1 
ATOM   245 N ND2 . ASN A 1 29 ? -1.216  -12.676 14.443  1.00 32.29 ? 53   ASN A ND2 1 
ATOM   246 N N   . GLY A 1 30 ? -2.015  -7.483  14.353  1.00 10.61 ? 54   GLY A N   1 
ATOM   247 C CA  . GLY A 1 30 ? -1.668  -6.101  13.977  1.00 10.21 ? 54   GLY A CA  1 
ATOM   248 C C   . GLY A 1 30 ? -2.705  -5.500  13.035  1.00 8.56  ? 54   GLY A C   1 
ATOM   249 O O   . GLY A 1 30 ? -3.900  -5.639  13.218  1.00 10.54 ? 54   GLY A O   1 
ATOM   250 N N   . CYS A 1 31 ? -2.194  -4.790  12.017  1.00 7.24  ? 55   CYS A N   1 
ATOM   251 C CA  . CYS A 1 31 ? -2.944  -4.068  11.003  1.00 7.05  ? 55   CYS A CA  1 
ATOM   252 C C   . CYS A 1 31 ? -2.617  -4.641  9.640   1.00 7.23  ? 55   CYS A C   1 
ATOM   253 O O   . CYS A 1 31 ? -1.543  -5.242  9.456   1.00 7.47  ? 55   CYS A O   1 
ATOM   254 C CB  . CYS A 1 31 ? -2.504  -2.598  10.943  1.00 7.87  ? 55   CYS A CB  1 
ATOM   255 S SG  . CYS A 1 31 ? -2.562  -1.660  12.469  1.00 8.99  ? 55   CYS A SG  1 
ATOM   256 N N   . GLU A 1 32 ? -3.501  -4.446  8.677   1.00 7.37  ? 56   GLU A N   1 
ATOM   257 C CA  . GLU A 1 32 ? -3.210  -4.813  7.302   1.00 7.86  ? 56   GLU A CA  1 
ATOM   258 C C   . GLU A 1 32 ? -3.619  -3.689  6.372   1.00 7.22  ? 56   GLU A C   1 
ATOM   259 O O   . GLU A 1 32 ? -4.596  -2.988  6.606   1.00 7.92  ? 56   GLU A O   1 
ATOM   260 C CB  . GLU A 1 32 ? -3.912  -6.101  6.933   1.00 11.08 ? 56   GLU A CB  1 
ATOM   261 C CG  . GLU A 1 32 ? -5.318  -6.060  6.933   1.00 16.99 ? 56   GLU A CG  1 
ATOM   262 C CD  . GLU A 1 32 ? -6.000  -7.428  6.613   1.00 19.65 ? 56   GLU A CD  1 
ATOM   263 O OE1 . GLU A 1 32 ? -5.505  -8.471  7.117   1.00 25.74 ? 56   GLU A OE1 1 
ATOM   264 O OE2 . GLU A 1 32 ? -7.027  -7.466  5.831   1.00 25.11 ? 56   GLU A OE2 1 
ATOM   265 N N   . VAL A 1 33 ? -2.863  -3.538  5.303   1.00 7.05  ? 57   VAL A N   1 
ATOM   266 C CA  . VAL A 1 33 ? -3.135  -2.502  4.322   1.00 7.38  ? 57   VAL A CA  1 
ATOM   267 C C   . VAL A 1 33 ? -2.645  -2.985  2.950   1.00 6.83  ? 57   VAL A C   1 
ATOM   268 O O   . VAL A 1 33 ? -1.675  -3.737  2.850   1.00 8.09  ? 57   VAL A O   1 
ATOM   269 C CB  . VAL A 1 33 ? -2.436  -1.177  4.735   1.00 7.64  ? 57   VAL A CB  1 
ATOM   270 C CG1 . VAL A 1 33 ? -0.897  -1.284  4.701   1.00 8.15  ? 57   VAL A CG1 1 
ATOM   271 C CG2 . VAL A 1 33 ? -2.930  0.019   3.895   1.00 8.05  ? 57   VAL A CG2 1 
ATOM   272 N N   . THR A 1 34 ? -3.291  -2.494  1.892   1.00 6.37  ? 58   THR A N   1 
ATOM   273 C CA  . THR A 1 34 ? -2.861  -2.720  0.522   1.00 6.20  ? 58   THR A CA  1 
ATOM   274 C C   . THR A 1 34 ? -2.387  -1.372  0.014   1.00 6.23  ? 58   THR A C   1 
ATOM   275 O O   . THR A 1 34 ? -3.170  -0.423  0.006   1.00 6.63  ? 58   THR A O   1 
ATOM   276 C CB  . THR A 1 34 ? -3.998  -3.257  -0.341  1.00 7.25  ? 58   THR A CB  1 
ATOM   277 O OG1 . THR A 1 34 ? -4.454  -4.484  0.223   1.00 8.68  ? 58   THR A OG1 1 
ATOM   278 C CG2 . THR A 1 34 ? -3.556  -3.524  -1.737  1.00 8.17  ? 58   THR A CG2 1 
ATOM   279 N N   . ILE A 1 35 ? -1.125  -1.295  -0.427  1.00 6.10  ? 59   ILE A N   1 
ATOM   280 C CA  . ILE A 1 35 ? -0.507  -0.044  -0.841  1.00 6.05  ? 59   ILE A CA  1 
ATOM   281 C C   . ILE A 1 35 ? -0.080  -0.079  -2.287  1.00 5.97  ? 59   ILE A C   1 
ATOM   282 O O   . ILE A 1 35 ? 0.146   -1.120  -2.890  1.00 6.36  ? 59   ILE A O   1 
ATOM   283 C CB  . ILE A 1 35 ? 0.725   0.281   0.053   1.00 5.89  ? 59   ILE A CB  1 
ATOM   284 C CG1 . ILE A 1 35 ? 1.826   -0.779  -0.073  1.00 6.40  ? 59   ILE A CG1 1 
ATOM   285 C CG2 . ILE A 1 35 ? 0.305   0.525   1.484   1.00 6.95  ? 59   ILE A CG2 1 
ATOM   286 C CD1 . ILE A 1 35 ? 3.167   -0.383  0.520   1.00 7.32  ? 59   ILE A CD1 1 
ATOM   287 N N   . CYS A 1 36 ? 0.074   1.131   -2.830  1.00 6.01  ? 60   CYS A N   1 
ATOM   288 C CA  . CYS A 1 36 ? 0.756   1.370   -4.080  1.00 6.01  ? 60   CYS A CA  1 
ATOM   289 C C   . CYS A 1 36 ? 2.220   1.735   -3.816  1.00 6.29  ? 60   CYS A C   1 
ATOM   290 O O   . CYS A 1 36 ? 2.668   1.751   -2.658  1.00 6.23  ? 60   CYS A O   1 
ATOM   291 C CB  . CYS A 1 36 ? 0.034   2.471   -4.873  1.00 6.19  ? 60   CYS A CB  1 
ATOM   292 S SG  . CYS A 1 36 ? -1.705  2.095   -5.239  1.00 6.50  ? 60   CYS A SG  1 
ATOM   293 N N   . ALA A 1 37 ? 2.961   2.024   -4.877  1.00 6.86  ? 61   ALA A N   1 
ATOM   294 C CA  . ALA A 1 37 ? 4.405   2.282   -4.729  1.00 7.34  ? 61   ALA A CA  1 
ATOM   295 C C   . ALA A 1 37 ? 4.745   3.496   -3.898  1.00 7.10  ? 61   ALA A C   1 
ATOM   296 O O   . ALA A 1 37 ? 5.849   3.567   -3.372  1.00 7.92  ? 61   ALA A O   1 
ATOM   297 C CB  . ALA A 1 37 ? 5.067   2.389   -6.110  1.00 8.15  ? 61   ALA A CB  1 
ATOM   298 N N   . ASP A 1 38 ? 3.811   4.424   -3.774  1.00 6.88  ? 62   ASP A N   1 
ATOM   299 C CA  . ASP A 1 38 ? 3.988   5.599   -2.934  1.00 7.60  ? 62   ASP A CA  1 
ATOM   300 C C   . ASP A 1 38 ? 3.839   5.323   -1.453  1.00 7.26  ? 62   ASP A C   1 
ATOM   301 O O   . ASP A 1 38 ? 3.957   6.238   -0.634  1.00 8.62  ? 62   ASP A O   1 
ATOM   302 C CB  . ASP A 1 38 ? 3.063   6.733   -3.388  1.00 7.93  ? 62   ASP A CB  1 
ATOM   303 C CG  . ASP A 1 38 ? 1.585   6.445   -3.205  1.00 7.48  ? 62   ASP A CG  1 
ATOM   304 O OD1 . ASP A 1 38 ? 1.174   5.275   -2.971  1.00 7.42  ? 62   ASP A OD1 1 
ATOM   305 O OD2 . ASP A 1 38 ? 0.810   7.442   -3.344  1.00 8.96  ? 62   ASP A OD2 1 
ATOM   306 N N   . GLY A 1 39 ? 3.594   4.082   -1.049  1.00 6.67  ? 63   GLY A N   1 
ATOM   307 C CA  . GLY A 1 39 ? 3.494   3.773   0.355   1.00 6.68  ? 63   GLY A CA  1 
ATOM   308 C C   . GLY A 1 39 ? 2.239   4.317   1.001   1.00 6.44  ? 63   GLY A C   1 
ATOM   309 O O   . GLY A 1 39 ? 2.226   4.492   2.239   1.00 7.03  ? 63   GLY A O   1 
ATOM   310 N N   . VAL A 1 40 ? 1.219   4.543   0.213   1.00 6.37  ? 64   VAL A N   1 
ATOM   311 C CA  . VAL A 1 40 ? -0.101  4.948   0.679   1.00 6.46  ? 64   VAL A CA  1 
ATOM   312 C C   . VAL A 1 40 ? -1.097  3.865   0.314   1.00 6.54  ? 64   VAL A C   1 
ATOM   313 O O   . VAL A 1 40 ? -0.988  3.229   -0.730  1.00 6.49  ? 64   VAL A O   1 
ATOM   314 C CB  . VAL A 1 40 ? -0.496  6.327   0.075   1.00 7.20  ? 64   VAL A CB  1 
ATOM   315 C CG1 . VAL A 1 40 ? -1.910  6.736   0.509   1.00 8.61  ? 64   VAL A CG1 1 
ATOM   316 C CG2 . VAL A 1 40 ? 0.536   7.409   0.427   1.00 8.69  ? 64   VAL A CG2 1 
ATOM   317 N N   . ALA A 1 41 ? -2.081  3.679   1.180   1.00 6.50  ? 65   ALA A N   1 
ATOM   318 C CA  . ALA A 1 41 ? -3.160  2.743   0.879   1.00 6.83  ? 65   ALA A CA  1 
ATOM   319 C C   . ALA A 1 41 ? -3.687  3.017   -0.538  1.00 7.53  ? 65   ALA A C   1 
ATOM   320 O O   . ALA A 1 41 ? -3.837  4.174   -0.963  1.00 9.41  ? 65   ALA A O   1 
ATOM   321 C CB  . ALA A 1 41 ? -4.275  2.851   1.901   1.00 8.53  ? 65   ALA A CB  1 
ATOM   322 N N   . GLN A 1 42 ? -4.003  1.942   -1.258  1.00 7.33  ? 66   GLN A N   1 
ATOM   323 C CA  . GLN A 1 42 ? -4.551  2.076   -2.586  1.00 7.60  ? 66   GLN A CA  1 
ATOM   324 C C   . GLN A 1 42 ? -5.940  2.692   -2.551  1.00 7.57  ? 66   GLN A C   1 
ATOM   325 O O   . GLN A 1 42 ? -6.811  2.228   -1.818  1.00 8.53  ? 66   GLN A O   1 
ATOM   326 C CB  . GLN A 1 42 ? -4.566  0.694   -3.229  1.00 7.60  ? 66   GLN A CB  1 
ATOM   327 C CG  . GLN A 1 42 ? -5.144  0.674   -4.629  1.00 7.98  ? 66   GLN A CG  1 
ATOM   328 C CD  . GLN A 1 42 ? -5.264  -0.728  -5.161  1.00 10.15 ? 66   GLN A CD  1 
ATOM   329 O OE1 . GLN A 1 42 ? -4.928  -1.704  -4.482  1.00 17.66 ? 66   GLN A OE1 1 
ATOM   330 N NE2 . GLN A 1 42 ? -5.812  -0.869  -6.338  1.00 13.57 ? 66   GLN A NE2 1 
ATOM   331 N N   . LEU A 1 43 ? -6.172  3.725   -3.356  1.00 6.95  ? 67   LEU A N   1 
ATOM   332 C CA  . LEU A 1 43 ? -7.411  4.487   -3.336  1.00 7.15  ? 67   LEU A CA  1 
ATOM   333 C C   . LEU A 1 43 ? -8.288  4.338   -4.547  1.00 6.96  ? 67   LEU A C   1 
ATOM   334 O O   . LEU A 1 43 ? -9.398  4.847   -4.529  1.00 8.76  ? 67   LEU A O   1 
ATOM   335 C CB  . LEU A 1 43 ? -7.093  5.978   -3.106  1.00 7.99  ? 67   LEU A CB  1 
ATOM   336 C CG  . LEU A 1 43 ? -6.210  6.299   -1.899  1.00 11.26 ? 67   LEU A CG  1 
ATOM   337 C CD1 . LEU A 1 43 ? -5.948  7.786   -1.797  1.00 13.41 ? 67   LEU A CD1 1 
ATOM   338 C CD2 . LEU A 1 43 ? -6.690  5.712   -0.584  1.00 13.34 ? 67   LEU A CD2 1 
ATOM   339 N N   . GLY A 1 44 ? -7.807  3.714   -5.612  1.00 7.62  ? 68   GLY A N   1 
ATOM   340 C CA  . GLY A 1 44 ? -8.583  3.434   -6.821  1.00 7.28  ? 68   GLY A CA  1 
ATOM   341 C C   . GLY A 1 44 ? -8.603  1.944   -7.113  1.00 7.00  ? 68   GLY A C   1 
ATOM   342 O O   . GLY A 1 44 ? -8.038  1.129   -6.382  1.00 7.77  ? 68   GLY A O   1 
ATOM   343 N N   . ALA A 1 45 ? -9.222  1.568   -8.242  1.00 7.08  ? 69   ALA A N   1 
ATOM   344 C CA  . ALA A 1 45 ? -9.203  0.193   -8.661  1.00 7.26  ? 69   ALA A CA  1 
ATOM   345 C C   . ALA A 1 45 ? -7.788  -0.303  -8.931  1.00 6.57  ? 69   ALA A C   1 
ATOM   346 O O   . ALA A 1 45 ? -7.530  -1.516  -8.789  1.00 8.10  ? 69   ALA A O   1 
ATOM   347 C CB  . ALA A 1 45 ? -10.101 -0.024  -9.866  1.00 8.51  ? 69   ALA A CB  1 
ATOM   348 N N   . TYR A 1 46 ? -6.904  0.590   -9.345  1.00 6.64  ? 70   TYR A N   1 
ATOM   349 C CA  . TYR A 1 46 ? -5.512  0.324   -9.660  1.00 6.86  ? 70   TYR A CA  1 
ATOM   350 C C   . TYR A 1 46 ? -4.643  1.382   -8.993  1.00 6.66  ? 70   TYR A C   1 
ATOM   351 O O   . TYR A 1 46 ? -5.157  2.275   -8.296  1.00 7.99  ? 70   TYR A O   1 
ATOM   352 C CB  . TYR A 1 46 ? -5.327  0.290   -11.163 1.00 6.95  ? 70   TYR A CB  1 
ATOM   353 C CG  . TYR A 1 46 ? -6.173  -0.751  -11.851 1.00 7.26  ? 70   TYR A CG  1 
ATOM   354 C CD1 . TYR A 1 46 ? -5.791  -2.092  -11.819 1.00 8.91  ? 70   TYR A CD1 1 
ATOM   355 C CD2 . TYR A 1 46 ? -7.357  -0.432  -12.476 1.00 7.86  ? 70   TYR A CD2 1 
ATOM   356 C CE1 . TYR A 1 46 ? -6.571  -3.055  -12.446 1.00 9.66  ? 70   TYR A CE1 1 
ATOM   357 C CE2 . TYR A 1 46 ? -8.152  -1.422  -13.095 1.00 9.39  ? 70   TYR A CE2 1 
ATOM   358 C CZ  . TYR A 1 46 ? -7.736  -2.711  -13.068 1.00 10.21 ? 70   TYR A CZ  1 
ATOM   359 O OH  . TYR A 1 46 ? -8.495  -3.659  -13.702 1.00 12.70 ? 70   TYR A OH  1 
ATOM   360 N N   . CYS A 1 47 ? -3.339  1.305   -9.215  1.00 6.94  ? 71   CYS A N   1 
ATOM   361 C CA  . CYS A 1 47 ? -2.350  2.216   -8.645  1.00 6.91  ? 71   CYS A CA  1 
ATOM   362 C C   . CYS A 1 47 ? -1.867  3.288   -9.605  1.00 6.97  ? 71   CYS A C   1 
ATOM   363 O O   . CYS A 1 47 ? -0.711  3.680   -9.560  1.00 7.89  ? 71   CYS A O   1 
ATOM   364 C CB  . CYS A 1 47 ? -1.169  1.422   -8.097  1.00 6.95  ? 71   CYS A CB  1 
ATOM   365 S SG  . CYS A 1 47 ? -1.543  0.536   -6.549  1.00 7.06  ? 71   CYS A SG  1 
ATOM   366 N N   . GLY A 1 48 ? -2.769  3.813   -10.423 1.00 7.25  ? 72   GLY A N   1 
ATOM   367 C CA  . GLY A 1 48 ? -2.433  4.979   -11.249 1.00 7.66  ? 72   GLY A CA  1 
ATOM   368 C C   . GLY A 1 48 ? -2.384  6.252   -10.458 1.00 7.00  ? 72   GLY A C   1 
ATOM   369 O O   . GLY A 1 48 ? -2.989  6.375   -9.390  1.00 7.64  ? 72   GLY A O   1 
ATOM   370 N N   . GLN A 1 49 ? -1.656  7.236   -10.964 1.00 7.72  ? 73   GLN A N   1 
ATOM   371 C CA  . GLN A 1 49 ? -1.813  8.578   -10.411 1.00 7.69  ? 73   GLN A CA  1 
ATOM   372 C C   . GLN A 1 49 ? -3.264  9.043   -10.609 1.00 7.98  ? 73   GLN A C   1 
ATOM   373 O O   . GLN A 1 49 ? -3.864  9.650   -9.705  1.00 8.41  ? 73   GLN A O   1 
ATOM   374 C CB  . GLN A 1 49 ? -0.864  9.589   -11.051 1.00 8.63  ? 73   GLN A CB  1 
ATOM   375 C CG  . GLN A 1 49 ? 0.590   9.335   -10.775 1.00 10.69 ? 73   GLN A CG  1 
ATOM   376 C CD  . GLN A 1 49 ? 1.368   10.637  -10.803 1.00 12.09 ? 73   GLN A CD  1 
ATOM   377 O OE1 . GLN A 1 49 ? 1.328   11.399  -9.845  1.00 15.02 ? 73   GLN A OE1 1 
ATOM   378 N NE2 . GLN A 1 49 ? 1.971   10.932  -11.897 1.00 13.01 ? 73   GLN A NE2 1 
ATOM   379 N N   . GLY A 1 50 ? -3.840  8.720   -11.752 1.00 7.32  ? 74   GLY A N   1 
ATOM   380 C CA  . GLY A 1 50 ? -5.229  8.962   -12.059 1.00 7.21  ? 74   GLY A CA  1 
ATOM   381 C C   . GLY A 1 50 ? -5.849  7.723   -12.654 1.00 6.83  ? 74   GLY A C   1 
ATOM   382 O O   . GLY A 1 50 ? -5.319  6.609   -12.506 1.00 7.85  ? 74   GLY A O   1 
ATOM   383 N N   . PRO A 1 51 ? -6.988  7.893   -13.320 1.00 6.44  ? 75   PRO A N   1 
ATOM   384 C CA  . PRO A 1 51 ? -7.715  6.763   -13.886 1.00 7.23  ? 75   PRO A CA  1 
ATOM   385 C C   . PRO A 1 51 ? -6.901  5.927   -14.864 1.00 6.90  ? 75   PRO A C   1 
ATOM   386 O O   . PRO A 1 51 ? -6.012  6.431   -15.545 1.00 7.48  ? 75   PRO A O   1 
ATOM   387 C CB  . PRO A 1 51 ? -8.856  7.452   -14.625 1.00 9.25  ? 75   PRO A CB  1 
ATOM   388 C CG  . PRO A 1 51 ? -8.998  8.797   -14.087 1.00 9.97  ? 75   PRO A CG  1 
ATOM   389 C CD  . PRO A 1 51 ? -7.696  9.186   -13.507 1.00 7.16  ? 75   PRO A CD  1 
ATOM   390 N N   . CYS A 1 52 ? -7.300  4.664   -14.975 1.00 6.99  ? 76   CYS A N   1 
ATOM   391 C CA  . CYS A 1 52 ? -6.643  3.684   -15.841 1.00 6.80  ? 76   CYS A CA  1 
ATOM   392 C C   . CYS A 1 52 ? -7.605  3.153   -16.859 1.00 6.56  ? 76   CYS A C   1 
ATOM   393 O O   . CYS A 1 52 ? -8.831  3.346   -16.769 1.00 6.63  ? 76   CYS A O   1 
ATOM   394 C CB  . CYS A 1 52 ? -6.107  2.511   -15.011 1.00 7.50  ? 76   CYS A CB  1 
ATOM   395 S SG  . CYS A 1 52 ? -4.869  3.022   -13.734 1.00 8.01  ? 76   CYS A SG  1 
ATOM   396 N N   . ASN A 1 53 ? -7.047  2.450   -17.846 1.00 7.27  ? 77   ASN A N   1 
ATOM   397 C CA  . ASN A 1 53 ? -7.863  1.874   -18.889 1.00 8.09  ? 77   ASN A CA  1 
ATOM   398 C C   . ASN A 1 53 ? -8.499  0.570   -18.403 1.00 7.78  ? 77   ASN A C   1 
ATOM   399 O O   . ASN A 1 53 ? -8.384  0.172   -17.239 1.00 8.12  ? 77   ASN A O   1 
ATOM   400 C CB  . ASN A 1 53 ? -7.059  1.734   -20.211 1.00 8.58  ? 77   ASN A CB  1 
ATOM   401 C CG  . ASN A 1 53 ? -6.133  0.538   -20.286 1.00 9.39  ? 77   ASN A CG  1 
ATOM   402 O OD1 . ASN A 1 53 ? -6.078  -0.322  -19.386 1.00 8.34  ? 77   ASN A OD1 1 
ATOM   403 N ND2 . ASN A 1 53 ? -5.387  0.469   -21.394 1.00 10.40 ? 77   ASN A ND2 1 
ATOM   404 N N   . ILE A 1 54 ? -9.203  -0.095  -19.332 1.00 8.34  ? 78   ILE A N   1 
ATOM   405 C CA  . ILE A 1 54 ? -9.956  -1.294  -19.027 1.00 9.02  ? 78   ILE A CA  1 
ATOM   406 C C   . ILE A 1 54 ? -9.146  -2.406  -18.395 1.00 9.89  ? 78   ILE A C   1 
ATOM   407 O O   . ILE A 1 54 ? -9.725  -3.191  -17.646 1.00 10.64 ? 78   ILE A O   1 
ATOM   408 C CB  . ILE A 1 54 ? -10.649 -1.790  -20.324 1.00 9.44  ? 78   ILE A CB  1 
ATOM   409 C CG1 . ILE A 1 54 ? -11.666 -2.907  -20.064 1.00 10.31 ? 78   ILE A CG1 1 
ATOM   410 C CG2 . ILE A 1 54 ? -9.637  -2.205  -21.411 1.00 10.30 ? 78   ILE A CG2 1 
ATOM   411 C CD1 . ILE A 1 54 ? -12.583 -3.178  -21.237 1.00 11.68 ? 78   ILE A CD1 1 
ATOM   412 N N   . PHE A 1 55 ? -7.838  -2.433  -18.641 1.00 9.41  ? 79   PHE A N   1 
ATOM   413 C CA  . PHE A 1 55 ? -6.918  -3.426  -18.117 1.00 10.79 ? 79   PHE A CA  1 
ATOM   414 C C   . PHE A 1 55 ? -6.095  -2.984  -16.918 1.00 9.75  ? 79   PHE A C   1 
ATOM   415 O O   . PHE A 1 55 ? -5.283  -3.758  -16.386 1.00 10.89 ? 79   PHE A O   1 
ATOM   416 C CB  . PHE A 1 55 ? -5.927  -3.840  -19.236 1.00 13.15 ? 79   PHE A CB  1 
ATOM   417 C CG  . PHE A 1 55 ? -6.557  -4.301  -20.522 1.00 14.20 ? 79   PHE A CG  1 
ATOM   418 C CD1 . PHE A 1 55 ? -7.393  -5.370  -20.486 1.00 17.08 ? 79   PHE A CD1 1 
ATOM   419 C CD2 . PHE A 1 55 ? -6.391  -3.605  -21.724 1.00 15.19 ? 79   PHE A CD2 1 
ATOM   420 C CE1 . PHE A 1 55 ? -8.064  -5.812  -21.685 1.00 19.73 ? 79   PHE A CE1 1 
ATOM   421 C CE2 . PHE A 1 55 ? -7.015  -4.024  -22.888 1.00 18.55 ? 79   PHE A CE2 1 
ATOM   422 C CZ  . PHE A 1 55 ? -7.860  -5.100  -22.858 1.00 16.94 ? 79   PHE A CZ  1 
ATOM   423 N N   . GLY A 1 56 ? -6.286  -1.737  -16.472 1.00 8.26  ? 80   GLY A N   1 
ATOM   424 C CA  . GLY A 1 56 ? -5.436  -1.187  -15.435 1.00 7.95  ? 80   GLY A CA  1 
ATOM   425 C C   . GLY A 1 56 ? -4.155  -0.582  -15.949 1.00 8.21  ? 80   GLY A C   1 
ATOM   426 O O   . GLY A 1 56 ? -3.180  -0.462  -15.185 1.00 9.05  ? 80   GLY A O   1 
ATOM   427 N N   . CYS A 1 57 ? -4.168  -0.184  -17.226 1.00 7.73  ? 81   CYS A N   1 
ATOM   428 C CA  . CYS A 1 57 ? -2.955  0.265   -17.908 1.00 9.01  ? 81   CYS A CA  1 
ATOM   429 C C   . CYS A 1 57 ? -3.169  1.643   -18.532 1.00 8.52  ? 81   CYS A C   1 
ATOM   430 O O   . CYS A 1 57 ? -4.279  2.189   -18.561 1.00 8.29  ? 81   CYS A O   1 
ATOM   431 C CB  . CYS A 1 57 ? -2.575  -0.730  -18.982 1.00 9.58  ? 81   CYS A CB  1 
ATOM   432 S SG  . CYS A 1 57 ? -2.580  -2.474  -18.420 1.00 12.76 ? 81   CYS A SG  1 
ATOM   433 N N   . ASN A 1 58 ? -2.079  2.196   -19.027 1.00 9.28  ? 82   ASN A N   1 
ATOM   434 C CA  . ASN A 1 58 ? -2.113  3.500   -19.661 1.00 9.35  ? 82   ASN A CA  1 
ATOM   435 C C   . ASN A 1 58 ? -2.833  4.541   -18.780 1.00 8.17  ? 82   ASN A C   1 
ATOM   436 O O   . ASN A 1 58 ? -3.667  5.331   -19.239 1.00 8.85  ? 82   ASN A O   1 
ATOM   437 C CB  A ASN A 1 58 ? -2.772  3.418   -21.026 0.50 10.58 ? 82   ASN A CB  1 
ATOM   438 C CB  B ASN A 1 58 ? -2.739  3.357   -21.026 0.50 10.36 ? 82   ASN A CB  1 
ATOM   439 C CG  A ASN A 1 58 ? -1.885  2.820   -22.095 0.50 13.14 ? 82   ASN A CG  1 
ATOM   440 C CG  B ASN A 1 58 ? -2.453  4.538   -21.931 0.50 12.84 ? 82   ASN A CG  1 
ATOM   441 O OD1 A ASN A 1 58 ? -2.395  2.388   -23.124 0.50 17.80 ? 82   ASN A OD1 1 
ATOM   442 O OD1 B ASN A 1 58 ? -1.411  5.150   -21.848 0.50 13.60 ? 82   ASN A OD1 1 
ATOM   443 N ND2 A ASN A 1 58 ? -0.587  2.859   -21.906 0.50 13.22 ? 82   ASN A ND2 1 
ATOM   444 N ND2 B ASN A 1 58 ? -3.414  4.878   -22.748 0.50 15.94 ? 82   ASN A ND2 1 
ATOM   445 N N   . CYS A 1 59 ? -2.479  4.525   -17.495 1.00 7.99  ? 83   CYS A N   1 
ATOM   446 C CA  . CYS A 1 59 ? -3.138  5.366   -16.528 1.00 7.61  ? 83   CYS A CA  1 
ATOM   447 C C   . CYS A 1 59 ? -2.701  6.805   -16.688 1.00 7.54  ? 83   CYS A C   1 
ATOM   448 O O   . CYS A 1 59 ? -1.586  7.084   -17.094 1.00 8.20  ? 83   CYS A O   1 
ATOM   449 C CB  . CYS A 1 59 ? -2.825  4.871   -15.119 1.00 7.54  ? 83   CYS A CB  1 
ATOM   450 S SG  . CYS A 1 59 ? -3.132  3.118   -14.813 1.00 8.17  ? 83   CYS A SG  1 
ATOM   451 N N   . ASP A 1 60 ? -3.586  7.714   -16.334 1.00 7.82  ? 84   ASP A N   1 
ATOM   452 C CA  . ASP A 1 60 ? -3.266  9.128   -16.372 1.00 8.49  ? 84   ASP A CA  1 
ATOM   453 C C   . ASP A 1 60 ? -2.091  9.364   -15.432 1.00 8.57  ? 84   ASP A C   1 
ATOM   454 O O   . ASP A 1 60 ? -2.175  9.087   -14.224 1.00 8.77  ? 84   ASP A O   1 
ATOM   455 C CB  . ASP A 1 60 ? -4.425  9.998   -15.858 1.00 9.02  ? 84   ASP A CB  1 
ATOM   456 C CG  . ASP A 1 60 ? -5.714  9.939   -16.661 1.00 10.44 ? 84   ASP A CG  1 
ATOM   457 O OD1 . ASP A 1 60 ? -5.876  9.177   -17.607 1.00 12.60 ? 84   ASP A OD1 1 
ATOM   458 O OD2 . ASP A 1 60 ? -6.639  10.703  -16.287 1.00 10.01 ? 84   ASP A OD2 1 
ATOM   459 N N   . GLY A 1 61 ? -0.995  9.894   -15.954 1.00 9.11  ? 85   GLY A N   1 
ATOM   460 C CA  . GLY A 1 61 ? 0.197   10.163  -15.150 1.00 9.61  ? 85   GLY A CA  1 
ATOM   461 C C   . GLY A 1 61 ? 1.002   8.933   -14.819 1.00 9.03  ? 85   GLY A C   1 
ATOM   462 O O   . GLY A 1 61 ? 1.903   9.015   -13.984 1.00 10.69 ? 85   GLY A O   1 
ATOM   463 N N   . GLY A 1 62 ? 0.747   7.826   -15.490 1.00 9.18  ? 86   GLY A N   1 
ATOM   464 C CA  . GLY A 1 62 ? 1.394   6.575   -15.146 1.00 9.30  ? 86   GLY A CA  1 
ATOM   465 C C   . GLY A 1 62 ? 1.010   6.114   -13.755 1.00 8.71  ? 86   GLY A C   1 
ATOM   466 O O   . GLY A 1 62 ? -0.053  6.477   -13.239 1.00 9.16  ? 86   GLY A O   1 
ATOM   467 N N   . CYS A 1 63 ? 1.895   5.351   -13.138 1.00 8.50  ? 87   CYS A N   1 
ATOM   468 C CA  . CYS A 1 63 ? 1.618   4.780   -11.844 1.00 7.75  ? 87   CYS A CA  1 
ATOM   469 C C   . CYS A 1 63 ? 2.129   5.648   -10.731 1.00 8.49  ? 87   CYS A C   1 
ATOM   470 O O   . CYS A 1 63 ? 3.112   6.406   -10.875 1.00 9.98  ? 87   CYS A O   1 
ATOM   471 C CB  . CYS A 1 63 ? 2.220   3.386   -11.709 1.00 9.61  ? 87   CYS A CB  1 
ATOM   472 S SG  . CYS A 1 63 ? 1.855   2.250   -13.057 1.00 9.75  ? 87   CYS A SG  1 
ATOM   473 N N   . LEU A 1 64 ? 1.495   5.554   -9.581  1.00 8.06  ? 88   LEU A N   1 
ATOM   474 C CA  . LEU A 1 64 ? 2.076   6.096   -8.363  1.00 8.19  ? 88   LEU A CA  1 
ATOM   475 C C   . LEU A 1 64 ? 3.475   5.558   -8.175  1.00 8.78  ? 88   LEU A C   1 
ATOM   476 O O   . LEU A 1 64 ? 3.737   4.399   -8.493  1.00 9.39  ? 88   LEU A O   1 
ATOM   477 C CB  . LEU A 1 64 ? 1.184   5.813   -7.158  1.00 8.89  ? 88   LEU A CB  1 
ATOM   478 C CG  . LEU A 1 64 ? -0.158  6.564   -7.212  1.00 8.02  ? 88   LEU A CG  1 
ATOM   479 C CD1 . LEU A 1 64 ? -1.156  5.931   -6.262  1.00 8.83  ? 88   LEU A CD1 1 
ATOM   480 C CD2 . LEU A 1 64 ? 0.027   8.051   -6.876  1.00 9.42  ? 88   LEU A CD2 1 
ATOM   481 N N   . SER A 1 65 ? 4.388   6.393   -7.708  1.00 10.06 ? 89   SER A N   1 
ATOM   482 C CA  . SER A 1 65 ? 5.807   6.029   -7.636  1.00 10.72 ? 89   SER A CA  1 
ATOM   483 C C   . SER A 1 65 ? 6.335   6.095   -6.217  1.00 9.96  ? 89   SER A C   1 
ATOM   484 O O   . SER A 1 65 ? 5.855   6.836   -5.388  1.00 10.88 ? 89   SER A O   1 
ATOM   485 C CB  . SER A 1 65 ? 6.628   6.963   -8.546  1.00 13.02 ? 89   SER A CB  1 
ATOM   486 O OG  . SER A 1 65 ? 6.549   8.314   -8.076  1.00 17.31 ? 89   SER A OG  1 
ATOM   487 N N   . GLY A 1 66 ? 7.390   5.324   -5.987  1.00 9.03  ? 90   GLY A N   1 
ATOM   488 C CA  . GLY A 1 66 ? 8.076   5.315   -4.710  1.00 8.51  ? 90   GLY A CA  1 
ATOM   489 C C   . GLY A 1 66 ? 8.635   3.955   -4.390  1.00 8.22  ? 90   GLY A C   1 
ATOM   490 O O   . GLY A 1 66 ? 8.710   3.086   -5.252  1.00 10.49 ? 90   GLY A O   1 
ATOM   491 N N   . ASP A 1 67 ? 8.994   3.741   -3.131  1.00 7.75  ? 91   ASP A N   1 
ATOM   492 C CA  . ASP A 1 67 ? 9.656   2.497   -2.731  1.00 8.16  ? 91   ASP A CA  1 
ATOM   493 C C   . ASP A 1 67 ? 8.805   1.619   -1.812  1.00 7.14  ? 91   ASP A C   1 
ATOM   494 O O   . ASP A 1 67 ? 9.343   0.886   -0.973  1.00 7.49  ? 91   ASP A O   1 
ATOM   495 C CB  . ASP A 1 67 ? 11.101  2.687   -2.375  1.00 11.44 ? 91   ASP A CB  1 
ATOM   496 C CG  . ASP A 1 67 ? 11.292  3.526   -1.208  1.00 11.34 ? 91   ASP A CG  1 
ATOM   497 O OD1 . ASP A 1 67 ? 10.470  4.437   -0.903  1.00 13.52 ? 91   ASP A OD1 1 
ATOM   498 O OD2 . ASP A 1 67 ? 12.387  3.441   -0.558  1.00 12.73 ? 91   ASP A OD2 1 
ATOM   499 N N   . TRP A 1 68 ? 7.501   1.614   -2.039  1.00 6.48  ? 92   TRP A N   1 
ATOM   500 C CA  . TRP A 1 68 ? 6.662   0.498   -1.597  1.00 6.49  ? 92   TRP A CA  1 
ATOM   501 C C   . TRP A 1 68 ? 6.589   0.443   -0.069  1.00 6.30  ? 92   TRP A C   1 
ATOM   502 O O   . TRP A 1 68 ? 6.406   1.480   0.573   1.00 6.12  ? 92   TRP A O   1 
ATOM   503 C CB  . TRP A 1 68 ? 7.098   -0.827  -2.266  1.00 7.18  ? 92   TRP A CB  1 
ATOM   504 C CG  . TRP A 1 68 ? 6.823   -0.828  -3.737  1.00 7.68  ? 92   TRP A CG  1 
ATOM   505 C CD1 . TRP A 1 68 ? 7.713   -0.660  -4.772  1.00 9.67  ? 92   TRP A CD1 1 
ATOM   506 C CD2 . TRP A 1 68 ? 5.555   -1.053  -4.330  1.00 7.68  ? 92   TRP A CD2 1 
ATOM   507 N NE1 . TRP A 1 68 ? 7.037   -0.761  -5.962  1.00 9.98  ? 92   TRP A NE1 1 
ATOM   508 C CE2 . TRP A 1 68 ? 5.709   -0.995  -5.718  1.00 8.23  ? 92   TRP A CE2 1 
ATOM   509 C CE3 . TRP A 1 68 ? 4.273   -1.255  -3.804  1.00 7.63  ? 92   TRP A CE3 1 
ATOM   510 C CZ2 . TRP A 1 68 ? 4.635   -1.160  -6.594  1.00 9.75  ? 92   TRP A CZ2 1 
ATOM   511 C CZ3 . TRP A 1 68 ? 3.203   -1.397  -4.665  1.00 8.35  ? 92   TRP A CZ3 1 
ATOM   512 C CH2 . TRP A 1 68 ? 3.389   -1.327  -6.032  1.00 9.29  ? 92   TRP A CH2 1 
ATOM   513 N N   . SER A 1 69 ? 6.721   -0.735  0.521   1.00 6.47  ? 93   SER A N   1 
ATOM   514 C CA  . SER A 1 69 ? 6.582   -0.874  1.968   1.00 6.07  ? 93   SER A CA  1 
ATOM   515 C C   . SER A 1 69 ? 7.588   0.008   2.705   1.00 6.13  ? 93   SER A C   1 
ATOM   516 O O   . SER A 1 69 ? 7.316   0.473   3.821   1.00 6.04  ? 93   SER A O   1 
ATOM   517 C CB  . SER A 1 69 ? 6.681   -2.323  2.402   1.00 6.79  ? 93   SER A CB  1 
ATOM   518 O OG  . SER A 1 69 ? 7.931   -2.905  1.997   1.00 7.78  ? 93   SER A OG  1 
ATOM   519 N N   . GLN A 1 70 ? 8.772   0.200   2.130   1.00 5.88  ? 94   GLN A N   1 
ATOM   520 C CA  . GLN A 1 70 ? 9.813   1.039   2.741   1.00 6.06  ? 94   GLN A CA  1 
ATOM   521 C C   . GLN A 1 70 ? 9.334   2.477   2.862   1.00 6.13  ? 94   GLN A C   1 
ATOM   522 O O   . GLN A 1 70 ? 9.547   3.136   3.885   1.00 6.03  ? 94   GLN A O   1 
ATOM   523 C CB  . GLN A 1 70 ? 11.072  0.900   1.856   1.00 6.51  ? 94   GLN A CB  1 
ATOM   524 C CG  . GLN A 1 70 ? 12.315  1.519   2.451   1.00 6.67  ? 94   GLN A CG  1 
ATOM   525 C CD  . GLN A 1 70 ? 13.544  1.136   1.667   1.00 7.46  ? 94   GLN A CD  1 
ATOM   526 O OE1 . GLN A 1 70 ? 13.489  0.331   0.741   1.00 8.79  ? 94   GLN A OE1 1 
ATOM   527 N NE2 . GLN A 1 70 ? 14.706  1.620   2.068   1.00 8.48  ? 94   GLN A NE2 1 
ATOM   528 N N   . GLU A 1 71 ? 8.618   2.950   1.850   1.00 6.17  ? 95   GLU A N   1 
ATOM   529 C CA  . GLU A 1 71 ? 8.010   4.287   1.875   1.00 6.12  ? 95   GLU A CA  1 
ATOM   530 C C   . GLU A 1 71 ? 6.814   4.373   2.839   1.00 6.18  ? 95   GLU A C   1 
ATOM   531 O O   . GLU A 1 71 ? 6.614   5.397   3.471   1.00 6.33  ? 95   GLU A O   1 
ATOM   532 C CB  . GLU A 1 71 ? 7.607   4.712   0.482   1.00 6.61  ? 95   GLU A CB  1 
ATOM   533 C CG  . GLU A 1 71 ? 7.167   6.138   0.416   1.00 8.31  ? 95   GLU A CG  1 
ATOM   534 C CD  . GLU A 1 71 ? 7.238   6.755   -0.937  1.00 11.05 ? 95   GLU A CD  1 
ATOM   535 O OE1 . GLU A 1 71 ? 7.802   6.161   -1.867  1.00 14.58 ? 95   GLU A OE1 1 
ATOM   536 O OE2 . GLU A 1 71 ? 6.695   7.892   -1.087  1.00 13.15 ? 95   GLU A OE2 1 
ATOM   537 N N   . PHE A 1 72 ? 6.036   3.294   2.954   1.00 6.01  ? 96   PHE A N   1 
ATOM   538 C CA  . PHE A 1 72 ? 4.953   3.237   3.938   1.00 5.88  ? 96   PHE A CA  1 
ATOM   539 C C   . PHE A 1 72 ? 5.512   3.442   5.344   1.00 6.20  ? 96   PHE A C   1 
ATOM   540 O O   . PHE A 1 72 ? 4.976   4.219   6.136   1.00 6.43  ? 96   PHE A O   1 
ATOM   541 C CB  . PHE A 1 72 ? 4.227   1.883   3.846   1.00 6.48  ? 96   PHE A CB  1 
ATOM   542 C CG  . PHE A 1 72 ? 3.116   1.741   4.842   1.00 6.49  ? 96   PHE A CG  1 
ATOM   543 C CD1 . PHE A 1 72 ? 1.939   2.407   4.661   1.00 7.25  ? 96   PHE A CD1 1 
ATOM   544 C CD2 . PHE A 1 72 ? 3.253   0.939   5.961   1.00 8.28  ? 96   PHE A CD2 1 
ATOM   545 C CE1 . PHE A 1 72 ? 0.902   2.281   5.599   1.00 8.11  ? 96   PHE A CE1 1 
ATOM   546 C CE2 . PHE A 1 72 ? 2.232   0.846   6.899   1.00 8.86  ? 96   PHE A CE2 1 
ATOM   547 C CZ  . PHE A 1 72 ? 1.072   1.512   6.693   1.00 8.84  ? 96   PHE A CZ  1 
ATOM   548 N N   . VAL A 1 73 ? 6.635   2.796   5.655   1.00 5.82  ? 97   VAL A N   1 
ATOM   549 C CA  . VAL A 1 73 ? 7.286   2.994   6.944   1.00 6.23  ? 97   VAL A CA  1 
ATOM   550 C C   . VAL A 1 73 ? 7.796   4.435   7.059   1.00 6.13  ? 97   VAL A C   1 
ATOM   551 O O   . VAL A 1 73 ? 7.598   5.098   8.066   1.00 6.70  ? 97   VAL A O   1 
ATOM   552 C CB  . VAL A 1 73 ? 8.433   1.983   7.160   1.00 6.28  ? 97   VAL A CB  1 
ATOM   553 C CG1 . VAL A 1 73 ? 9.156   2.258   8.473   1.00 7.36  ? 97   VAL A CG1 1 
ATOM   554 C CG2 . VAL A 1 73 ? 7.885   0.566   7.136   1.00 7.03  ? 97   VAL A CG2 1 
ATOM   555 N N   . ARG A 1 74 ? 8.471   4.907   6.004   1.00 6.00  ? 98   ARG A N   1 
ATOM   556 C CA  . ARG A 1 74 ? 9.103   6.242   6.040   1.00 6.44  ? 98   ARG A CA  1 
ATOM   557 C C   . ARG A 1 74 ? 8.080   7.329   6.279   1.00 6.12  ? 98   ARG A C   1 
ATOM   558 O O   . ARG A 1 74 ? 8.275   8.186   7.137   1.00 7.20  ? 98   ARG A O   1 
ATOM   559 C CB  . ARG A 1 74 ? 9.829   6.482   4.729   1.00 6.30  ? 98   ARG A CB  1 
ATOM   560 C CG  . ARG A 1 74 ? 10.781  7.668   4.796   1.00 7.18  ? 98   ARG A CG  1 
ATOM   561 C CD  . ARG A 1 74 ? 11.441  7.983   3.469   1.00 7.94  ? 98   ARG A CD  1 
ATOM   562 N NE  . ARG A 1 74 ? 12.205  6.850   2.976   1.00 7.89  ? 98   ARG A NE  1 
ATOM   563 C CZ  . ARG A 1 74 ? 11.916  6.095   1.941   1.00 8.22  ? 98   ARG A CZ  1 
ATOM   564 N NH1 . ARG A 1 74 ? 10.893  6.363   1.120   1.00 8.87  ? 98   ARG A NH1 1 
ATOM   565 N NH2 . ARG A 1 74 ? 12.673  5.049   1.682   1.00 8.79  ? 98   ARG A NH2 1 
ATOM   566 N N   . ARG A 1 75 ? 7.012   7.333   5.501   1.00 6.43  ? 99   ARG A N   1 
ATOM   567 C CA  . ARG A 1 75 ? 6.053   8.436   5.602   1.00 7.64  ? 99   ARG A CA  1 
ATOM   568 C C   . ARG A 1 75 ? 5.245   8.411   6.892   1.00 7.99  ? 99   ARG A C   1 
ATOM   569 O O   . ARG A 1 75 ? 4.652   9.406   7.270   1.00 10.30 ? 99   ARG A O   1 
ATOM   570 C CB  . ARG A 1 75 ? 5.237   8.543   4.354   1.00 11.41 ? 99   ARG A CB  1 
ATOM   571 C CG  . ARG A 1 75 ? 4.257   7.527   4.165   1.00 12.09 ? 99   ARG A CG  1 
ATOM   572 C CD  . ARG A 1 75 ? 3.720   7.624   2.665   1.00 13.56 ? 99   ARG A CD  1 
ATOM   573 N NE  . ARG A 1 75 ? 3.101   8.903   2.399   1.00 15.27 ? 99   ARG A NE  1 
ATOM   574 C CZ  . ARG A 1 75 ? 3.137   9.543   1.195   1.00 17.88 ? 99   ARG A CZ  1 
ATOM   575 N NH1 . ARG A 1 75 ? 3.732   9.054   0.101   1.00 15.40 ? 99   ARG A NH1 1 
ATOM   576 N NH2 . ARG A 1 75 ? 2.573   10.708  1.117   1.00 19.29 ? 99   ARG A NH2 1 
ATOM   577 N N   . ASN A 1 76 ? 5.239   7.274   7.573   1.00 6.97  ? 100  ASN A N   1 
ATOM   578 C CA  . ASN A 1 76 ? 4.527   7.116   8.830   1.00 7.13  ? 100  ASN A CA  1 
ATOM   579 C C   . ASN A 1 76 ? 5.482   6.996   10.005  1.00 7.11  ? 100  ASN A C   1 
ATOM   580 O O   . ASN A 1 76 ? 5.174   6.366   11.023  1.00 8.00  ? 100  ASN A O   1 
ATOM   581 C CB  . ASN A 1 76 ? 3.626   5.891   8.698   1.00 7.30  ? 100  ASN A CB  1 
ATOM   582 C CG  . ASN A 1 76 ? 2.524   6.128   7.715   1.00 7.72  ? 100  ASN A CG  1 
ATOM   583 O OD1 . ASN A 1 76 ? 2.351   5.368   6.715   1.00 9.14  ? 100  ASN A OD1 1 
ATOM   584 N ND2 . ASN A 1 76 ? 1.756   7.162   7.925   1.00 7.35  ? 100  ASN A ND2 1 
ATOM   585 N N   . GLN A 1 77 ? 6.621   7.687   9.909   1.00 6.99  ? 101  GLN A N   1 
ATOM   586 C CA  . GLN A 1 77 ? 7.607   7.749   10.956  1.00 7.63  ? 101  GLN A CA  1 
ATOM   587 C C   . GLN A 1 77 ? 7.007   7.990   12.325  1.00 7.90  ? 101  GLN A C   1 
ATOM   588 O O   . GLN A 1 77 ? 7.427   7.405   13.324  1.00 8.69  ? 101  GLN A O   1 
ATOM   589 C CB  . GLN A 1 77 ? 8.605   8.839   10.627  1.00 7.17  ? 101  GLN A CB  1 
ATOM   590 C CG  . GLN A 1 77 ? 9.721   8.929   11.646  1.00 7.71  ? 101  GLN A CG  1 
ATOM   591 C CD  . GLN A 1 77 ? 10.742  10.011  11.378  1.00 7.86  ? 101  GLN A CD  1 
ATOM   592 O OE1 . GLN A 1 77 ? 10.572  10.840  10.476  1.00 9.38  ? 101  GLN A OE1 1 
ATOM   593 N NE2 . GLN A 1 77 ? 11.800  10.013  12.139  1.00 9.92  ? 101  GLN A NE2 1 
ATOM   594 N N   . GLN A 1 78 ? 6.054   8.907   12.392  1.00 8.85  ? 102  GLN A N   1 
ATOM   595 C CA  . GLN A 1 78 ? 5.486   9.269   13.691  1.00 10.61 ? 102  GLN A CA  1 
ATOM   596 C C   . GLN A 1 78 ? 4.797   8.173   14.428  1.00 9.93  ? 102  GLN A C   1 
ATOM   597 O O   . GLN A 1 78 ? 4.623   8.267   15.660  1.00 11.92 ? 102  GLN A O   1 
ATOM   598 C CB  . GLN A 1 78 ? 4.531   10.474  13.551  1.00 11.56 ? 102  GLN A CB  1 
ATOM   599 C CG  . GLN A 1 78 ? 3.245   10.181  12.792  1.00 14.21 ? 102  GLN A CG  1 
ATOM   600 C CD  . GLN A 1 78 ? 2.403   11.388  12.481  1.00 18.85 ? 102  GLN A CD  1 
ATOM   601 O OE1 . GLN A 1 78 ? 1.913   11.506  11.349  1.00 25.78 ? 102  GLN A OE1 1 
ATOM   602 N NE2 . GLN A 1 78 ? 2.246   12.258  13.436  1.00 23.79 ? 102  GLN A NE2 1 
ATOM   603 N N   . TYR A 1 79 ? 4.410   7.128   13.738  1.00 9.51  ? 103  TYR A N   1 
ATOM   604 C CA  . TYR A 1 79 ? 3.683   5.995   14.294  1.00 9.45  ? 103  TYR A CA  1 
ATOM   605 C C   . TYR A 1 79 ? 4.577   4.826   14.637  1.00 9.19  ? 103  TYR A C   1 
ATOM   606 O O   . TYR A 1 79 ? 4.159   3.959   15.406  1.00 11.13 ? 103  TYR A O   1 
ATOM   607 C CB  . TYR A 1 79 ? 2.566   5.573   13.351  1.00 9.57  ? 103  TYR A CB  1 
ATOM   608 C CG  . TYR A 1 79 ? 1.564   6.652   13.112  1.00 9.82  ? 103  TYR A CG  1 
ATOM   609 C CD1 . TYR A 1 79 ? 0.841   7.185   14.156  1.00 12.47 ? 103  TYR A CD1 1 
ATOM   610 C CD2 . TYR A 1 79 ? 1.366   7.186   11.861  1.00 12.82 ? 103  TYR A CD2 1 
ATOM   611 C CE1 . TYR A 1 79 ? -0.067  8.191   13.943  1.00 15.31 ? 103  TYR A CE1 1 
ATOM   612 C CE2 . TYR A 1 79 ? 0.462   8.198   11.618  1.00 14.81 ? 103  TYR A CE2 1 
ATOM   613 C CZ  . TYR A 1 79 ? -0.277  8.664   12.673  1.00 14.70 ? 103  TYR A CZ  1 
ATOM   614 O OH  . TYR A 1 79 ? -1.181  9.649   12.474  1.00 17.23 ? 103  TYR A OH  1 
ATOM   615 N N   . GLY A 1 80 ? 5.780   4.741   14.085  1.00 9.19  ? 104  GLY A N   1 
ATOM   616 C CA  . GLY A 1 80 ? 6.644   3.614   14.411  1.00 9.58  ? 104  GLY A CA  1 
ATOM   617 C C   . GLY A 1 80 ? 6.116   2.282   13.839  1.00 9.24  ? 104  GLY A C   1 
ATOM   618 O O   . GLY A 1 80 ? 5.760   1.358   14.586  1.00 11.84 ? 104  GLY A O   1 
ATOM   619 N N   . ILE A 1 81 ? 6.130   2.172   12.524  1.00 7.86  ? 105  ILE A N   1 
ATOM   620 C CA  . ILE A 1 81 ? 5.594   1.021   11.820  1.00 7.54  ? 105  ILE A CA  1 
ATOM   621 C C   . ILE A 1 81 ? 6.577   -0.152  11.932  1.00 7.20  ? 105  ILE A C   1 
ATOM   622 O O   . ILE A 1 81 ? 7.744   -0.024  11.539  1.00 8.53  ? 105  ILE A O   1 
ATOM   623 C CB  . ILE A 1 81 ? 5.357   1.336   10.350  1.00 7.12  ? 105  ILE A CB  1 
ATOM   624 C CG1 . ILE A 1 81 ? 4.423   2.531   10.136  1.00 7.31  ? 105  ILE A CG1 1 
ATOM   625 C CG2 . ILE A 1 81 ? 4.877   0.102   9.600   1.00 7.52  ? 105  ILE A CG2 1 
ATOM   626 C CD1 . ILE A 1 81 ? 3.078   2.385   10.835  1.00 8.39  ? 105  ILE A CD1 1 
ATOM   627 N N   . GLN A 1 82 ? 6.090   -1.268  12.477  1.00 6.79  ? 106  GLN A N   1 
ATOM   628 C CA  . GLN A 1 82 ? 6.852   -2.485  12.654  1.00 7.25  ? 106  GLN A CA  1 
ATOM   629 C C   . GLN A 1 82 ? 6.351   -3.503  11.640  1.00 6.28  ? 106  GLN A C   1 
ATOM   630 O O   . GLN A 1 82 ? 5.319   -4.164  11.821  1.00 6.95  ? 106  GLN A O   1 
ATOM   631 C CB  . GLN A 1 82 ? 6.689   -3.006  14.084  1.00 7.70  ? 106  GLN A CB  1 
ATOM   632 C CG  . GLN A 1 82 ? 7.107   -1.992  15.144  1.00 8.95  ? 106  GLN A CG  1 
ATOM   633 C CD  . GLN A 1 82 ? 8.529   -1.559  15.016  1.00 8.50  ? 106  GLN A CD  1 
ATOM   634 O OE1 . GLN A 1 82 ? 9.420   -2.344  14.640  1.00 11.06 ? 106  GLN A OE1 1 
ATOM   635 N NE2 . GLN A 1 82 ? 8.818   -0.338  15.389  1.00 10.06 ? 106  GLN A NE2 1 
ATOM   636 N N   . ILE A 1 83 ? 7.056   -3.645  10.525  1.00 6.68  ? 107  ILE A N   1 
ATOM   637 C CA  . ILE A 1 83 ? 6.645   -4.541  9.433   1.00 6.63  ? 107  ILE A CA  1 
ATOM   638 C C   . ILE A 1 83 ? 6.741   -5.986  9.879   1.00 7.03  ? 107  ILE A C   1 
ATOM   639 O O   . ILE A 1 83 ? 7.742   -6.399  10.452  1.00 7.52  ? 107  ILE A O   1 
ATOM   640 C CB  . ILE A 1 83 ? 7.530   -4.311  8.183   1.00 7.49  ? 107  ILE A CB  1 
ATOM   641 C CG1 . ILE A 1 83 ? 7.354   -2.860  7.662   1.00 7.60  ? 107  ILE A CG1 1 
ATOM   642 C CG2 . ILE A 1 83 ? 7.286   -5.360  7.119   1.00 8.46  ? 107  ILE A CG2 1 
ATOM   643 C CD1 . ILE A 1 83 ? 6.072   -2.636  6.978   1.00 8.46  ? 107  ILE A CD1 1 
ATOM   644 N N   . ILE A 1 84 ? 5.705   -6.760  9.588   1.00 7.00  ? 108  ILE A N   1 
ATOM   645 C CA  . ILE A 1 84 ? 5.686   -8.198  9.862   1.00 7.53  ? 108  ILE A CA  1 
ATOM   646 C C   . ILE A 1 84 ? 5.780   -9.002  8.566   1.00 7.85  ? 108  ILE A C   1 
ATOM   647 O O   . ILE A 1 84 ? 6.540   -9.941  8.493   1.00 9.26  ? 108  ILE A O   1 
ATOM   648 C CB  . ILE A 1 84 ? 4.442   -8.602  10.652  1.00 8.42  ? 108  ILE A CB  1 
ATOM   649 C CG1 . ILE A 1 84 ? 4.472   -7.927  12.021  1.00 10.52 ? 108  ILE A CG1 1 
ATOM   650 C CG2 . ILE A 1 84 ? 4.351   -10.130 10.844  1.00 10.03 ? 108  ILE A CG2 1 
ATOM   651 C CD1 . ILE A 1 84 ? 3.190   -7.986  12.751  1.00 13.49 ? 108  ILE A CD1 1 
ATOM   652 N N   . LYS A 1 85 ? 4.963   -8.656  7.575   1.00 7.30  ? 109  LYS A N   1 
ATOM   653 C CA  . LYS A 1 85 ? 4.833   -9.440  6.342   1.00 8.96  ? 109  LYS A CA  1 
ATOM   654 C C   . LYS A 1 85 ? 4.566   -8.476  5.195   1.00 7.56  ? 109  LYS A C   1 
ATOM   655 O O   . LYS A 1 85 ? 3.771   -7.551  5.337   1.00 7.50  ? 109  LYS A O   1 
ATOM   656 C CB  . LYS A 1 85 ? 3.540   -10.425 6.546   1.00 13.00 ? 109  LYS A CB  1 
ATOM   657 C CG  . LYS A 1 85 ? 3.341   -11.416 5.498   1.00 13.43 ? 109  LYS A CG  1 
ATOM   658 C CD  . LYS A 1 85 ? 2.008   -12.086 5.655   1.00 15.03 ? 109  LYS A CD  1 
ATOM   659 C CE  . LYS A 1 85 ? 1.838   -12.865 6.920   1.00 18.46 ? 109  LYS A CE  1 
ATOM   660 N NZ  . LYS A 1 85 ? 0.451   -13.474 7.174   1.00 20.04 ? 109  LYS A NZ  1 
ATOM   661 N N   . VAL A 1 86 ? 5.171   -8.744  4.024   1.00 6.88  ? 110  VAL A N   1 
ATOM   662 C CA  . VAL A 1 86 ? 4.877   -8.031  2.798   1.00 6.78  ? 110  VAL A CA  1 
ATOM   663 C C   . VAL A 1 86 ? 4.708   -9.027  1.664   1.00 6.86  ? 110  VAL A C   1 
ATOM   664 O O   . VAL A 1 86 ? 5.564   -9.900  1.482   1.00 7.69  ? 110  VAL A O   1 
ATOM   665 C CB  . VAL A 1 86 ? 6.014   -7.049  2.416   1.00 7.63  ? 110  VAL A CB  1 
ATOM   666 C CG1 . VAL A 1 86 ? 5.676   -6.265  1.135   1.00 8.68  ? 110  VAL A CG1 1 
ATOM   667 C CG2 . VAL A 1 86 ? 6.291   -6.069  3.564   1.00 8.18  ? 110  VAL A CG2 1 
ATOM   668 N N   . THR A 1 87 ? 3.601   -8.936  0.960   1.00 7.60  ? 111  THR A N   1 
ATOM   669 C CA  . THR A 1 87 ? 3.321   -9.783  -0.200  1.00 7.32  ? 111  THR A CA  1 
ATOM   670 C C   . THR A 1 87 ? 3.142   -8.906  -1.420  1.00 7.34  ? 111  THR A C   1 
ATOM   671 O O   . THR A 1 87 ? 2.308   -8.003  -1.435  1.00 8.29  ? 111  THR A O   1 
ATOM   672 C CB  . THR A 1 87 ? 2.071   -10.648 0.008   1.00 7.91  ? 111  THR A CB  1 
ATOM   673 O OG1 . THR A 1 87 ? 2.208   -11.348 1.251   1.00 8.95  ? 111  THR A OG1 1 
ATOM   674 C CG2 . THR A 1 87 ? 1.869   -11.604 -1.162  1.00 9.65  ? 111  THR A CG2 1 
ATOM   675 N N   . ARG A 1 88 ? 3.928   -9.196  -2.446  1.00 7.04  ? 112  ARG A N   1 
ATOM   676 C CA  . ARG A 1 88 ? 3.837   -8.466  -3.717  1.00 7.96  ? 112  ARG A CA  1 
ATOM   677 C C   . ARG A 1 88 ? 2.782   -9.076  -4.603  1.00 8.20  ? 112  ARG A C   1 
ATOM   678 O O   . ARG A 1 88 ? 2.781   -10.279 -4.881  1.00 9.86  ? 112  ARG A O   1 
ATOM   679 C CB  . ARG A 1 88 ? 5.171   -8.475  -4.420  1.00 9.15  ? 112  ARG A CB  1 
ATOM   680 C CG  . ARG A 1 88 ? 6.288   -7.845  -3.614  1.00 12.27 ? 112  ARG A CG  1 
ATOM   681 C CD  . ARG A 1 88 ? 7.637   -7.940  -4.285  1.00 15.92 ? 112  ARG A CD  1 
ATOM   682 N NE  . ARG A 1 88 ? 8.098   -9.315  -4.344  1.00 20.85 ? 112  ARG A NE  1 
ATOM   683 C CZ  . ARG A 1 88 ? 9.362   -9.669  -4.560  1.00 21.77 ? 112  ARG A CZ  1 
ATOM   684 N NH1 . ARG A 1 88 ? 10.323  -8.758  -4.734  1.00 23.20 ? 112  ARG A NH1 1 
ATOM   685 N NH2 . ARG A 1 88 ? 9.669   -10.973 -4.554  1.00 25.11 ? 112  ARG A NH2 1 
ATOM   686 N N   . LEU A 1 89 ? 1.831   -8.261  -5.050  1.00 9.07  ? 113  LEU A N   1 
ATOM   687 C CA  . LEU A 1 89 ? 0.780   -8.678  -5.992  1.00 10.77 ? 113  LEU A CA  1 
ATOM   688 C C   . LEU A 1 89 ? 1.005   -7.978  -7.327  1.00 11.68 ? 113  LEU A C   1 
ATOM   689 O O   . LEU A 1 89 ? 1.407   -6.835  -7.386  1.00 13.08 ? 113  LEU A O   1 
ATOM   690 C CB  . LEU A 1 89 ? -0.590  -8.312  -5.442  1.00 12.11 ? 113  LEU A CB  1 
ATOM   691 C CG  . LEU A 1 89 ? -0.930  -8.855  -4.066  1.00 12.12 ? 113  LEU A CG  1 
ATOM   692 C CD1 . LEU A 1 89 ? -2.343  -8.438  -3.668  1.00 15.71 ? 113  LEU A CD1 1 
ATOM   693 C CD2 . LEU A 1 89 ? -0.847  -10.380 -3.991  1.00 12.39 ? 113  LEU A CD2 1 
ATOM   694 N N   . PRO A 1 90 ? 0.691   -8.653  -8.430  1.00 13.84 ? 114  PRO A N   1 
ATOM   695 C CA  . PRO A 1 90 ? 0.238   -10.056 -8.537  1.00 12.13 ? 114  PRO A CA  1 
ATOM   696 C C   . PRO A 1 90 ? 1.311   -11.012 -8.054  1.00 10.64 ? 114  PRO A C   1 
ATOM   697 O O   . PRO A 1 90 ? 2.506   -10.880 -8.362  1.00 12.60 ? 114  PRO A O   1 
ATOM   698 C CB  . PRO A 1 90 ? -0.022  -10.225 -10.053 1.00 15.23 ? 114  PRO A CB  1 
ATOM   699 C CG  . PRO A 1 90 ? 0.850   -9.249  -10.676 1.00 18.24 ? 114  PRO A CG  1 
ATOM   700 C CD  . PRO A 1 90 ? 0.819   -8.041  -9.764  1.00 16.60 ? 114  PRO A CD  1 
ATOM   701 N N   . PHE A 1 91 ? 0.896   -12.023 -7.300  1.00 9.15  ? 115  PHE A N   1 
ATOM   702 C CA  . PHE A 1 91 ? 1.841   -12.910 -6.659  1.00 7.84  ? 115  PHE A CA  1 
ATOM   703 C C   . PHE A 1 91 ? 2.368   -13.993 -7.612  1.00 7.37  ? 115  PHE A C   1 
ATOM   704 O O   . PHE A 1 91 ? 3.563   -14.287 -7.621  1.00 8.36  ? 115  PHE A O   1 
ATOM   705 C CB  . PHE A 1 91 ? 1.255   -13.541 -5.410  1.00 7.97  ? 115  PHE A CB  1 
ATOM   706 C CG  . PHE A 1 91 ? 2.244   -14.394 -4.698  1.00 7.06  ? 115  PHE A CG  1 
ATOM   707 C CD1 . PHE A 1 91 ? 3.195   -13.825 -3.900  1.00 7.18  ? 115  PHE A CD1 1 
ATOM   708 C CD2 . PHE A 1 91 ? 2.271   -15.772 -4.899  1.00 7.13  ? 115  PHE A CD2 1 
ATOM   709 C CE1 . PHE A 1 91 ? 4.172   -14.601 -3.299  1.00 7.06  ? 115  PHE A CE1 1 
ATOM   710 C CE2 . PHE A 1 91 ? 3.242   -16.547 -4.311  1.00 7.86  ? 115  PHE A CE2 1 
ATOM   711 C CZ  . PHE A 1 91 ? 4.202   -15.970 -3.498  1.00 7.17  ? 115  PHE A CZ  1 
ATOM   712 N N   . TRP A 1 92 ? 1.469   -14.596 -8.340  1.00 8.24  ? 116  TRP A N   1 
ATOM   713 C CA  . TRP A 1 92 ? 1.801   -15.694 -9.218  1.00 9.22  ? 116  TRP A CA  1 
ATOM   714 C C   . TRP A 1 92 ? 2.040   -15.144 -10.588 1.00 13.19 ? 116  TRP A C   1 
ATOM   715 O O   . TRP A 1 92 ? 1.347   -14.236 -11.058 1.00 16.25 ? 116  TRP A O   1 
ATOM   716 C CB  . TRP A 1 92 ? 0.656   -16.707 -9.315  1.00 9.73  ? 116  TRP A CB  1 
ATOM   717 C CG  . TRP A 1 92 ? 0.249   -17.269 -7.997  1.00 8.77  ? 116  TRP A CG  1 
ATOM   718 C CD1 . TRP A 1 92 ? -0.855  -16.956 -7.280  1.00 9.94  ? 116  TRP A CD1 1 
ATOM   719 C CD2 . TRP A 1 92 ? 0.960   -18.254 -7.243  1.00 8.43  ? 116  TRP A CD2 1 
ATOM   720 N NE1 . TRP A 1 92 ? -0.887  -17.682 -6.095  1.00 10.11 ? 116  TRP A NE1 1 
ATOM   721 C CE2 . TRP A 1 92 ? 0.236   -18.478 -6.061  1.00 8.78  ? 116  TRP A CE2 1 
ATOM   722 C CE3 . TRP A 1 92 ? 2.161   -18.957 -7.430  1.00 9.41  ? 116  TRP A CE3 1 
ATOM   723 C CZ2 . TRP A 1 92 ? 0.666   -19.377 -5.082  1.00 9.87  ? 116  TRP A CZ2 1 
ATOM   724 C CZ3 . TRP A 1 92 ? 2.575   -19.839 -6.472  1.00 10.12 ? 116  TRP A CZ3 1 
ATOM   725 C CH2 . TRP A 1 92 ? 1.836   -20.059 -5.323  1.00 9.20  ? 116  TRP A CH2 1 
ATOM   726 N N   . ARG A 1 93 ? 2.920   -15.779 -11.322 1.00 18.56 ? 117  ARG A N   1 
ATOM   727 C CA  . ARG A 1 93 ? 3.040   -15.431 -12.729 1.00 22.41 ? 117  ARG A CA  1 
ATOM   728 C C   . ARG A 1 93 ? 3.520   -16.592 -13.595 1.00 23.60 ? 117  ARG A C   1 
ATOM   729 O O   . ARG A 1 93 ? 3.978   -17.592 -13.038 1.00 24.54 ? 117  ARG A O   1 
ATOM   730 C CB  . ARG A 1 93 ? 3.985   -14.281 -12.825 1.00 24.46 ? 117  ARG A CB  1 
ATOM   731 C CG  . ARG A 1 93 ? 5.274   -14.366 -12.023 1.00 26.66 ? 117  ARG A CG  1 
HETATM 732 S S   . SCN B 2 .  ? -9.763  3.446   -12.880 1.00 7.97  ? 1118 SCN A S   1 
HETATM 733 C C   . SCN B 2 .  ? -8.544  3.176   -11.726 1.00 7.12  ? 1118 SCN A C   1 
HETATM 734 N N   . SCN B 2 .  ? -7.703  3.009   -10.956 1.00 8.11  ? 1118 SCN A N   1 
HETATM 735 C C1  . EDO C 3 .  ? 10.524  -3.810  5.669   1.00 13.85 ? 1119 EDO A C1  1 
HETATM 736 O O1  . EDO C 3 .  ? 10.481  -5.034  5.070   1.00 11.73 ? 1119 EDO A O1  1 
HETATM 737 C C2  . EDO C 3 .  ? 9.517   -2.857  4.986   1.00 14.22 ? 1119 EDO A C2  1 
HETATM 738 O O2  . EDO C 3 .  ? 9.834   -2.599  3.715   1.00 11.50 ? 1119 EDO A O2  1 
HETATM 739 O O   . HOH D 4 .  ? 1.999   3.692   -18.486 1.00 14.90 ? 2001 HOH A O   1 
HETATM 740 O O   . HOH D 4 .  ? 5.196   1.784   -20.639 1.00 16.60 ? 2002 HOH A O   1 
HETATM 741 O O   . HOH D 4 .  ? 0.040   3.397   -16.567 1.00 11.64 ? 2003 HOH A O   1 
HETATM 742 O O   . HOH D 4 .  ? 4.403   4.847   -14.489 1.00 13.85 ? 2004 HOH A O   1 
HETATM 743 O O   . HOH D 4 .  ? -0.316  -5.766  -16.055 1.00 20.04 ? 2005 HOH A O   1 
HETATM 744 O O   . HOH D 4 .  ? -2.700  -1.941  -8.382  1.00 28.06 ? 2006 HOH A O   1 
HETATM 745 O O   . HOH D 4 .  ? -4.234  -4.621  -9.937  1.00 16.90 ? 2007 HOH A O   1 
HETATM 746 O O   . HOH D 4 .  ? 1.603   -5.801  -12.181 1.00 17.04 ? 2008 HOH A O   1 
HETATM 747 O O   . HOH D 4 .  ? 1.523   -0.093  -9.392  1.00 7.94  ? 2009 HOH A O   1 
HETATM 748 O O   . HOH D 4 .  ? 4.661   -6.574  -8.726  1.00 18.52 ? 2010 HOH A O   1 
HETATM 749 O O   . HOH D 4 .  ? 4.085   -5.818  -6.348  1.00 20.70 ? 2011 HOH A O   1 
HETATM 750 O O   . HOH D 4 .  ? -7.930  -4.433  -1.904  1.00 36.52 ? 2012 HOH A O   1 
HETATM 751 O O   . HOH D 4 .  ? -9.145  -3.470  -5.238  1.00 40.64 ? 2013 HOH A O   1 
HETATM 752 O O   . HOH D 4 .  ? -7.136  -1.978  -2.361  1.00 22.07 ? 2014 HOH A O   1 
HETATM 753 O O   . HOH D 4 .  ? -5.673  -3.464  -8.132  1.00 14.90 ? 2015 HOH A O   1 
HETATM 754 O O   . HOH D 4 .  ? -3.399  -8.368  -10.752 1.00 29.01 ? 2016 HOH A O   1 
HETATM 755 O O   . HOH D 4 .  ? -4.036  -10.327 -7.279  1.00 14.94 ? 2017 HOH A O   1 
HETATM 756 O O   . HOH D 4 .  ? 8.444   -3.563  -0.624  1.00 10.78 ? 2018 HOH A O   1 
HETATM 757 O O   . HOH D 4 .  ? 4.036   5.105   -17.260 1.00 18.29 ? 2019 HOH A O   1 
HETATM 758 O O   . HOH D 4 .  ? 3.854   4.206   -21.611 1.00 32.73 ? 2020 HOH A O   1 
HETATM 759 O O   . HOH D 4 .  ? 3.649   -7.165  -13.538 1.00 27.14 ? 2021 HOH A O   1 
HETATM 760 O O   . HOH D 4 .  ? 1.361   -9.777  3.405   1.00 11.15 ? 2022 HOH A O   1 
HETATM 761 O O   . HOH D 4 .  ? -4.439  -10.691 -9.991  1.00 21.78 ? 2023 HOH A O   1 
HETATM 762 O O   . HOH D 4 .  ? 0.833   -10.032 11.016  1.00 19.49 ? 2024 HOH A O   1 
HETATM 763 O O   . HOH D 4 .  ? -1.084  -13.255 9.978   1.00 33.82 ? 2025 HOH A O   1 
HETATM 764 O O   . HOH D 4 .  ? -1.821  -7.926  10.280  1.00 17.97 ? 2026 HOH A O   1 
HETATM 765 O O   . HOH D 4 .  ? -1.160  -10.834 4.113   1.00 21.73 ? 2027 HOH A O   1 
HETATM 766 O O   . HOH D 4 .  ? -1.116  -13.459 5.164   1.00 18.97 ? 2028 HOH A O   1 
HETATM 767 O O   . HOH D 4 .  ? 5.794   -6.578  15.017  1.00 20.20 ? 2029 HOH A O   1 
HETATM 768 O O   . HOH D 4 .  ? 5.774   -4.896  17.138  1.00 20.72 ? 2030 HOH A O   1 
HETATM 769 O O   . HOH D 4 .  ? 2.243   6.924   22.401  1.00 23.87 ? 2031 HOH A O   1 
HETATM 770 O O   . HOH D 4 .  ? 4.973   -9.184  15.836  1.00 27.46 ? 2032 HOH A O   1 
HETATM 771 O O   . HOH D 4 .  ? 0.561   -11.221 16.743  1.00 26.04 ? 2033 HOH A O   1 
HETATM 772 O O   . HOH D 4 .  ? 4.581   -2.313  17.683  1.00 25.07 ? 2034 HOH A O   1 
HETATM 773 O O   . HOH D 4 .  ? -15.546 6.059   9.112   1.00 25.50 ? 2035 HOH A O   1 
HETATM 774 O O   . HOH D 4 .  ? -15.837 2.400   11.069  1.00 25.31 ? 2036 HOH A O   1 
HETATM 775 O O   . HOH D 4 .  ? 3.284   0.883   21.750  1.00 18.01 ? 2037 HOH A O   1 
HETATM 776 O O   . HOH D 4 .  ? 3.653   4.379   22.328  1.00 16.18 ? 2038 HOH A O   1 
HETATM 777 O O   . HOH D 4 .  ? 5.776   0.107   21.196  1.00 29.91 ? 2039 HOH A O   1 
HETATM 778 O O   . HOH D 4 .  ? 8.137   -1.899  18.868  1.00 27.12 ? 2040 HOH A O   1 
HETATM 779 O O   . HOH D 4 .  ? 9.729   2.095   16.504  1.00 29.36 ? 2041 HOH A O   1 
HETATM 780 O O   . HOH D 4 .  ? 8.706   3.668   17.358  1.00 26.51 ? 2042 HOH A O   1 
HETATM 781 O O   . HOH D 4 .  ? -2.903  7.564   4.141   1.00 22.76 ? 2043 HOH A O   1 
HETATM 782 O O   . HOH D 4 .  ? 6.268   4.780   21.384  1.00 27.42 ? 2044 HOH A O   1 
HETATM 783 O O   . HOH D 4 .  ? -10.500 -6.080  15.617  1.00 20.51 ? 2045 HOH A O   1 
HETATM 784 O O   . HOH D 4 .  ? -7.175  6.976   13.980  1.00 20.83 ? 2046 HOH A O   1 
HETATM 785 O O   . HOH D 4 .  ? -7.213  3.860   18.970  1.00 10.22 ? 2047 HOH A O   1 
HETATM 786 O O   . HOH D 4 .  ? -7.750  1.232   13.916  1.00 19.07 ? 2048 HOH A O   1 
HETATM 787 O O   . HOH D 4 .  ? -2.772  9.846   -1.326  1.00 20.08 ? 2049 HOH A O   1 
HETATM 788 O O   . HOH D 4 .  ? -2.357  11.205  -3.610  1.00 32.80 ? 2050 HOH A O   1 
HETATM 789 O O   . HOH D 4 .  ? -3.869  7.883   -4.779  1.00 16.81 ? 2051 HOH A O   1 
HETATM 790 O O   . HOH D 4 .  ? -13.845 4.520   10.841  1.00 37.22 ? 2052 HOH A O   1 
HETATM 791 O O   . HOH D 4 .  ? -14.065 7.258   11.073  1.00 56.27 ? 2053 HOH A O   1 
HETATM 792 O O   . HOH D 4 .  ? -9.635  0.006   0.437   1.00 35.42 ? 2054 HOH A O   1 
HETATM 793 O O   . HOH D 4 .  ? -5.467  10.554  10.934  1.00 39.58 ? 2055 HOH A O   1 
HETATM 794 O O   . HOH D 4 .  ? -1.896  4.948   3.910   1.00 8.64  ? 2056 HOH A O   1 
HETATM 795 O O   . HOH D 4 .  ? -7.729  2.305   3.173   1.00 34.61 ? 2057 HOH A O   1 
HETATM 796 O O   . HOH D 4 .  ? -6.935  -0.210  4.345   1.00 24.58 ? 2058 HOH A O   1 
HETATM 797 O O   . HOH D 4 .  ? -8.958  2.363   7.571   1.00 23.21 ? 2059 HOH A O   1 
HETATM 798 O O   . HOH D 4 .  ? -10.385 -1.551  10.902  1.00 17.82 ? 2060 HOH A O   1 
HETATM 799 O O   . HOH D 4 .  ? -9.454  -7.609  13.671  1.00 33.95 ? 2061 HOH A O   1 
HETATM 800 O O   . HOH D 4 .  ? -8.389  -7.964  8.978   1.00 32.16 ? 2062 HOH A O   1 
HETATM 801 O O   . HOH D 4 .  ? -10.655 -5.322  9.917   1.00 27.99 ? 2063 HOH A O   1 
HETATM 802 O O   . HOH D 4 .  ? -4.147  -4.548  16.138  1.00 17.61 ? 2064 HOH A O   1 
HETATM 803 O O   . HOH D 4 .  ? -8.938  -4.698  17.538  1.00 22.75 ? 2065 HOH A O   1 
HETATM 804 O O   . HOH D 4 .  ? -9.069  -11.423 22.444  1.00 22.88 ? 2066 HOH A O   1 
HETATM 805 O O   . HOH D 4 .  ? 9.857   5.892   -9.456  1.00 26.56 ? 2067 HOH A O   1 
HETATM 806 O O   . HOH D 4 .  ? 12.012  6.071   -4.980  1.00 28.61 ? 2068 HOH A O   1 
HETATM 807 O O   . HOH D 4 .  ? -3.204  -7.072  16.886  1.00 18.49 ? 2069 HOH A O   1 
HETATM 808 O O   . HOH D 4 .  ? -1.384  -2.885  15.513  1.00 17.20 ? 2070 HOH A O   1 
HETATM 809 O O   . HOH D 4 .  ? -1.408  9.772   2.942   1.00 28.31 ? 2071 HOH A O   1 
HETATM 810 O O   . HOH D 4 .  ? 8.501   -9.506  13.092  1.00 32.67 ? 2072 HOH A O   1 
HETATM 811 O O   . HOH D 4 .  ? -5.913  -1.236  2.082   1.00 10.62 ? 2073 HOH A O   1 
HETATM 812 O O   . HOH D 4 .  ? 13.563  -6.008  -4.814  1.00 41.39 ? 2074 HOH A O   1 
HETATM 813 O O   . HOH D 4 .  ? -1.727  4.872   -3.071  1.00 8.16  ? 2075 HOH A O   1 
HETATM 814 O O   . HOH D 4 .  ? 2.143   2.082   -7.668  1.00 7.29  ? 2076 HOH A O   1 
HETATM 815 O O   . HOH D 4 .  ? -0.174  -10.827 -13.533 1.00 32.80 ? 2077 HOH A O   1 
HETATM 816 O O   . HOH D 4 .  ? 1.686   9.858   -3.800  1.00 18.83 ? 2078 HOH A O   1 
HETATM 817 O O   . HOH D 4 .  ? -1.862  7.722   -2.975  1.00 12.88 ? 2079 HOH A O   1 
HETATM 818 O O   . HOH D 4 .  ? 0.760   5.772   4.218   1.00 8.89  ? 2080 HOH A O   1 
HETATM 819 O O   . HOH D 4 .  ? -6.874  -0.131  -0.304  1.00 15.52 ? 2081 HOH A O   1 
HETATM 820 O O   . HOH D 4 .  ? -9.019  -0.889  -4.829  1.00 24.04 ? 2082 HOH A O   1 
HETATM 821 O O   . HOH D 4 .  ? -4.058  5.027   -4.723  1.00 7.60  ? 2083 HOH A O   1 
HETATM 822 O O   . HOH D 4 .  ? -10.873 3.616   -2.088  1.00 40.74 ? 2084 HOH A O   1 
HETATM 823 O O   . HOH D 4 .  ? -10.422 6.427   -2.378  1.00 30.07 ? 2085 HOH A O   1 
HETATM 824 O O   . HOH D 4 .  ? -9.283  -3.676  -9.578  1.00 24.55 ? 2086 HOH A O   1 
HETATM 825 O O   . HOH D 4 .  ? -4.247  4.813   -7.445  1.00 8.68  ? 2087 HOH A O   1 
HETATM 826 O O   . HOH D 4 .  ? -5.550  4.699   -10.426 1.00 8.97  ? 2088 HOH A O   1 
HETATM 827 O O   . HOH D 4 .  ? -6.319  -6.054  -14.999 1.00 33.86 ? 2089 HOH A O   1 
HETATM 828 O O   . HOH D 4 .  ? -3.042  11.088  -7.667  1.00 12.21 ? 2090 HOH A O   1 
HETATM 829 O O   . HOH D 4 .  ? 4.198   8.141   -12.567 1.00 14.59 ? 2091 HOH A O   1 
HETATM 830 O O   . HOH D 4 .  ? -3.605  -1.646  -22.267 1.00 15.03 ? 2092 HOH A O   1 
HETATM 831 O O   . HOH D 4 .  ? -5.531  2.696   -23.338 1.00 15.72 ? 2093 HOH A O   1 
HETATM 832 O O   . HOH D 4 .  ? -9.947  1.356   -21.814 1.00 9.64  ? 2094 HOH A O   1 
HETATM 833 O O   . HOH D 4 .  ? -11.209 -5.676  -17.545 1.00 24.61 ? 2095 HOH A O   1 
HETATM 834 O O   . HOH D 4 .  ? -3.234  -5.561  -16.985 1.00 19.40 ? 2096 HOH A O   1 
HETATM 835 O O   . HOH D 4 .  ? -2.932  7.900   -20.215 1.00 28.97 ? 2097 HOH A O   1 
HETATM 836 O O   . HOH D 4 .  ? 1.142   4.901   -20.821 1.00 30.82 ? 2098 HOH A O   1 
HETATM 837 O O   . HOH D 4 .  ? 0.160   6.139   -19.051 1.00 22.52 ? 2099 HOH A O   1 
HETATM 838 O O   . HOH D 4 .  ? -5.962  4.986   -22.215 1.00 21.79 ? 2100 HOH A O   1 
HETATM 839 O O   . HOH D 4 .  ? -0.827  10.311  -18.786 1.00 21.93 ? 2101 HOH A O   1 
HETATM 840 O O   . HOH D 4 .  ? 2.581   7.451   -18.542 1.00 30.51 ? 2102 HOH A O   1 
HETATM 841 O O   . HOH D 4 .  ? 5.698   4.204   -10.477 1.00 17.04 ? 2103 HOH A O   1 
HETATM 842 O O   . HOH D 4 .  ? 3.633   9.087   -6.882  1.00 23.54 ? 2104 HOH A O   1 
HETATM 843 O O   . HOH D 4 .  ? 6.340   8.649   -3.588  1.00 18.46 ? 2105 HOH A O   1 
HETATM 844 O O   . HOH D 4 .  ? 8.220   9.872   -10.914 1.00 33.85 ? 2106 HOH A O   1 
HETATM 845 O O   . HOH D 4 .  ? 5.225   9.765   -10.628 1.00 26.84 ? 2107 HOH A O   1 
HETATM 846 O O   . HOH D 4 .  ? 7.961   3.762   -8.556  1.00 18.62 ? 2108 HOH A O   1 
HETATM 847 O O   . HOH D 4 .  ? 10.457  1.412   -6.396  1.00 27.46 ? 2109 HOH A O   1 
HETATM 848 O O   . HOH D 4 .  ? 11.794  3.751   -6.522  1.00 32.99 ? 2110 HOH A O   1 
HETATM 849 O O   . HOH D 4 .  ? 11.643  -0.688  -1.091  1.00 9.47  ? 2111 HOH A O   1 
HETATM 850 O O   . HOH D 4 .  ? 10.847  6.932   -2.832  1.00 23.99 ? 2112 HOH A O   1 
HETATM 851 O O   . HOH D 4 .  ? 14.602  2.765   -1.868  1.00 25.84 ? 2113 HOH A O   1 
HETATM 852 O O   . HOH D 4 .  ? 6.729   9.867   1.165   1.00 28.24 ? 2114 HOH A O   1 
HETATM 853 O O   . HOH D 4 .  ? 9.539   8.980   0.625   1.00 14.17 ? 2115 HOH A O   1 
HETATM 854 O O   . HOH D 4 .  ? 7.539   4.208   11.010  1.00 10.65 ? 2116 HOH A O   1 
HETATM 855 O O   . HOH D 4 .  ? 9.082   10.969  6.757   1.00 15.70 ? 2117 HOH A O   1 
HETATM 856 O O   . HOH D 4 .  ? 8.204   9.615   3.080   1.00 26.60 ? 2118 HOH A O   1 
HETATM 857 O O   . HOH D 4 .  ? 5.298   10.563  10.122  1.00 18.49 ? 2119 HOH A O   1 
HETATM 858 O O   . HOH D 4 .  ? 3.790   11.618  5.867   1.00 35.50 ? 2120 HOH A O   1 
HETATM 859 O O   . HOH D 4 .  ? 1.800   9.906   8.812   1.00 25.45 ? 2121 HOH A O   1 
HETATM 860 O O   . HOH D 4 .  ? 0.737   8.576   4.134   1.00 17.19 ? 2122 HOH A O   1 
HETATM 861 O O   . HOH D 4 .  ? 3.968   10.598  -2.664  1.00 32.00 ? 2123 HOH A O   1 
HETATM 862 O O   . HOH D 4 .  ? 1.268   11.602  -1.278  1.00 29.71 ? 2124 HOH A O   1 
HETATM 863 O O   . HOH D 4 .  ? -0.730  7.795   6.888   1.00 25.35 ? 2125 HOH A O   1 
HETATM 864 O O   . HOH D 4 .  ? 9.509   5.586   13.181  1.00 14.78 ? 2126 HOH A O   1 
HETATM 865 O O   . HOH D 4 .  ? 11.637  10.382  7.883   1.00 9.78  ? 2127 HOH A O   1 
HETATM 866 O O   . HOH D 4 .  ? 9.529   -1.927  10.593  1.00 7.53  ? 2128 HOH A O   1 
HETATM 867 O O   . HOH D 4 .  ? 9.595   -5.041  14.702  1.00 13.63 ? 2129 HOH A O   1 
HETATM 868 O O   . HOH D 4 .  ? 10.092  -3.354  18.045  1.00 39.65 ? 2130 HOH A O   1 
HETATM 869 O O   . HOH D 4 .  ? 9.735   -7.992  9.265   1.00 19.04 ? 2131 HOH A O   1 
HETATM 870 O O   . HOH D 4 .  ? 7.980   -6.586  13.260  1.00 14.59 ? 2132 HOH A O   1 
HETATM 871 O O   . HOH D 4 .  ? 8.376   -10.561 10.568  1.00 21.35 ? 2133 HOH A O   1 
HETATM 872 O O   . HOH D 4 .  ? 6.771   -12.635 7.913   1.00 20.67 ? 2134 HOH A O   1 
HETATM 873 O O   . HOH D 4 .  ? 7.373   -10.634 4.216   1.00 14.87 ? 2135 HOH A O   1 
HETATM 874 O O   . HOH D 4 .  ? 7.938   -11.267 1.492   1.00 19.46 ? 2136 HOH A O   1 
HETATM 875 O O   . HOH D 4 .  ? 12.995  -8.675  -5.974  1.00 34.83 ? 2137 HOH A O   1 
HETATM 876 O O   . HOH D 4 .  ? 9.150   -12.217 -7.842  1.00 28.69 ? 2138 HOH A O   1 
HETATM 877 O O   . HOH D 4 .  ? 4.718   -9.120  -8.157  1.00 23.52 ? 2139 HOH A O   1 
HETATM 878 O O   . HOH D 4 .  ? -1.214  -13.751 -9.308  1.00 14.83 ? 2140 HOH A O   1 
HETATM 879 O O   . HOH D 4 .  ? -0.652  -13.064 -12.034 1.00 24.99 ? 2141 HOH A O   1 
HETATM 880 O O   . HOH D 4 .  ? 4.484   -17.709 -9.965  1.00 19.46 ? 2142 HOH A O   1 
HETATM 881 O O   . HOH D 4 .  ? 5.153   -17.034 -16.079 1.00 32.37 ? 2143 HOH A O   1 
HETATM 882 O O   . HOH D 4 .  ? 10.091  -7.486  6.141   1.00 18.15 ? 2144 HOH A O   1 
# 
loop_
_atom_site_anisotrop.id 
_atom_site_anisotrop.type_symbol 
_atom_site_anisotrop.pdbx_label_atom_id 
_atom_site_anisotrop.pdbx_label_alt_id 
_atom_site_anisotrop.pdbx_label_comp_id 
_atom_site_anisotrop.pdbx_label_asym_id 
_atom_site_anisotrop.pdbx_label_seq_id 
_atom_site_anisotrop.pdbx_PDB_ins_code 
_atom_site_anisotrop.U[1][1] 
_atom_site_anisotrop.U[2][2] 
_atom_site_anisotrop.U[3][3] 
_atom_site_anisotrop.U[1][2] 
_atom_site_anisotrop.U[1][3] 
_atom_site_anisotrop.U[2][3] 
_atom_site_anisotrop.pdbx_auth_seq_id 
_atom_site_anisotrop.pdbx_auth_comp_id 
_atom_site_anisotrop.pdbx_auth_asym_id 
_atom_site_anisotrop.pdbx_auth_atom_id 
1   N N   . GLU A 1  ? 0.1444 0.1909 0.1396 0.0372  0.0247  0.0170  25   GLU A N   
2   C CA  . GLU A 1  ? 0.1230 0.1834 0.1255 0.0374  0.0206  -0.0063 25   GLU A CA  
3   C C   . GLU A 1  ? 0.1066 0.1749 0.1206 0.0363  0.0157  -0.0114 25   GLU A C   
4   O O   . GLU A 1  ? 0.1168 0.1724 0.1565 0.0426  0.0162  0.0017  25   GLU A O   
5   C CB  . GLU A 1  ? 0.1203 0.1777 0.1333 0.0407  0.0290  -0.0012 25   GLU A CB  
6   C CG  . GLU A 1  ? 0.1251 0.1796 0.1494 0.0184  0.0174  -0.0002 25   GLU A CG  
7   C CD  . GLU A 1  ? 0.1205 0.1646 0.1556 0.0324  0.0186  -0.0036 25   GLU A CD  
8   O OE1 . GLU A 1  ? 0.1293 0.1681 0.1768 0.0210  0.0090  0.0248  25   GLU A OE1 
9   O OE2 . GLU A 1  ? 0.1707 0.2132 0.2110 0.0489  -0.0123 -0.0453 25   GLU A OE2 
10  N N   . CYS A 2  ? 0.0959 0.1690 0.0986 0.0441  0.0121  -0.0195 26   CYS A N   
11  C CA  . CYS A 2  ? 0.1026 0.1727 0.0990 0.0302  0.0089  -0.0179 26   CYS A CA  
12  C C   . CYS A 2  ? 0.0819 0.1732 0.0910 0.0349  0.0024  -0.0152 26   CYS A C   
13  O O   . CYS A 2  ? 0.0915 0.1972 0.0881 0.0483  0.0062  -0.0138 26   CYS A O   
14  C CB  . CYS A 2  ? 0.1141 0.1829 0.1099 0.0221  0.0142  -0.0364 26   CYS A CB  
15  S SG  . CYS A 2  ? 0.1449 0.2294 0.1259 0.0706  0.0011  -0.0625 26   CYS A SG  
16  N N   . CYS A 3  ? 0.0779 0.1504 0.0833 0.0254  0.0020  -0.0100 27   CYS A N   
17  C CA  . CYS A 3  ? 0.0842 0.1307 0.0875 0.0174  -0.0002 -0.0143 27   CYS A CA  
18  C C   . CYS A 3  ? 0.0882 0.1101 0.0830 0.0191  -0.0014 -0.0152 27   CYS A C   
19  O O   . CYS A 3  ? 0.0908 0.1008 0.0843 0.0132  0.0041  -0.0089 27   CYS A O   
20  C CB  . CYS A 3  ? 0.0820 0.1251 0.0965 0.0183  0.0038  -0.0022 27   CYS A CB  
21  S SG  . CYS A 3  ? 0.0851 0.1514 0.0969 0.0155  0.0080  0.0079  27   CYS A SG  
22  N N   . THR A 4  ? 0.1009 0.1197 0.0958 0.0270  -0.0036 -0.0119 28   THR A N   
23  C CA  . THR A 4  ? 0.1050 0.1156 0.1173 0.0123  -0.0126 -0.0236 28   THR A CA  
24  C C   . THR A 4  ? 0.1060 0.1063 0.1091 0.0129  -0.0073 -0.0169 28   THR A C   
25  O O   . THR A 4  ? 0.1189 0.1220 0.1477 0.0060  -0.0096 -0.0034 28   THR A O   
26  C CB  . THR A 4  ? 0.1452 0.1581 0.1317 0.0079  -0.0222 -0.0357 28   THR A CB  
27  O OG1 . THR A 4  ? 0.1693 0.1662 0.1729 0.0483  -0.0171 -0.0498 28   THR A OG1 
28  C CG2 . THR A 4  ? 0.1556 0.1828 0.1584 -0.0058 -0.0384 -0.0425 28   THR A CG2 
29  N N   . SER A 5  ? 0.0979 0.1014 0.0794 0.0115  -0.0034 -0.0132 29   SER A N   
30  C CA  . SER A 5  ? 0.1032 0.0925 0.0832 0.0178  0.0022  -0.0148 29   SER A CA  
31  C C   . SER A 5  ? 0.0843 0.0864 0.0803 0.0114  0.0074  -0.0052 29   SER A C   
32  O O   . SER A 5  ? 0.0959 0.0917 0.0878 0.0128  0.0162  -0.0090 29   SER A O   
33  C CB  . SER A 5  ? 0.1102 0.1044 0.0919 0.0295  0.0057  -0.0076 29   SER A CB  
34  O OG  . SER A 5  ? 0.1275 0.1505 0.1112 0.0345  0.0139  -0.0134 29   SER A OG  
35  N N   . ARG A 6  ? 0.1008 0.0923 0.0757 0.0088  0.0074  -0.0114 30   ARG A N   
36  C CA  A ARG A 6  ? 0.1000 0.0947 0.0793 0.0085  0.0059  -0.0096 30   ARG A CA  
37  C CA  B ARG A 6  ? 0.1002 0.0963 0.0813 0.0073  0.0063  -0.0086 30   ARG A CA  
38  C C   . ARG A 6  ? 0.0869 0.0907 0.0729 0.0008  0.0080  -0.0063 30   ARG A C   
39  O O   . ARG A 6  ? 0.1341 0.0888 0.0862 0.0169  -0.0007 -0.0112 30   ARG A O   
40  C CB  A ARG A 6  ? 0.1167 0.1409 0.1085 0.0032  0.0103  -0.0116 30   ARG A CB  
41  C CB  B ARG A 6  ? 0.1197 0.1468 0.1106 0.0055  0.0103  -0.0213 30   ARG A CB  
42  C CG  A ARG A 6  ? 0.1479 0.0961 0.1268 0.0231  0.0131  -0.0106 30   ARG A CG  
43  C CG  B ARG A 6  ? 0.1653 0.1587 0.1787 0.0074  0.0009  -0.0026 30   ARG A CG  
44  C CD  A ARG A 6  ? 0.1089 0.1392 0.1437 0.0006  0.0297  -0.0150 30   ARG A CD  
45  C CD  B ARG A 6  ? 0.2143 0.1616 0.1631 -0.0018 -0.0293 0.0341  30   ARG A CD  
46  N NE  A ARG A 6  ? 0.1678 0.1592 0.1503 0.0015  -0.0004 -0.0121 30   ARG A NE  
47  N NE  B ARG A 6  ? 0.1943 0.2384 0.1954 -0.0078 -0.0320 0.0079  30   ARG A NE  
48  C CZ  A ARG A 6  ? 0.1410 0.1843 0.1829 0.0184  0.0026  -0.0113 30   ARG A CZ  
49  C CZ  B ARG A 6  ? 0.1471 0.2065 0.1999 -0.0001 -0.0284 0.0550  30   ARG A CZ  
50  N NH1 A ARG A 6  ? 0.1491 0.1536 0.1817 0.0090  0.0280  -0.0082 30   ARG A NH1 
51  N NH1 B ARG A 6  ? 0.2247 0.2220 0.1980 0.0226  -0.0401 0.0005  30   ARG A NH1 
52  N NH2 A ARG A 6  ? 0.2114 0.1912 0.2242 -0.0120 -0.0040 -0.0136 30   ARG A NH2 
53  N NH2 B ARG A 6  ? 0.2666 0.1817 0.2269 -0.0089 -0.0463 -0.0195 30   ARG A NH2 
54  N N   . GLU A 7  ? 0.0896 0.0825 0.0798 0.0029  0.0058  -0.0052 31   GLU A N   
55  C CA  . GLU A 7  ? 0.0733 0.0807 0.0782 0.0049  0.0062  -0.0049 31   GLU A CA  
56  C C   . GLU A 7  ? 0.0768 0.0855 0.0872 0.0058  0.0076  -0.0096 31   GLU A C   
57  O O   . GLU A 7  ? 0.0829 0.0904 0.1035 0.0152  0.0160  0.0037  31   GLU A O   
58  C CB  . GLU A 7  ? 0.0851 0.0817 0.0900 0.0013  0.0112  -0.0067 31   GLU A CB  
59  C CG  . GLU A 7  ? 0.0914 0.0909 0.0872 0.0095  0.0058  -0.0151 31   GLU A CG  
60  C CD  . GLU A 7  ? 0.0966 0.0975 0.0900 0.0150  0.0071  -0.0150 31   GLU A CD  
61  O OE1 . GLU A 7  ? 0.0827 0.1027 0.0970 0.0083  -0.0013 0.0024  31   GLU A OE1 
62  O OE2 . GLU A 7  ? 0.0866 0.1353 0.1311 0.0159  0.0173  -0.0384 31   GLU A OE2 
63  N N   . LEU A 8  ? 0.0845 0.0819 0.0776 0.0040  0.0041  -0.0044 32   LEU A N   
64  C CA  . LEU A 8  ? 0.0945 0.0931 0.0861 0.0031  0.0050  0.0026  32   LEU A CA  
65  C C   . LEU A 8  ? 0.0815 0.0893 0.0746 0.0116  0.0065  0.0033  32   LEU A C   
66  O O   . LEU A 8  ? 0.1109 0.0993 0.0967 0.0309  -0.0091 -0.0136 32   LEU A O   
67  C CB  A LEU A 8  ? 0.1111 0.0976 0.0871 -0.0075 0.0048  0.0102  32   LEU A CB  
68  C CB  B LEU A 8  ? 0.1245 0.1006 0.0896 -0.0132 0.0029  0.0071  32   LEU A CB  
69  C CG  A LEU A 8  ? 0.0946 0.0962 0.1045 0.0057  -0.0051 -0.0058 32   LEU A CG  
70  C CG  B LEU A 8  ? 0.1401 0.1114 0.1200 -0.0119 -0.0119 0.0006  32   LEU A CG  
71  C CD1 A LEU A 8  ? 0.1222 0.0988 0.1262 0.0002  0.0139  -0.0212 32   LEU A CD1 
72  C CD2 A LEU A 8  ? 0.1254 0.1365 0.1573 0.0257  -0.0083 -0.0194 32   LEU A CD2 
73  N N   . VAL A 9  ? 0.0788 0.0928 0.0750 0.0124  0.0024  0.0014  33   VAL A N   
74  C CA  . VAL A 9  ? 0.0915 0.0937 0.0705 0.0177  0.0023  -0.0016 33   VAL A CA  
75  C C   . VAL A 9  ? 0.0785 0.0977 0.0814 0.0108  0.0032  -0.0035 33   VAL A C   
76  O O   . VAL A 9  ? 0.0900 0.1088 0.0915 0.0257  0.0139  0.0079  33   VAL A O   
77  C CB  . VAL A 9  ? 0.0876 0.0996 0.0797 0.0190  0.0133  0.0067  33   VAL A CB  
78  C CG1 . VAL A 9  ? 0.0991 0.1324 0.0908 -0.0030 0.0008  -0.0074 33   VAL A CG1 
79  C CG2 . VAL A 9  ? 0.1128 0.1168 0.0818 -0.0063 0.0141  -0.0025 33   VAL A CG2 
80  N N   . GLU A 10 ? 0.0839 0.0862 0.0754 0.0056  0.0115  0.0021  34   GLU A N   
81  C CA  . GLU A 10 ? 0.0922 0.0875 0.0761 0.0026  0.0045  -0.0059 34   GLU A CA  
82  C C   . GLU A 10 ? 0.0848 0.0978 0.0865 0.0001  0.0088  0.0043  34   GLU A C   
83  O O   . GLU A 10 ? 0.0773 0.1035 0.0772 -0.0005 0.0012  0.0061  34   GLU A O   
84  C CB  . GLU A 10 ? 0.1252 0.0973 0.0985 0.0057  0.0168  -0.0046 34   GLU A CB  
85  C CG  . GLU A 10 ? 0.1771 0.1526 0.1618 0.0007  0.0172  -0.0151 34   GLU A CG  
86  C CD  . GLU A 10 ? 0.2280 0.1816 0.2057 -0.0312 0.0123  -0.0351 34   GLU A CD  
87  O OE1 . GLU A 10 ? 0.3392 0.2120 0.2549 -0.0159 0.0112  -0.0049 34   GLU A OE1 
88  O OE2 . GLU A 10 ? 0.2768 0.2235 0.2506 -0.0637 0.0117  -0.0511 34   GLU A OE2 
89  N N   . PHE A 11 ? 0.0834 0.0904 0.0750 -0.0040 0.0036  0.0044  35   PHE A N   
90  C CA  . PHE A 11 ? 0.0790 0.0995 0.0796 -0.0044 0.0111  -0.0005 35   PHE A CA  
91  C C   . PHE A 11 ? 0.0732 0.0925 0.0763 -0.0002 0.0090  -0.0025 35   PHE A C   
92  O O   . PHE A 11 ? 0.0865 0.1222 0.0858 -0.0108 0.0140  0.0001  35   PHE A O   
93  C CB  . PHE A 11 ? 0.0764 0.0969 0.0769 -0.0066 0.0100  -0.0041 35   PHE A CB  
94  C CG  . PHE A 11 ? 0.0816 0.0938 0.0775 -0.0071 0.0065  0.0053  35   PHE A CG  
95  C CD1 . PHE A 11 ? 0.0985 0.0884 0.0747 0.0020  0.0132  0.0043  35   PHE A CD1 
96  C CD2 . PHE A 11 ? 0.0765 0.0970 0.0855 -0.0033 0.0169  -0.0066 35   PHE A CD2 
97  C CE1 . PHE A 11 ? 0.0924 0.0955 0.0851 -0.0109 0.0029  0.0030  35   PHE A CE1 
98  C CE2 . PHE A 11 ? 0.0871 0.0856 0.0766 0.0000  0.0156  0.0007  35   PHE A CE2 
99  C CZ  . PHE A 11 ? 0.0951 0.0933 0.0893 -0.0028 0.0194  0.0052  35   PHE A CZ  
100 N N   . LYS A 12 ? 0.0830 0.1214 0.0713 -0.0063 0.0117  -0.0026 36   LYS A N   
101 C CA  . LYS A 12 ? 0.0882 0.1220 0.0711 -0.0090 0.0134  -0.0040 36   LYS A CA  
102 C C   . LYS A 12 ? 0.0913 0.1243 0.0729 -0.0087 0.0169  -0.0118 36   LYS A C   
103 O O   . LYS A 12 ? 0.0808 0.1341 0.0819 -0.0130 0.0195  -0.0139 36   LYS A O   
104 C CB  . LYS A 12 ? 0.0980 0.1202 0.0759 0.0007  0.0146  -0.0087 36   LYS A CB  
105 C CG  . LYS A 12 ? 0.1325 0.1326 0.0955 0.0000  0.0037  0.0005  36   LYS A CG  
106 C CD  . LYS A 12 ? 0.1504 0.1452 0.1330 -0.0069 -0.0043 0.0001  36   LYS A CD  
107 C CE  . LYS A 12 ? 0.1916 0.1463 0.1687 0.0053  0.0055  0.0256  36   LYS A CE  
108 N NZ  . LYS A 12 ? 0.2254 0.1670 0.2184 0.0045  -0.0143 0.0515  36   LYS A NZ  
109 N N   . MET A 13 ? 0.1055 0.1118 0.0810 -0.0116 0.0207  -0.0083 37   MET A N   
110 C CA  . MET A 13 ? 0.1143 0.1197 0.0967 -0.0029 0.0185  -0.0067 37   MET A CA  
111 C C   . MET A 13 ? 0.1145 0.1323 0.0881 0.0026  0.0191  -0.0111 37   MET A C   
112 O O   . MET A 13 ? 0.1279 0.1448 0.0909 0.0042  0.0331  -0.0125 37   MET A O   
113 C CB  . MET A 13 ? 0.1574 0.1082 0.1027 0.0067  0.0086  0.0053  37   MET A CB  
114 C CG  . MET A 13 ? 0.1162 0.1259 0.1162 0.0075  0.0218  -0.0079 37   MET A CG  
115 S SD  . MET A 13 ? 0.0875 0.1207 0.1463 -0.0066 0.0264  -0.0238 37   MET A SD  
116 C CE  . MET A 13 ? 0.1248 0.1099 0.1170 -0.0109 0.0300  -0.0248 37   MET A CE  
117 N N   . ASP A 14 ? 0.1135 0.1562 0.0755 -0.0073 0.0227  -0.0008 38   ASP A N   
118 C CA  . ASP A 14 ? 0.1256 0.1675 0.0985 -0.0034 0.0080  -0.0061 38   ASP A CA  
119 C C   . ASP A 14 ? 0.1169 0.1504 0.0923 -0.0125 0.0169  -0.0175 38   ASP A C   
120 O O   . ASP A 14 ? 0.1417 0.1776 0.0813 0.0012  0.0241  -0.0097 38   ASP A O   
121 C CB  . ASP A 14 ? 0.1385 0.1931 0.1085 -0.0082 0.0110  -0.0225 38   ASP A CB  
122 C CG  . ASP A 14 ? 0.1572 0.2133 0.1671 -0.0119 0.0128  -0.0351 38   ASP A CG  
123 O OD1 . ASP A 14 ? 0.1765 0.2405 0.1884 0.0268  0.0074  -0.0035 38   ASP A OD1 
124 O OD2 . ASP A 14 ? 0.2155 0.3177 0.2681 0.0336  0.0656  -0.0421 38   ASP A OD2 
125 N N   . ARG A 15 ? 0.1137 0.1483 0.0924 -0.0068 0.0217  -0.0125 39   ARG A N   
126 C CA  . ARG A 15 ? 0.1255 0.1406 0.1052 -0.0140 0.0121  -0.0147 39   ARG A CA  
127 C C   . ARG A 15 ? 0.1249 0.1269 0.0988 -0.0153 0.0202  -0.0146 39   ARG A C   
128 O O   . ARG A 15 ? 0.1400 0.1514 0.0943 -0.0267 0.0127  -0.0093 39   ARG A O   
129 C CB  . ARG A 15 ? 0.1639 0.1597 0.1110 -0.0173 0.0014  -0.0366 39   ARG A CB  
130 C CG  . ARG A 15 ? 0.1693 0.1796 0.1578 -0.0365 0.0098  -0.0150 39   ARG A CG  
131 C CD  . ARG A 15 ? 0.1842 0.1865 0.1499 -0.0514 0.0320  -0.0400 39   ARG A CD  
132 N NE  . ARG A 15 ? 0.2199 0.2189 0.2005 -0.0489 0.0311  -0.0042 39   ARG A NE  
133 C CZ  . ARG A 15 ? 0.2387 0.2179 0.1984 -0.0490 0.0457  -0.0091 39   ARG A CZ  
134 N NH1 . ARG A 15 ? 0.2685 0.2471 0.2485 -0.0219 0.0108  -0.0180 39   ARG A NH1 
135 N NH2 . ARG A 15 ? 0.2496 0.2865 0.2586 -0.0342 0.0511  -0.0196 39   ARG A NH2 
136 N N   . GLY A 16 ? 0.1403 0.1224 0.0931 -0.0063 0.0081  -0.0203 40   GLY A N   
137 C CA  . GLY A 16 ? 0.1367 0.1215 0.1122 0.0041  0.0073  -0.0135 40   GLY A CA  
138 C C   . GLY A 16 ? 0.1182 0.1234 0.0912 0.0149  0.0133  -0.0051 40   GLY A C   
139 O O   . GLY A 16 ? 0.1305 0.1316 0.1029 -0.0058 0.0237  0.0017  40   GLY A O   
140 N N   . ASP A 17 ? 0.1134 0.1086 0.0965 0.0062  0.0178  0.0053  41   ASP A N   
141 C CA  . ASP A 17 ? 0.1084 0.1207 0.0794 -0.0053 0.0172  0.0076  41   ASP A CA  
142 C C   . ASP A 17 ? 0.0960 0.1128 0.0806 0.0111  0.0234  0.0056  41   ASP A C   
143 O O   . ASP A 17 ? 0.0994 0.1145 0.0820 0.0048  0.0229  0.0044  41   ASP A O   
144 C CB  . ASP A 17 ? 0.1003 0.1449 0.0804 0.0079  0.0150  -0.0028 41   ASP A CB  
145 C CG  . ASP A 17 ? 0.1160 0.1694 0.0751 0.0262  0.0268  -0.0039 41   ASP A CG  
146 O OD1 . ASP A 17 ? 0.1305 0.1855 0.0948 0.0495  0.0381  0.0069  41   ASP A OD1 
147 O OD2 . ASP A 17 ? 0.1156 0.1938 0.0986 0.0343  0.0250  -0.0019 41   ASP A OD2 
148 N N   . CYS A 18 ? 0.1006 0.1140 0.0839 0.0026  0.0207  0.0002  42   CYS A N   
149 C CA  . CYS A 18 ? 0.0911 0.1234 0.0791 -0.0020 0.0226  -0.0041 42   CYS A CA  
150 C C   . CYS A 18 ? 0.0911 0.1235 0.0818 0.0166  0.0184  -0.0133 42   CYS A C   
151 O O   . CYS A 18 ? 0.1021 0.1138 0.0836 0.0126  0.0229  -0.0021 42   CYS A O   
152 C CB  . CYS A 18 ? 0.1090 0.1120 0.0827 -0.0081 0.0265  -0.0014 42   CYS A CB  
153 S SG  . CYS A 18 ? 0.1143 0.1330 0.0981 -0.0083 0.0235  -0.0031 42   CYS A SG  
154 N N   . GLU A 19 ? 0.0979 0.1490 0.0856 0.0153  0.0220  -0.0035 43   GLU A N   
155 C CA  A GLU A 19 ? 0.1141 0.1571 0.1066 0.0352  0.0236  -0.0052 43   GLU A CA  
156 C CA  B GLU A 19 ? 0.1156 0.1572 0.1080 0.0359  0.0239  -0.0057 43   GLU A CA  
157 C C   . GLU A 19 ? 0.1395 0.1607 0.0967 0.0386  0.0327  -0.0094 43   GLU A C   
158 O O   . GLU A 19 ? 0.1499 0.1719 0.1150 0.0563  0.0112  0.0001  43   GLU A O   
159 C CB  A GLU A 19 ? 0.1002 0.1919 0.1432 0.0373  0.0143  -0.0092 43   GLU A CB  
160 C CB  B GLU A 19 ? 0.1003 0.1923 0.1474 0.0344  0.0162  -0.0106 43   GLU A CB  
161 C CG  A GLU A 19 ? 0.1513 0.2255 0.1722 0.0066  0.0119  -0.0043 43   GLU A CG  
162 C CG  B GLU A 19 ? 0.1694 0.2126 0.2005 0.0561  0.0015  -0.0202 43   GLU A CG  
163 C CD  A GLU A 19 ? 0.2296 0.2700 0.1963 0.0382  0.0031  -0.0010 43   GLU A CD  
164 C CD  B GLU A 19 ? 0.1997 0.2833 0.2347 0.0349  0.0166  -0.0011 43   GLU A CD  
165 O OE1 A GLU A 19 ? 0.2088 0.2906 0.2553 0.0335  -0.0038 0.0164  43   GLU A OE1 
166 O OE1 B GLU A 19 ? 0.1980 0.2906 0.1980 0.0528  0.0407  -0.0384 43   GLU A OE1 
167 O OE2 A GLU A 19 ? 0.1139 0.3033 0.2002 0.0246  0.0532  -0.0305 43   GLU A OE2 
168 O OE2 B GLU A 19 ? 0.2335 0.3388 0.3077 0.0848  0.0049  -0.0071 43   GLU A OE2 
169 N N   . ALA A 20 ? 0.1330 0.1351 0.1025 0.0362  0.0296  0.0030  44   ALA A N   
170 C CA  . ALA A 20 ? 0.1549 0.1206 0.1138 0.0269  0.0273  -0.0028 44   ALA A CA  
171 C C   . ALA A 20 ? 0.1729 0.1291 0.1109 0.0162  0.0255  -0.0013 44   ALA A C   
172 O O   . ALA A 20 ? 0.2156 0.1243 0.1392 0.0285  0.0426  0.0100  44   ALA A O   
173 C CB  . ALA A 20 ? 0.1586 0.1309 0.1161 0.0204  0.0259  -0.0121 44   ALA A CB  
174 N N   . VAL A 21 ? 0.1327 0.1150 0.1114 0.0217  0.0352  0.0103  45   VAL A N   
175 C CA  . VAL A 21 ? 0.1354 0.1256 0.1151 0.0215  0.0322  0.0040  45   VAL A CA  
176 C C   . VAL A 21 ? 0.1255 0.1158 0.0941 0.0163  0.0283  0.0087  45   VAL A C   
177 O O   . VAL A 21 ? 0.1412 0.1322 0.1023 0.0242  0.0391  0.0124  45   VAL A O   
178 C CB  . VAL A 21 ? 0.1299 0.1127 0.1252 0.0154  0.0324  0.0026  45   VAL A CB  
179 C CG1 . VAL A 21 ? 0.1327 0.1355 0.1523 -0.0025 0.0258  0.0009  45   VAL A CG1 
180 C CG2 . VAL A 21 ? 0.1167 0.1149 0.1251 0.0195  0.0347  0.0094  45   VAL A CG2 
181 N N   . ARG A 22 ? 0.1396 0.1367 0.0767 0.0299  0.0259  0.0094  46   ARG A N   
182 C CA  . ARG A 22 ? 0.1383 0.1521 0.1004 0.0419  0.0113  0.0064  46   ARG A CA  
183 C C   . ARG A 22 ? 0.1353 0.1442 0.0910 0.0473  0.0173  -0.0065 46   ARG A C   
184 O O   . ARG A 22 ? 0.1579 0.1780 0.0938 0.0383  0.0007  -0.0066 46   ARG A O   
185 C CB  . ARG A 22 ? 0.1788 0.1837 0.1103 0.0453  -0.0032 0.0089  46   ARG A CB  
186 C CG  . ARG A 22 ? 0.2581 0.2123 0.2056 0.0249  0.0139  0.0229  46   ARG A CG  
187 C CD  . ARG A 22 ? 0.3008 0.2872 0.2578 0.0390  -0.0040 0.0215  46   ARG A CD  
188 N NE  . ARG A 22 ? 0.3574 0.3112 0.2790 0.0340  -0.0234 0.0196  46   ARG A NE  
189 N N   . ALA A 23 ? 0.1143 0.1394 0.0715 0.0235  0.0164  -0.0060 47   ALA A N   
190 C CA  . ALA A 23 ? 0.0930 0.1326 0.0738 0.0147  0.0146  -0.0090 47   ALA A CA  
191 C C   . ALA A 23 ? 0.0965 0.1448 0.0931 0.0182  0.0138  -0.0045 47   ALA A C   
192 O O   . ALA A 23 ? 0.1109 0.1681 0.1120 0.0260  0.0200  -0.0084 47   ALA A O   
193 C CB  . ALA A 23 ? 0.1001 0.1230 0.0837 0.0196  0.0043  -0.0010 47   ALA A CB  
194 N N   . ILE A 24 ? 0.0989 0.1445 0.0954 0.0060  0.0141  0.0132  48   ILE A N   
195 C CA  . ILE A 24 ? 0.1024 0.1728 0.1194 0.0032  0.0101  0.0217  48   ILE A CA  
196 C C   . ILE A 24 ? 0.0956 0.1597 0.1105 -0.0071 0.0019  0.0097  48   ILE A C   
197 O O   . ILE A 24 ? 0.0960 0.1452 0.1036 0.0094  0.0081  0.0228  48   ILE A O   
198 C CB  . ILE A 24 ? 0.1546 0.2146 0.1456 -0.0073 -0.0095 0.0220  48   ILE A CB  
199 C CG1 . ILE A 24 ? 0.1683 0.2252 0.1113 -0.0307 -0.0117 0.0067  48   ILE A CG1 
200 C CG2 . ILE A 24 ? 0.1829 0.2711 0.1954 0.0062  -0.0370 0.0199  48   ILE A CG2 
201 C CD1 . ILE A 24 ? 0.2411 0.2575 0.2201 -0.0418 -0.0163 -0.0244 48   ILE A CD1 
202 N N   . GLU A 25 ? 0.0993 0.2954 0.1456 -0.0221 0.0309  0.0927  49   GLU A N   
203 C CA  . GLU A 25 ? 0.1113 0.3019 0.1432 -0.0244 0.0286  0.0765  49   GLU A CA  
204 C C   . GLU A 25 ? 0.1833 0.2782 0.1423 -0.0745 -0.0016 0.1054  49   GLU A C   
205 O O   . GLU A 25 ? 0.2334 0.2991 0.2142 -0.1220 -0.0815 0.1133  49   GLU A O   
206 C CB  . GLU A 25 ? 0.1352 0.3942 0.2110 -0.0014 0.0766  0.1014  49   GLU A CB  
207 C CG  . GLU A 25 ? 0.1383 0.3708 0.3428 0.0658  0.0949  0.0720  49   GLU A CG  
208 C CD  . GLU A 25 ? 0.2091 0.3373 0.2291 0.0680  0.1111  0.0490  49   GLU A CD  
209 O OE1 . GLU A 25 ? 0.3148 0.3806 0.1330 -0.0551 0.0304  0.0356  49   GLU A OE1 
210 O OE2 . GLU A 25 ? 0.3084 0.3984 0.2404 0.0592  0.1216  -0.0171 49   GLU A OE2 
211 N N   . ASN A 26 ? 0.1949 0.2317 0.1035 -0.0603 0.0108  0.0502  50   ASN A N   
212 C CA  . ASN A 26 ? 0.2906 0.2248 0.1333 -0.0939 0.0125  0.0568  50   ASN A CA  
213 C C   . ASN A 26 ? 0.2799 0.2193 0.1288 -0.0699 0.0325  0.0293  50   ASN A C   
214 O O   . ASN A 26 ? 0.3666 0.1161 0.1518 -0.0577 0.0240  0.0167  50   ASN A O   
215 C CB  . ASN A 26 ? 0.3759 0.1888 0.1191 -0.0606 0.0296  0.0515  50   ASN A CB  
216 C CG  . ASN A 26 ? 0.5303 0.2284 0.1143 -0.1199 0.0503  0.0027  50   ASN A CG  
217 O OD1 . ASN A 26 ? 0.6685 0.2558 0.1727 -0.0513 0.1354  -0.0115 50   ASN A OD1 
218 N ND2 . ASN A 26 ? 0.5632 0.2923 0.2110 -0.1931 -0.0328 -0.0284 50   ASN A ND2 
219 N N   . TYR A 27 ? 0.2601 0.2464 0.1506 -0.0261 0.0373  0.0553  51   TYR A N   
220 C CA  . TYR A 27 ? 0.2591 0.2517 0.1452 -0.0218 0.0682  0.0534  51   TYR A CA  
221 C C   . TYR A 27 ? 0.3117 0.2656 0.1422 -0.0683 0.0625  0.0387  51   TYR A C   
222 O O   . TYR A 27 ? 0.3520 0.3598 0.1965 -0.1192 0.0104  0.0898  51   TYR A O   
223 C CB  . TYR A 27 ? 0.2694 0.2670 0.1554 0.0112  0.0777  0.0515  51   TYR A CB  
224 C CG  . TYR A 27 ? 0.3008 0.2088 0.1316 0.0313  0.1068  0.0434  51   TYR A CG  
225 C CD1 . TYR A 27 ? 0.3385 0.1767 0.1490 0.0273  0.1105  0.0208  51   TYR A CD1 
226 C CD2 . TYR A 27 ? 0.3017 0.3201 0.1775 -0.0190 0.0822  0.0712  51   TYR A CD2 
227 C CE1 . TYR A 27 ? 0.3581 0.1878 0.1431 -0.0133 0.1167  0.0031  51   TYR A CE1 
228 C CE2 . TYR A 27 ? 0.3267 0.2668 0.1129 -0.0416 0.0846  0.0358  51   TYR A CE2 
229 C CZ  . TYR A 27 ? 0.3786 0.1797 0.1166 0.0060  0.0887  0.0245  51   TYR A CZ  
230 O OH  . TYR A 27 ? 0.4446 0.1506 0.1185 -0.0423 0.0833  0.0166  51   TYR A OH  
231 N N   . PRO A 28 ? 0.3212 0.2219 0.1320 -0.0673 0.0674  0.0445  52   PRO A N   
232 C CA  . PRO A 28 ? 0.3061 0.1858 0.1193 -0.0020 0.0559  0.0521  52   PRO A CA  
233 C C   . PRO A 28 ? 0.3016 0.1814 0.1389 -0.0032 0.0849  0.0463  52   PRO A C   
234 O O   . PRO A 28 ? 0.2728 0.2162 0.2135 0.0258  0.0856  0.0748  52   PRO A O   
235 C CB  . PRO A 28 ? 0.3284 0.2017 0.1159 -0.0079 0.0558  0.0670  52   PRO A CB  
236 C CG  . PRO A 28 ? 0.3955 0.2212 0.1472 -0.0487 0.0900  0.0375  52   PRO A CG  
237 C CD  . PRO A 28 ? 0.3812 0.2627 0.1788 -0.0937 0.0685  0.0408  52   PRO A CD  
238 N N   . ASN A 29 ? 0.3135 0.1875 0.1697 0.0039  0.0849  0.0538  53   ASN A N   
239 C CA  . ASN A 29 ? 0.3325 0.1783 0.2226 0.0321  0.1347  0.0484  53   ASN A CA  
240 C C   . ASN A 29 ? 0.2739 0.1738 0.1842 0.0293  0.1204  0.0701  53   ASN A C   
241 O O   . ASN A 29 ? 0.3521 0.2021 0.2750 0.0480  0.2012  0.0498  53   ASN A O   
242 C CB  . ASN A 29 ? 0.4466 0.1409 0.2329 0.0269  0.1912  0.0245  53   ASN A CB  
243 C CG  . ASN A 29 ? 0.5851 0.2130 0.2855 0.0362  0.1897  0.0400  53   ASN A CG  
244 O OD1 . ASN A 29 ? 0.6333 0.2039 0.3098 -0.0633 0.1756  -0.0075 53   ASN A OD1 
245 N ND2 . ASN A 29 ? 0.6199 0.2004 0.4066 0.0581  0.1611  0.0459  53   ASN A ND2 
246 N N   . GLY A 30 ? 0.1143 0.1636 0.1252 -0.0058 0.0037  0.0340  54   GLY A N   
247 C CA  . GLY A 30 ? 0.0919 0.1608 0.1349 -0.0206 -0.0009 0.0184  54   GLY A CA  
248 C C   . GLY A 30 ? 0.0734 0.1493 0.1023 -0.0107 0.0051  0.0109  54   GLY A C   
249 O O   . GLY A 30 ? 0.0852 0.1931 0.1222 -0.0134 0.0186  0.0401  54   GLY A O   
250 N N   . CYS A 31 ? 0.0724 0.1070 0.0954 0.0040  0.0121  0.0129  55   CYS A N   
251 C CA  . CYS A 31 ? 0.0780 0.1102 0.0795 -0.0026 0.0132  0.0020  55   CYS A CA  
252 C C   . CYS A 31 ? 0.0814 0.1054 0.0878 -0.0031 0.0155  0.0057  55   CYS A C   
253 O O   . CYS A 31 ? 0.0790 0.1044 0.1002 0.0001  0.0172  0.0053  55   CYS A O   
254 C CB  . CYS A 31 ? 0.0906 0.1035 0.1049 -0.0055 0.0206  0.0044  55   CYS A CB  
255 S SG  . CYS A 31 ? 0.1052 0.1280 0.1084 -0.0050 0.0181  -0.0090 55   CYS A SG  
256 N N   . GLU A 32 ? 0.0871 0.1102 0.0826 0.0130  0.0185  0.0055  56   GLU A N   
257 C CA  . GLU A 32 ? 0.1058 0.1165 0.0761 0.0096  0.0137  0.0078  56   GLU A CA  
258 C C   . GLU A 32 ? 0.0927 0.1024 0.0792 0.0041  0.0076  0.0096  56   GLU A C   
259 O O   . GLU A 32 ? 0.0940 0.1234 0.0832 0.0172  0.0205  0.0184  56   GLU A O   
260 C CB  . GLU A 32 ? 0.1807 0.1385 0.1016 0.0011  0.0070  0.0073  56   GLU A CB  
261 C CG  . GLU A 32 ? 0.2343 0.2170 0.1943 -0.0076 -0.0033 0.0103  56   GLU A CG  
262 C CD  . GLU A 32 ? 0.2587 0.2458 0.2418 0.0053  -0.0362 0.0340  56   GLU A CD  
263 O OE1 . GLU A 32 ? 0.3576 0.2908 0.3293 -0.0051 -0.0157 0.0316  56   GLU A OE1 
264 O OE2 . GLU A 32 ? 0.3071 0.3417 0.3049 -0.0159 -0.0311 0.0240  56   GLU A OE2 
265 N N   . VAL A 33 ? 0.0886 0.1031 0.0760 0.0141  0.0126  0.0094  57   VAL A N   
266 C CA  . VAL A 33 ? 0.0935 0.1086 0.0781 0.0116  0.0116  0.0131  57   VAL A CA  
267 C C   . VAL A 33 ? 0.0856 0.0949 0.0789 0.0149  0.0122  0.0013  57   VAL A C   
268 O O   . VAL A 33 ? 0.1036 0.1178 0.0856 0.0354  0.0073  0.0067  57   VAL A O   
269 C CB  . VAL A 33 ? 0.1017 0.1082 0.0804 0.0218  0.0063  0.0021  57   VAL A CB  
270 C CG1 . VAL A 33 ? 0.1010 0.1154 0.0932 0.0118  0.0081  0.0133  57   VAL A CG1 
271 C CG2 . VAL A 33 ? 0.1158 0.0957 0.0943 0.0114  0.0203  -0.0019 57   VAL A CG2 
272 N N   . THR A 34 ? 0.0751 0.0877 0.0792 0.0088  0.0112  0.0055  58   THR A N   
273 C CA  . THR A 34 ? 0.0749 0.0832 0.0775 0.0051  0.0085  0.0009  58   THR A CA  
274 C C   . THR A 34 ? 0.0717 0.0883 0.0767 0.0078  0.0082  0.0050  58   THR A C   
275 O O   . THR A 34 ? 0.0715 0.0846 0.0959 0.0072  0.0131  0.0053  58   THR A O   
276 C CB  . THR A 34 ? 0.0975 0.0894 0.0885 -0.0045 0.0078  0.0056  58   THR A CB  
277 O OG1 . THR A 34 ? 0.1072 0.1044 0.1181 -0.0175 0.0145  0.0058  58   THR A OG1 
278 C CG2 . THR A 34 ? 0.1261 0.1028 0.0814 -0.0176 0.0131  -0.0063 58   THR A CG2 
279 N N   . ILE A 35 ? 0.0725 0.0809 0.0784 0.0064  0.0100  -0.0021 59   ILE A N   
280 C CA  . ILE A 35 ? 0.0702 0.0810 0.0784 0.0068  0.0092  -0.0018 59   ILE A CA  
281 C C   . ILE A 35 ? 0.0713 0.0829 0.0725 0.0065  0.0057  -0.0044 59   ILE A C   
282 O O   . ILE A 35 ? 0.0763 0.0843 0.0807 0.0072  0.0109  0.0003  59   ILE A O   
283 C CB  . ILE A 35 ? 0.0721 0.0820 0.0697 0.0095  0.0085  -0.0016 59   ILE A CB  
284 C CG1 . ILE A 35 ? 0.0797 0.0891 0.0742 0.0069  0.0040  0.0028  59   ILE A CG1 
285 C CG2 . ILE A 35 ? 0.0857 0.1024 0.0758 0.0050  0.0132  -0.0008 59   ILE A CG2 
286 C CD1 . ILE A 35 ? 0.0706 0.0976 0.1100 0.0109  -0.0008 -0.0105 59   ILE A CD1 
287 N N   . CYS A 36 ? 0.0708 0.0843 0.0731 0.0064  0.0049  -0.0046 60   CYS A N   
288 C CA  . CYS A 36 ? 0.0723 0.0866 0.0693 0.0040  0.0070  -0.0028 60   CYS A CA  
289 C C   . CYS A 36 ? 0.0710 0.0943 0.0735 0.0075  0.0082  0.0043  60   CYS A C   
290 O O   . CYS A 36 ? 0.0754 0.0895 0.0717 0.0032  0.0091  -0.0008 60   CYS A O   
291 C CB  . CYS A 36 ? 0.0723 0.0912 0.0717 0.0065  0.0034  -0.0049 60   CYS A CB  
292 S SG  . CYS A 36 ? 0.0756 0.0938 0.0772 0.0078  0.0061  -0.0009 60   CYS A SG  
293 N N   . ALA A 37 ? 0.0732 0.1158 0.0716 -0.0014 0.0052  0.0067  61   ALA A N   
294 C CA  . ALA A 37 ? 0.0721 0.1250 0.0814 0.0007  0.0054  0.0039  61   ALA A CA  
295 C C   . ALA A 37 ? 0.0716 0.1228 0.0752 -0.0027 0.0037  0.0132  61   ALA A C   
296 O O   . ALA A 37 ? 0.0707 0.1331 0.0971 -0.0017 0.0022  0.0171  61   ALA A O   
297 C CB  . ALA A 37 ? 0.0815 0.1432 0.0847 0.0058  0.0195  0.0047  61   ALA A CB  
298 N N   . ASP A 38 ? 0.0716 0.1151 0.0747 -0.0026 0.0023  0.0119  62   ASP A N   
299 C CA  . ASP A 38 ? 0.0762 0.1220 0.0905 -0.0098 0.0029  0.0079  62   ASP A CA  
300 C C   . ASP A 38 ? 0.0773 0.1095 0.0889 -0.0052 -0.0041 0.0013  62   ASP A C   
301 O O   . ASP A 38 ? 0.1008 0.1249 0.1015 -0.0146 -0.0160 -0.0070 62   ASP A O   
302 C CB  . ASP A 38 ? 0.1007 0.1167 0.0837 -0.0068 -0.0044 0.0149  62   ASP A CB  
303 C CG  . ASP A 38 ? 0.0989 0.1073 0.0779 0.0122  -0.0049 0.0076  62   ASP A CG  
304 O OD1 . ASP A 38 ? 0.0800 0.1162 0.0855 0.0057  0.0008  0.0101  62   ASP A OD1 
305 O OD2 . ASP A 38 ? 0.1209 0.0980 0.1216 0.0105  -0.0200 0.0124  62   ASP A OD2 
306 N N   . GLY A 39 ? 0.0805 0.1001 0.0728 0.0036  0.0019  -0.0043 63   GLY A N   
307 C CA  . GLY A 39 ? 0.0851 0.0950 0.0735 -0.0013 -0.0028 0.0016  63   GLY A CA  
308 C C   . GLY A 39 ? 0.0840 0.0837 0.0769 0.0005  -0.0050 0.0025  63   GLY A C   
309 O O   . GLY A 39 ? 0.0909 0.1031 0.0728 0.0173  -0.0004 -0.0002 63   GLY A O   
310 N N   . VAL A 40 ? 0.0824 0.0888 0.0705 -0.0032 0.0021  0.0005  64   VAL A N   
311 C CA  . VAL A 40 ? 0.0827 0.0824 0.0805 0.0069  -0.0041 0.0004  64   VAL A CA  
312 C C   . VAL A 40 ? 0.0853 0.0837 0.0794 0.0113  0.0016  0.0020  64   VAL A C   
313 O O   . VAL A 40 ? 0.0869 0.0828 0.0768 0.0091  -0.0012 0.0004  64   VAL A O   
314 C CB  . VAL A 40 ? 0.0944 0.0872 0.0917 0.0024  0.0006  0.0048  64   VAL A CB  
315 C CG1 . VAL A 40 ? 0.1086 0.0875 0.1308 0.0238  0.0107  0.0065  64   VAL A CG1 
316 C CG2 . VAL A 40 ? 0.1201 0.0976 0.1121 -0.0001 -0.0049 -0.0100 64   VAL A CG2 
317 N N   . ALA A 41 ? 0.0781 0.0834 0.0855 0.0057  -0.0035 0.0027  65   ALA A N   
318 C CA  . ALA A 41 ? 0.0779 0.0834 0.0979 0.0075  -0.0090 0.0025  65   ALA A CA  
319 C C   . ALA A 41 ? 0.0915 0.0884 0.1064 0.0153  -0.0058 0.0041  65   ALA A C   
320 O O   . ALA A 41 ? 0.1297 0.0997 0.1279 0.0060  -0.0412 0.0096  65   ALA A O   
321 C CB  . ALA A 41 ? 0.0893 0.1014 0.1334 0.0044  0.0185  -0.0007 65   ALA A CB  
322 N N   . GLN A 42 ? 0.0924 0.0914 0.0947 0.0069  -0.0088 0.0076  66   GLN A N   
323 C CA  . GLN A 42 ? 0.0950 0.0940 0.0995 0.0047  -0.0048 0.0045  66   GLN A CA  
324 C C   . GLN A 42 ? 0.0946 0.0948 0.0981 -0.0060 0.0033  0.0035  66   GLN A C   
325 O O   . GLN A 42 ? 0.0866 0.1183 0.1192 0.0035  0.0021  0.0233  66   GLN A O   
326 C CB  . GLN A 42 ? 0.0936 0.0957 0.0995 -0.0072 -0.0014 0.0065  66   GLN A CB  
327 C CG  . GLN A 42 ? 0.1058 0.0958 0.1017 0.0173  -0.0014 0.0138  66   GLN A CG  
328 C CD  . GLN A 42 ? 0.1559 0.1069 0.1228 0.0465  -0.0124 0.0064  66   GLN A CD  
329 O OE1 . GLN A 42 ? 0.3346 0.1658 0.1705 0.0303  -0.0287 0.0079  66   GLN A OE1 
330 N NE2 . GLN A 42 ? 0.2183 0.1680 0.1292 0.0195  0.0042  0.0137  66   GLN A NE2 
331 N N   . LEU A 43 ? 0.0904 0.0947 0.0786 0.0118  0.0012  0.0022  67   LEU A N   
332 C CA  . LEU A 43 ? 0.0999 0.0884 0.0830 0.0126  0.0110  0.0017  67   LEU A CA  
333 C C   . LEU A 43 ? 0.0824 0.0909 0.0910 0.0106  0.0058  0.0060  67   LEU A C   
334 O O   . LEU A 43 ? 0.0874 0.1261 0.1193 0.0209  0.0160  -0.0134 67   LEU A O   
335 C CB  . LEU A 43 ? 0.1269 0.0993 0.0772 0.0225  0.0015  0.0045  67   LEU A CB  
336 C CG  . LEU A 43 ? 0.1813 0.1308 0.1158 -0.0029 -0.0111 -0.0043 67   LEU A CG  
337 C CD1 . LEU A 43 ? 0.2130 0.1357 0.1605 0.0044  -0.0178 -0.0105 67   LEU A CD1 
338 C CD2 . LEU A 43 ? 0.1967 0.1480 0.1621 0.0086  -0.0062 0.0058  67   LEU A CD2 
339 N N   . GLY A 44 ? 0.0882 0.1075 0.0937 0.0151  -0.0032 -0.0031 68   GLY A N   
340 C CA  . GLY A 44 ? 0.0800 0.1062 0.0902 0.0098  -0.0001 0.0094  68   GLY A CA  
341 C C   . GLY A 44 ? 0.0740 0.1028 0.0891 0.0144  0.0057  0.0022  68   GLY A C   
342 O O   . GLY A 44 ? 0.0949 0.0928 0.1072 0.0113  0.0002  0.0150  68   GLY A O   
343 N N   . ALA A 45 ? 0.0746 0.1033 0.0911 0.0152  0.0055  0.0024  69   ALA A N   
344 C CA  . ALA A 45 ? 0.0740 0.0978 0.1038 0.0096  0.0009  -0.0018 69   ALA A CA  
345 C C   . ALA A 45 ? 0.0725 0.0953 0.0817 0.0041  -0.0006 -0.0017 69   ALA A C   
346 O O   . ALA A 45 ? 0.0912 0.0936 0.1228 0.0079  0.0038  -0.0031 69   ALA A O   
347 C CB  . ALA A 45 ? 0.0913 0.1273 0.1046 0.0158  0.0022  -0.0001 69   ALA A CB  
348 N N   . TYR A 46 ? 0.0740 0.0903 0.0878 0.0104  -0.0006 -0.0085 70   TYR A N   
349 C CA  . TYR A 46 ? 0.0771 0.1014 0.0821 0.0160  0.0007  -0.0133 70   TYR A CA  
350 C C   . TYR A 46 ? 0.0707 0.1019 0.0801 0.0110  0.0026  -0.0103 70   TYR A C   
351 O O   . TYR A 46 ? 0.0698 0.1267 0.1070 0.0099  0.0054  -0.0242 70   TYR A O   
352 C CB  . TYR A 46 ? 0.0708 0.1110 0.0821 0.0109  -0.0012 -0.0151 70   TYR A CB  
353 C CG  . TYR A 46 ? 0.0836 0.1065 0.0854 0.0077  -0.0032 -0.0068 70   TYR A CG  
354 C CD1 . TYR A 46 ? 0.1001 0.1226 0.1158 0.0095  -0.0009 -0.0064 70   TYR A CD1 
355 C CD2 . TYR A 46 ? 0.0938 0.1194 0.0854 0.0013  -0.0013 -0.0030 70   TYR A CD2 
356 C CE1 . TYR A 46 ? 0.1304 0.1095 0.1268 0.0182  0.0007  -0.0232 70   TYR A CE1 
357 C CE2 . TYR A 46 ? 0.1040 0.1452 0.1074 0.0005  -0.0111 -0.0242 70   TYR A CE2 
358 C CZ  . TYR A 46 ? 0.1201 0.1465 0.1213 0.0030  -0.0009 -0.0344 70   TYR A CZ  
359 O OH  . TYR A 46 ? 0.1487 0.1620 0.1715 -0.0089 -0.0236 -0.0440 70   TYR A OH  
360 N N   . CYS A 47 ? 0.0747 0.1069 0.0819 0.0120  0.0025  -0.0177 71   CYS A N   
361 C CA  . CYS A 47 ? 0.0705 0.1137 0.0782 0.0124  0.0000  -0.0090 71   CYS A CA  
362 C C   . CYS A 47 ? 0.0762 0.1113 0.0774 0.0198  -0.0012 -0.0128 71   CYS A C   
363 O O   . CYS A 47 ? 0.0770 0.1306 0.0920 0.0203  0.0148  0.0047  71   CYS A O   
364 C CB  . CYS A 47 ? 0.0692 0.1208 0.0741 0.0086  0.0020  -0.0136 71   CYS A CB  
365 S SG  . CYS A 47 ? 0.0827 0.0967 0.0889 0.0101  0.0007  -0.0078 71   CYS A SG  
366 N N   . GLY A 48 ? 0.0703 0.1189 0.0860 0.0110  0.0093  -0.0020 72   GLY A N   
367 C CA  . GLY A 48 ? 0.0782 0.1235 0.0892 0.0188  0.0064  0.0006  72   GLY A CA  
368 C C   . GLY A 48 ? 0.0770 0.1054 0.0836 0.0093  0.0001  0.0051  72   GLY A C   
369 O O   . GLY A 48 ? 0.0945 0.1037 0.0921 0.0096  0.0081  -0.0020 72   GLY A O   
370 N N   . GLN A 49 ? 0.0796 0.1204 0.0932 0.0040  0.0061  0.0092  73   GLN A N   
371 C CA  . GLN A 49 ? 0.0773 0.1166 0.0979 0.0005  -0.0103 -0.0011 73   GLN A CA  
372 C C   . GLN A 49 ? 0.0862 0.1102 0.1069 0.0037  -0.0036 0.0004  73   GLN A C   
373 O O   . GLN A 49 ? 0.1008 0.1158 0.1028 0.0059  -0.0076 -0.0166 73   GLN A O   
374 C CB  . GLN A 49 ? 0.0820 0.1292 0.1164 -0.0077 -0.0082 -0.0062 73   GLN A CB  
375 C CG  . GLN A 49 ? 0.0923 0.1704 0.1433 -0.0060 0.0022  -0.0044 73   GLN A CG  
376 C CD  . GLN A 49 ? 0.1129 0.1924 0.1540 -0.0271 -0.0166 -0.0107 73   GLN A CD  
377 O OE1 . GLN A 49 ? 0.1446 0.2300 0.1958 -0.0172 -0.0016 -0.0461 73   GLN A OE1 
378 N NE2 . GLN A 49 ? 0.1224 0.1785 0.1930 -0.0360 0.0118  -0.0035 73   GLN A NE2 
379 N N   . GLY A 50 ? 0.0782 0.1085 0.0911 0.0085  -0.0009 -0.0019 74   GLY A N   
380 C CA  . GLY A 50 ? 0.0796 0.1075 0.0867 0.0000  -0.0049 -0.0073 74   GLY A CA  
381 C C   . GLY A 50 ? 0.0858 0.0996 0.0742 0.0098  -0.0044 -0.0058 74   GLY A C   
382 O O   . GLY A 50 ? 0.0897 0.1056 0.1027 0.0120  0.0041  -0.0014 74   GLY A O   
383 N N   . PRO A 51 ? 0.0691 0.0942 0.0810 0.0069  0.0023  -0.0130 75   PRO A N   
384 C CA  . PRO A 51 ? 0.0739 0.1101 0.0907 0.0064  0.0043  -0.0206 75   PRO A CA  
385 C C   . PRO A 51 ? 0.0699 0.1169 0.0753 0.0123  0.0056  -0.0107 75   PRO A C   
386 O O   . PRO A 51 ? 0.0740 0.1253 0.0849 0.0029  0.0149  -0.0155 75   PRO A O   
387 C CB  . PRO A 51 ? 0.0711 0.1457 0.1346 0.0198  -0.0019 -0.0320 75   PRO A CB  
388 C CG  . PRO A 51 ? 0.1129 0.1280 0.1378 -0.0095 -0.0137 0.0114  75   PRO A CG  
389 C CD  . PRO A 51 ? 0.0724 0.1022 0.0972 0.0106  -0.0041 -0.0097 75   PRO A CD  
390 N N   . CYS A 52 ? 0.0701 0.1100 0.0852 0.0112  0.0098  -0.0056 76   CYS A N   
391 C CA  . CYS A 52 ? 0.0727 0.1012 0.0843 0.0149  0.0046  -0.0065 76   CYS A CA  
392 C C   . CYS A 52 ? 0.0732 0.1011 0.0747 0.0135  0.0071  -0.0059 76   CYS A C   
393 O O   . CYS A 52 ? 0.0683 0.0930 0.0906 0.0057  0.0044  -0.0153 76   CYS A O   
394 C CB  . CYS A 52 ? 0.0928 0.1037 0.0882 0.0076  0.0017  0.0011  76   CYS A CB  
395 S SG  . CYS A 52 ? 0.0866 0.1274 0.0902 0.0118  0.0022  -0.0009 76   CYS A SG  
396 N N   . ASN A 53 ? 0.0747 0.1129 0.0886 0.0184  0.0031  -0.0170 77   ASN A N   
397 C CA  . ASN A 53 ? 0.0837 0.1257 0.0977 0.0266  -0.0021 -0.0123 77   ASN A CA  
398 C C   . ASN A 53 ? 0.0845 0.1178 0.0932 0.0224  -0.0009 -0.0186 77   ASN A C   
399 O O   . ASN A 53 ? 0.0916 0.1083 0.1084 0.0237  0.0074  -0.0215 77   ASN A O   
400 C CB  . ASN A 53 ? 0.0828 0.1392 0.1040 0.0336  -0.0023 -0.0144 77   ASN A CB  
401 C CG  . ASN A 53 ? 0.0978 0.1491 0.1099 0.0247  0.0064  -0.0094 77   ASN A CG  
402 O OD1 . ASN A 53 ? 0.0866 0.1248 0.1052 0.0231  -0.0010 -0.0210 77   ASN A OD1 
403 N ND2 . ASN A 53 ? 0.1192 0.1790 0.0967 0.0301  0.0107  -0.0189 77   ASN A ND2 
404 N N   . ILE A 54 ? 0.0926 0.1242 0.0999 0.0203  0.0007  -0.0245 78   ILE A N   
405 C CA  . ILE A 54 ? 0.1027 0.1208 0.1192 0.0204  -0.0009 -0.0144 78   ILE A CA  
406 C C   . ILE A 54 ? 0.1203 0.1351 0.1200 0.0088  -0.0097 -0.0150 78   ILE A C   
407 O O   . ILE A 54 ? 0.1407 0.1232 0.1403 0.0026  -0.0171 -0.0046 78   ILE A O   
408 C CB  . ILE A 54 ? 0.1076 0.1449 0.1059 0.0119  -0.0137 -0.0181 78   ILE A CB  
409 C CG1 . ILE A 54 ? 0.1005 0.1665 0.1244 0.0057  -0.0031 -0.0143 78   ILE A CG1 
410 C CG2 . ILE A 54 ? 0.1190 0.1435 0.1287 0.0177  -0.0014 -0.0282 78   ILE A CG2 
411 C CD1 . ILE A 54 ? 0.1187 0.1732 0.1519 -0.0022 -0.0102 -0.0156 78   ILE A CD1 
412 N N   . PHE A 55 ? 0.1097 0.1220 0.1256 0.0293  -0.0069 -0.0157 79   PHE A N   
413 C CA  . PHE A 55 ? 0.1334 0.1181 0.1585 0.0306  -0.0177 -0.0263 79   PHE A CA  
414 C C   . PHE A 55 ? 0.1123 0.1197 0.1382 0.0390  -0.0108 -0.0177 79   PHE A C   
415 O O   . PHE A 55 ? 0.1427 0.1174 0.1535 0.0356  -0.0297 -0.0261 79   PHE A O   
416 C CB  . PHE A 55 ? 0.1780 0.1612 0.1602 0.0424  -0.0175 -0.0289 79   PHE A CB  
417 C CG  . PHE A 55 ? 0.1712 0.1789 0.1890 0.0468  -0.0067 -0.0135 79   PHE A CG  
418 C CD1 . PHE A 55 ? 0.2084 0.1819 0.2587 0.0116  -0.0370 -0.0368 79   PHE A CD1 
419 C CD2 . PHE A 55 ? 0.1888 0.2244 0.1637 0.0195  -0.0043 -0.0331 79   PHE A CD2 
420 C CE1 . PHE A 55 ? 0.2806 0.2390 0.2301 0.0243  -0.0108 -0.0096 79   PHE A CE1 
421 C CE2 . PHE A 55 ? 0.2175 0.2763 0.2111 0.0205  -0.0052 -0.0258 79   PHE A CE2 
422 C CZ  . PHE A 55 ? 0.2183 0.2287 0.1967 0.0317  -0.0139 -0.0439 79   PHE A CZ  
423 N N   . GLY A 56 ? 0.0902 0.1030 0.1204 0.0261  -0.0121 -0.0181 80   GLY A N   
424 C CA  . GLY A 56 ? 0.0952 0.1100 0.0970 0.0184  -0.0035 -0.0150 80   GLY A CA  
425 C C   . GLY A 56 ? 0.0842 0.1274 0.1003 0.0265  -0.0062 -0.0115 80   GLY A C   
426 O O   . GLY A 56 ? 0.0875 0.1417 0.1144 0.0303  -0.0090 -0.0171 80   GLY A O   
427 N N   . CYS A 57 ? 0.0761 0.1201 0.0974 0.0184  0.0025  -0.0190 81   CYS A N   
428 C CA  . CYS A 57 ? 0.0835 0.1426 0.1159 0.0300  0.0085  -0.0241 81   CYS A CA  
429 C C   . CYS A 57 ? 0.0838 0.1448 0.0951 0.0220  0.0069  -0.0146 81   CYS A C   
430 O O   . CYS A 57 ? 0.0767 0.1431 0.0950 0.0251  0.0041  -0.0091 81   CYS A O   
431 C CB  . CYS A 57 ? 0.0929 0.1453 0.1255 0.0365  0.0082  -0.0357 81   CYS A CB  
432 S SG  . CYS A 57 ? 0.1430 0.1652 0.1765 0.0429  -0.0088 -0.0464 81   CYS A SG  
433 N N   . ASN A 58 ? 0.0875 0.1534 0.1118 0.0267  0.0233  -0.0193 82   ASN A N   
434 C CA  . ASN A 58 ? 0.0938 0.1565 0.1050 0.0133  0.0179  -0.0099 82   ASN A CA  
435 C C   . ASN A 58 ? 0.0755 0.1408 0.0940 0.0137  0.0192  -0.0015 82   ASN A C   
436 O O   . ASN A 58 ? 0.0809 0.1569 0.0984 0.0161  0.0186  0.0187  82   ASN A O   
437 C CB  A ASN A 58 ? 0.1302 0.1630 0.1086 0.0151  0.0148  -0.0061 82   ASN A CB  
438 C CB  B ASN A 58 ? 0.1269 0.1610 0.1057 0.0158  0.0146  -0.0061 82   ASN A CB  
439 C CG  A ASN A 58 ? 0.1570 0.2038 0.1384 0.0029  0.0138  -0.0146 82   ASN A CG  
440 C CG  B ASN A 58 ? 0.1400 0.2016 0.1460 0.0043  0.0168  0.0052  82   ASN A CG  
441 O OD1 A ASN A 58 ? 0.2201 0.2581 0.1977 0.0216  -0.0064 -0.0166 82   ASN A OD1 
442 O OD1 B ASN A 58 ? 0.1617 0.2148 0.1400 -0.0082 -0.0063 0.0274  82   ASN A OD1 
443 N ND2 A ASN A 58 ? 0.1600 0.2199 0.1220 0.0349  0.0184  -0.0100 82   ASN A ND2 
444 N ND2 B ASN A 58 ? 0.2179 0.2416 0.1461 -0.0032 -0.0175 0.0296  82   ASN A ND2 
445 N N   . CYS A 59 ? 0.0788 0.1252 0.0995 0.0176  0.0050  0.0021  83   CYS A N   
446 C CA  . CYS A 59 ? 0.0716 0.1246 0.0929 0.0026  0.0162  -0.0036 83   CYS A CA  
447 C C   . CYS A 59 ? 0.0815 0.1177 0.0873 0.0053  0.0120  -0.0021 83   CYS A C   
448 O O   . CYS A 59 ? 0.0814 0.1247 0.1053 0.0057  0.0265  0.0082  83   CYS A O   
449 C CB  . CYS A 59 ? 0.0855 0.0955 0.1053 0.0005  0.0027  0.0036  83   CYS A CB  
450 S SG  . CYS A 59 ? 0.0865 0.1272 0.0965 0.0145  0.0068  0.0119  83   CYS A SG  
451 N N   . ASP A 60 ? 0.0771 0.1176 0.1020 0.0075  0.0183  0.0066  84   ASP A N   
452 C CA  . ASP A 60 ? 0.0951 0.1170 0.1105 0.0102  0.0036  0.0038  84   ASP A CA  
453 C C   . ASP A 60 ? 0.0888 0.1234 0.1134 0.0005  0.0125  0.0076  84   ASP A C   
454 O O   . ASP A 60 ? 0.0843 0.1399 0.1087 -0.0103 0.0023  0.0083  84   ASP A O   
455 C CB  . ASP A 60 ? 0.0906 0.1251 0.1269 0.0156  -0.0062 -0.0052 84   ASP A CB  
456 C CG  . ASP A 60 ? 0.1235 0.1205 0.1524 0.0337  -0.0119 0.0126  84   ASP A CG  
457 O OD1 . ASP A 60 ? 0.1429 0.1643 0.1712 0.0411  -0.0354 -0.0017 84   ASP A OD1 
458 O OD2 . ASP A 60 ? 0.1024 0.1321 0.1459 0.0053  0.0044  0.0046  84   ASP A OD2 
459 N N   . GLY A 61 ? 0.0877 0.1476 0.1109 -0.0005 0.0058  0.0232  85   GLY A N   
460 C CA  . GLY A 61 ? 0.0847 0.1619 0.1184 0.0048  0.0054  0.0234  85   GLY A CA  
461 C C   . GLY A 61 ? 0.0722 0.1606 0.1104 0.0030  0.0123  0.0167  85   GLY A C   
462 O O   . GLY A 61 ? 0.1060 0.1754 0.1246 0.0009  -0.0051 0.0281  85   GLY A O   
463 N N   . GLY A 62 ? 0.0748 0.1626 0.1114 0.0113  0.0058  0.0214  86   GLY A N   
464 C CA  . GLY A 62 ? 0.0780 0.1666 0.1087 0.0180  0.0052  0.0201  86   GLY A CA  
465 C C   . GLY A 62 ? 0.0686 0.1625 0.0998 0.0164  0.0052  0.0138  86   GLY A C   
466 O O   . GLY A 62 ? 0.0765 0.1578 0.1137 0.0154  0.0196  0.0191  86   GLY A O   
467 N N   . CYS A 63 ? 0.0702 0.1525 0.1000 0.0127  0.0091  0.0114  87   CYS A N   
468 C CA  . CYS A 63 ? 0.0697 0.1361 0.0883 0.0104  0.0019  0.0156  87   CYS A CA  
469 C C   . CYS A 63 ? 0.0930 0.1391 0.0903 0.0020  0.0003  0.0205  87   CYS A C   
470 O O   . CYS A 63 ? 0.1151 0.1565 0.1072 -0.0090 -0.0052 0.0366  87   CYS A O   
471 C CB  . CYS A 63 ? 0.0966 0.1513 0.1171 0.0164  0.0097  0.0037  87   CYS A CB  
472 S SG  . CYS A 63 ? 0.0838 0.1679 0.1187 0.0217  0.0125  0.0039  87   CYS A SG  
473 N N   . LEU A 64 ? 0.0871 0.1272 0.0917 -0.0050 0.0045  0.0150  88   LEU A N   
474 C CA  . LEU A 64 ? 0.0991 0.1229 0.0889 -0.0081 -0.0022 0.0213  88   LEU A CA  
475 C C   . LEU A 64 ? 0.1045 0.1346 0.0943 -0.0186 -0.0045 0.0140  88   LEU A C   
476 O O   . LEU A 64 ? 0.1104 0.1443 0.1021 -0.0070 0.0032  0.0193  88   LEU A O   
477 C CB  . LEU A 64 ? 0.1065 0.1323 0.0988 -0.0098 -0.0014 0.0152  88   LEU A CB  
478 C CG  . LEU A 64 ? 0.0987 0.1234 0.0826 -0.0013 -0.0073 0.0123  88   LEU A CG  
479 C CD1 . LEU A 64 ? 0.1035 0.1403 0.0917 -0.0084 0.0103  0.0132  88   LEU A CD1 
480 C CD2 . LEU A 64 ? 0.1094 0.1353 0.1130 -0.0084 0.0008  0.0030  88   LEU A CD2 
481 N N   . SER A 65 ? 0.1089 0.1536 0.1197 -0.0172 -0.0076 0.0144  89   SER A N   
482 C CA  . SER A 65 ? 0.1160 0.1682 0.1230 -0.0133 -0.0006 0.0144  89   SER A CA  
483 C C   . SER A 65 ? 0.1095 0.1555 0.1134 -0.0143 0.0053  0.0146  89   SER A C   
484 O O   . SER A 65 ? 0.1165 0.1769 0.1198 -0.0036 0.0010  0.0152  89   SER A O   
485 C CB  . SER A 65 ? 0.1466 0.2068 0.1411 -0.0173 0.0014  0.0154  89   SER A CB  
486 O OG  . SER A 65 ? 0.2146 0.2206 0.2225 -0.0108 0.0116  0.0344  89   SER A OG  
487 N N   . GLY A 66 ? 0.1018 0.1525 0.0885 -0.0126 0.0074  0.0175  90   GLY A N   
488 C CA  . GLY A 66 ? 0.0955 0.1419 0.0858 -0.0144 0.0110  0.0210  90   GLY A CA  
489 C C   . GLY A 66 ? 0.0723 0.1383 0.1015 -0.0057 0.0058  -0.0036 90   GLY A C   
490 O O   . GLY A 66 ? 0.1123 0.1722 0.1139 0.0014  0.0056  -0.0090 90   GLY A O   
491 N N   . ASP A 67 ? 0.0765 0.1249 0.0931 -0.0036 -0.0044 0.0011  91   ASP A N   
492 C CA  . ASP A 67 ? 0.0743 0.1226 0.1130 0.0010  -0.0042 -0.0051 91   ASP A CA  
493 C C   . ASP A 67 ? 0.0730 0.1240 0.0743 0.0028  0.0050  -0.0027 91   ASP A C   
494 O O   . ASP A 67 ? 0.0713 0.1281 0.0849 0.0119  0.0085  -0.0017 91   ASP A O   
495 C CB  . ASP A 67 ? 0.1099 0.1657 0.1590 -0.0129 -0.0039 0.0111  91   ASP A CB  
496 C CG  . ASP A 67 ? 0.1176 0.1597 0.1534 0.0358  -0.0236 0.0111  91   ASP A CG  
497 O OD1 . ASP A 67 ? 0.1352 0.2246 0.1537 0.0072  -0.0003 -0.0232 91   ASP A OD1 
498 O OD2 . ASP A 67 ? 0.1388 0.1921 0.1528 0.0001  -0.0305 0.0001  91   ASP A OD2 
499 N N   . TRP A 68 ? 0.0696 0.0970 0.0796 0.0033  -0.0018 -0.0027 92   TRP A N   
500 C CA  . TRP A 68 ? 0.0761 0.0963 0.0740 0.0003  0.0003  -0.0089 92   TRP A CA  
501 C C   . TRP A 68 ? 0.0687 0.0979 0.0726 0.0040  0.0029  -0.0078 92   TRP A C   
502 O O   . TRP A 68 ? 0.0766 0.0881 0.0676 -0.0025 0.0013  0.0003  92   TRP A O   
503 C CB  . TRP A 68 ? 0.0746 0.1107 0.0874 0.0035  -0.0059 -0.0095 92   TRP A CB  
504 C CG  . TRP A 68 ? 0.0802 0.1301 0.0816 0.0029  0.0080  -0.0098 92   TRP A CG  
505 C CD1 . TRP A 68 ? 0.0989 0.1624 0.1058 -0.0186 0.0009  -0.0094 92   TRP A CD1 
506 C CD2 . TRP A 68 ? 0.0917 0.1221 0.0778 0.0046  0.0033  -0.0164 92   TRP A CD2 
507 N NE1 . TRP A 68 ? 0.1232 0.1775 0.0783 -0.0086 0.0174  -0.0100 92   TRP A NE1 
508 C CE2 . TRP A 68 ? 0.0970 0.1288 0.0868 0.0074  0.0062  -0.0095 92   TRP A CE2 
509 C CE3 . TRP A 68 ? 0.0797 0.1128 0.0972 0.0136  0.0079  -0.0050 92   TRP A CE3 
510 C CZ2 . TRP A 68 ? 0.1287 0.1412 0.1003 0.0048  -0.0054 -0.0141 92   TRP A CZ2 
511 C CZ3 . TRP A 68 ? 0.0994 0.0972 0.1207 0.0004  -0.0056 -0.0088 92   TRP A CZ3 
512 C CH2 . TRP A 68 ? 0.1173 0.1235 0.1119 -0.0192 -0.0179 -0.0157 92   TRP A CH2 
513 N N   . SER A 69 ? 0.0731 0.1005 0.0721 0.0047  0.0044  -0.0076 93   SER A N   
514 C CA  . SER A 69 ? 0.0720 0.0869 0.0718 0.0022  0.0067  -0.0048 93   SER A CA  
515 C C   . SER A 69 ? 0.0706 0.0855 0.0767 0.0054  0.0064  -0.0005 93   SER A C   
516 O O   . SER A 69 ? 0.0742 0.0877 0.0674 0.0034  0.0013  -0.0008 93   SER A O   
517 C CB  . SER A 69 ? 0.0748 0.0932 0.0897 0.0008  0.0006  -0.0057 93   SER A CB  
518 O OG  . SER A 69 ? 0.0817 0.1063 0.1076 0.0139  0.0047  -0.0131 93   SER A OG  
519 N N   . GLN A 70 ? 0.0683 0.0818 0.0729 0.0044  0.0044  -0.0025 94   GLN A N   
520 C CA  . GLN A 70 ? 0.0697 0.0909 0.0695 0.0002  0.0042  -0.0002 94   GLN A CA  
521 C C   . GLN A 70 ? 0.0725 0.0919 0.0683 -0.0032 0.0053  -0.0019 94   GLN A C   
522 O O   . GLN A 70 ? 0.0701 0.0899 0.0691 -0.0010 0.0065  -0.0042 94   GLN A O   
523 C CB  . GLN A 70 ? 0.0725 0.0885 0.0861 0.0081  0.0053  -0.0015 94   GLN A CB  
524 C CG  . GLN A 70 ? 0.0751 0.0885 0.0896 0.0018  0.0028  0.0038  94   GLN A CG  
525 C CD  . GLN A 70 ? 0.0925 0.1041 0.0867 0.0100  0.0108  -0.0025 94   GLN A CD  
526 O OE1 . GLN A 70 ? 0.0772 0.1461 0.1105 0.0033  0.0175  -0.0210 94   GLN A OE1 
527 N NE2 . GLN A 70 ? 0.0726 0.1477 0.1018 -0.0073 0.0018  -0.0202 94   GLN A NE2 
528 N N   . GLU A 71 ? 0.0722 0.0887 0.0733 0.0029  0.0029  -0.0067 95   GLU A N   
529 C CA  . GLU A 71 ? 0.0753 0.0831 0.0739 0.0002  0.0032  -0.0024 95   GLU A CA  
530 C C   . GLU A 71 ? 0.0787 0.0849 0.0711 -0.0003 0.0007  -0.0024 95   GLU A C   
531 O O   . GLU A 71 ? 0.0783 0.0889 0.0733 -0.0045 0.0080  -0.0056 95   GLU A O   
532 C CB  . GLU A 71 ? 0.0773 0.0962 0.0774 -0.0043 0.0109  -0.0065 95   GLU A CB  
533 C CG  . GLU A 71 ? 0.0972 0.0990 0.1195 -0.0061 -0.0062 0.0003  95   GLU A CG  
534 C CD  . GLU A 71 ? 0.1590 0.1358 0.1249 -0.0088 0.0199  -0.0148 95   GLU A CD  
535 O OE1 . GLU A 71 ? 0.2616 0.1449 0.1475 0.0202  0.0326  0.0043  95   GLU A OE1 
536 O OE2 . GLU A 71 ? 0.1849 0.1421 0.1726 0.0016  -0.0031 0.0107  95   GLU A OE2 
537 N N   . PHE A 72 ? 0.0725 0.0817 0.0739 0.0020  0.0093  -0.0042 96   PHE A N   
538 C CA  . PHE A 72 ? 0.0691 0.0815 0.0726 0.0037  0.0065  -0.0027 96   PHE A CA  
539 C C   . PHE A 72 ? 0.0704 0.0825 0.0825 0.0021  0.0106  -0.0047 96   PHE A C   
540 O O   . PHE A 72 ? 0.0685 0.0905 0.0851 0.0027  0.0057  -0.0141 96   PHE A O   
541 C CB  . PHE A 72 ? 0.0794 0.0929 0.0739 -0.0077 0.0027  -0.0001 96   PHE A CB  
542 C CG  . PHE A 72 ? 0.0764 0.0943 0.0760 -0.0066 -0.0017 0.0040  96   PHE A CG  
543 C CD1 . PHE A 72 ? 0.0873 0.1061 0.0819 -0.0003 0.0089  0.0090  96   PHE A CD1 
544 C CD2 . PHE A 72 ? 0.0722 0.1366 0.1056 -0.0038 -0.0002 0.0172  96   PHE A CD2 
545 C CE1 . PHE A 72 ? 0.1013 0.1101 0.0964 -0.0082 0.0114  0.0002  96   PHE A CE1 
546 C CE2 . PHE A 72 ? 0.0953 0.1372 0.1042 -0.0132 0.0063  0.0254  96   PHE A CE2 
547 C CZ  . PHE A 72 ? 0.1002 0.1438 0.0918 -0.0206 0.0121  -0.0038 96   PHE A CZ  
548 N N   . VAL A 73 ? 0.0689 0.0816 0.0706 0.0026  0.0064  -0.0019 97   VAL A N   
549 C CA  . VAL A 73 ? 0.0741 0.0919 0.0706 -0.0004 0.0070  0.0021  97   VAL A CA  
550 C C   . VAL A 73 ? 0.0690 0.0938 0.0702 -0.0001 0.0061  -0.0067 97   VAL A C   
551 O O   . VAL A 73 ? 0.0800 0.0902 0.0843 -0.0067 0.0085  -0.0079 97   VAL A O   
552 C CB  . VAL A 73 ? 0.0758 0.0877 0.0750 0.0066  0.0100  0.0056  97   VAL A CB  
553 C CG1 . VAL A 73 ? 0.1033 0.0979 0.0783 0.0055  0.0013  0.0002  97   VAL A CG1 
554 C CG2 . VAL A 73 ? 0.0897 0.0963 0.0810 -0.0030 0.0117  0.0089  97   VAL A CG2 
555 N N   . ARG A 74 ? 0.0706 0.0824 0.0747 0.0024  0.0015  -0.0019 98   ARG A N   
556 C CA  . ARG A 74 ? 0.0727 0.0927 0.0790 -0.0035 0.0025  0.0013  98   ARG A CA  
557 C C   . ARG A 74 ? 0.0726 0.0908 0.0690 -0.0013 0.0027  0.0021  98   ARG A C   
558 O O   . ARG A 74 ? 0.0837 0.0947 0.0950 -0.0099 0.0054  -0.0008 98   ARG A O   
559 C CB  . ARG A 74 ? 0.0740 0.0891 0.0761 -0.0003 -0.0008 0.0012  98   ARG A CB  
560 C CG  . ARG A 74 ? 0.0746 0.1025 0.0957 -0.0062 0.0003  0.0107  98   ARG A CG  
561 C CD  . ARG A 74 ? 0.0891 0.1228 0.0894 -0.0163 -0.0050 0.0025  98   ARG A CD  
562 N NE  . ARG A 74 ? 0.0881 0.1222 0.0894 -0.0178 0.0139  0.0079  98   ARG A NE  
563 C CZ  . ARG A 74 ? 0.0926 0.1086 0.1110 -0.0169 -0.0003 0.0080  98   ARG A CZ  
564 N NH1 . ARG A 74 ? 0.0945 0.1319 0.1103 -0.0084 -0.0158 -0.0115 98   ARG A NH1 
565 N NH2 . ARG A 74 ? 0.1058 0.1216 0.1063 -0.0118 -0.0024 -0.0057 98   ARG A NH2 
566 N N   . ARG A 75 ? 0.0723 0.0884 0.0837 0.0049  0.0030  0.0030  99   ARG A N   
567 C CA  . ARG A 75 ? 0.0996 0.1019 0.0887 0.0076  0.0066  0.0009  99   ARG A CA  
568 C C   . ARG A 75 ? 0.0942 0.1062 0.1028 0.0097  0.0202  -0.0093 99   ARG A C   
569 O O   . ARG A 75 ? 0.1384 0.1183 0.1344 0.0266  0.0413  -0.0070 99   ARG A O   
570 C CB  . ARG A 75 ? 0.1374 0.1622 0.1339 0.0321  0.0018  -0.0111 99   ARG A CB  
571 C CG  . ARG A 75 ? 0.1616 0.1521 0.1454 0.0271  0.0117  0.0061  99   ARG A CG  
572 C CD  . ARG A 75 ? 0.1866 0.1658 0.1627 0.0093  -0.0341 -0.0332 99   ARG A CD  
573 N NE  . ARG A 75 ? 0.2054 0.1956 0.1791 0.0125  -0.0336 -0.0071 99   ARG A NE  
574 C CZ  . ARG A 75 ? 0.2467 0.2275 0.2052 0.0152  -0.0201 -0.0167 99   ARG A CZ  
575 N NH1 . ARG A 75 ? 0.2181 0.1511 0.2156 -0.0059 0.0076  0.0030  99   ARG A NH1 
576 N NH2 . ARG A 75 ? 0.2870 0.2149 0.2308 0.0228  -0.0305 0.0060  99   ARG A NH2 
577 N N   . ASN A 76 ? 0.0816 0.0934 0.0896 0.0024  0.0138  -0.0119 100  ASN A N   
578 C CA  . ASN A 76 ? 0.0851 0.1055 0.0803 -0.0075 0.0111  -0.0190 100  ASN A CA  
579 C C   . ASN A 76 ? 0.0875 0.1043 0.0782 -0.0138 0.0104  -0.0115 100  ASN A C   
580 O O   . ASN A 76 ? 0.1057 0.1102 0.0879 -0.0267 0.0110  -0.0123 100  ASN A O   
581 C CB  . ASN A 76 ? 0.0797 0.1062 0.0913 -0.0035 0.0141  -0.0141 100  ASN A CB  
582 C CG  . ASN A 76 ? 0.0838 0.1214 0.0881 0.0051  0.0103  -0.0090 100  ASN A CG  
583 O OD1 . ASN A 76 ? 0.1026 0.1458 0.0988 -0.0036 0.0082  -0.0268 100  ASN A OD1 
584 N ND2 . ASN A 76 ? 0.0768 0.0968 0.1053 0.0012  0.0106  -0.0234 100  ASN A ND2 
585 N N   . GLN A 77 ? 0.0907 0.0928 0.0820 -0.0085 0.0110  -0.0060 101  GLN A N   
586 C CA  . GLN A 77 ? 0.1022 0.1023 0.0853 -0.0213 0.0048  -0.0061 101  GLN A CA  
587 C C   . GLN A 77 ? 0.1029 0.1091 0.0879 -0.0250 0.0096  -0.0017 101  GLN A C   
588 O O   . GLN A 77 ? 0.1048 0.1353 0.0900 -0.0280 0.0117  0.0014  101  GLN A O   
589 C CB  . GLN A 77 ? 0.0943 0.0926 0.0854 -0.0089 0.0092  -0.0032 101  GLN A CB  
590 C CG  . GLN A 77 ? 0.0928 0.1102 0.0897 -0.0092 0.0107  0.0015  101  GLN A CG  
591 C CD  . GLN A 77 ? 0.1019 0.0967 0.0998 -0.0120 -0.0069 0.0187  101  GLN A CD  
592 O OE1 . GLN A 77 ? 0.1076 0.1258 0.1230 -0.0087 0.0000  0.0255  101  GLN A OE1 
593 N NE2 . GLN A 77 ? 0.1142 0.1166 0.1458 -0.0289 -0.0232 0.0339  101  GLN A NE2 
594 N N   . GLN A 78 ? 0.1253 0.1144 0.0963 -0.0329 0.0292  -0.0158 102  GLN A N   
595 C CA  . GLN A 78 ? 0.1534 0.1270 0.1225 -0.0320 0.0308  -0.0250 102  GLN A CA  
596 C C   . GLN A 78 ? 0.1399 0.1251 0.1121 -0.0335 0.0343  -0.0197 102  GLN A C   
597 O O   . GLN A 78 ? 0.1853 0.1560 0.1116 -0.0430 0.0433  -0.0320 102  GLN A O   
598 C CB  . GLN A 78 ? 0.1781 0.1209 0.1401 -0.0171 0.0451  -0.0220 102  GLN A CB  
599 C CG  . GLN A 78 ? 0.1880 0.1578 0.1939 0.0068  0.0274  -0.0116 102  GLN A CG  
600 C CD  . GLN A 78 ? 0.2395 0.2407 0.2361 0.0134  0.0205  -0.0161 102  GLN A CD  
601 O OE1 . GLN A 78 ? 0.3199 0.3204 0.3392 0.0176  -0.0282 0.0559  102  GLN A OE1 
602 N NE2 . GLN A 78 ? 0.2968 0.2856 0.3212 0.0439  0.0087  -0.0236 102  GLN A NE2 
603 N N   . TYR A 79 ? 0.1303 0.1300 0.1007 -0.0280 0.0422  -0.0202 103  TYR A N   
604 C CA  . TYR A 79 ? 0.1129 0.1327 0.1133 -0.0365 0.0403  -0.0081 103  TYR A CA  
605 C C   . TYR A 79 ? 0.1119 0.1179 0.1192 -0.0369 0.0457  -0.0133 103  TYR A C   
606 O O   . TYR A 79 ? 0.1211 0.1600 0.1418 -0.0300 0.0457  0.0254  103  TYR A O   
607 C CB  . TYR A 79 ? 0.1128 0.1213 0.1292 -0.0238 0.0260  -0.0109 103  TYR A CB  
608 C CG  . TYR A 79 ? 0.1192 0.1017 0.1521 -0.0265 0.0357  -0.0059 103  TYR A CG  
609 C CD1 . TYR A 79 ? 0.1730 0.1465 0.1540 -0.0020 0.0509  0.0370  103  TYR A CD1 
610 C CD2 . TYR A 79 ? 0.1546 0.1721 0.1603 -0.0005 0.0061  -0.0230 103  TYR A CD2 
611 C CE1 . TYR A 79 ? 0.1939 0.1707 0.2171 0.0147  0.0411  0.0072  103  TYR A CE1 
612 C CE2 . TYR A 79 ? 0.2020 0.1703 0.1903 -0.0022 -0.0069 0.0014  103  TYR A CE2 
613 C CZ  . TYR A 79 ? 0.1688 0.1748 0.2149 0.0036  0.0025  -0.0055 103  TYR A CZ  
614 O OH  . TYR A 79 ? 0.1879 0.1827 0.2837 0.0236  0.0168  -0.0016 103  TYR A OH  
615 N N   . GLY A 80 ? 0.1179 0.1122 0.1188 -0.0313 0.0411  -0.0132 104  GLY A N   
616 C CA  . GLY A 80 ? 0.1221 0.1288 0.1130 -0.0204 0.0427  -0.0188 104  GLY A CA  
617 C C   . GLY A 80 ? 0.1239 0.1159 0.1110 -0.0259 0.0382  -0.0234 104  GLY A C   
618 O O   . GLY A 80 ? 0.1915 0.1421 0.1162 -0.0348 0.0499  -0.0259 104  GLY A O   
619 N N   . ILE A 81 ? 0.0976 0.0975 0.1036 -0.0171 0.0263  -0.0132 105  ILE A N   
620 C CA  . ILE A 81 ? 0.0753 0.1070 0.1038 -0.0096 0.0224  -0.0111 105  ILE A CA  
621 C C   . ILE A 81 ? 0.0735 0.1059 0.0941 -0.0076 0.0223  -0.0076 105  ILE A C   
622 O O   . ILE A 81 ? 0.0833 0.1170 0.1237 -0.0065 0.0386  -0.0014 105  ILE A O   
623 C CB  . ILE A 81 ? 0.0813 0.0978 0.0915 -0.0070 0.0221  -0.0068 105  ILE A CB  
624 C CG1 . ILE A 81 ? 0.0911 0.0912 0.0952 0.0032  0.0124  -0.0104 105  ILE A CG1 
625 C CG2 . ILE A 81 ? 0.0824 0.0994 0.1038 -0.0165 0.0229  -0.0130 105  ILE A CG2 
626 C CD1 . ILE A 81 ? 0.0849 0.0980 0.1355 0.0153  0.0268  -0.0057 105  ILE A CD1 
627 N N   . GLN A 82 ? 0.0719 0.0964 0.0897 -0.0055 0.0190  -0.0118 106  GLN A N   
628 C CA  . GLN A 82 ? 0.0751 0.1077 0.0924 -0.0030 0.0107  -0.0079 106  GLN A CA  
629 C C   . GLN A 82 ? 0.0675 0.0901 0.0810 0.0026  0.0049  -0.0085 106  GLN A C   
630 O O   . GLN A 82 ? 0.0717 0.1016 0.0906 -0.0046 0.0100  -0.0066 106  GLN A O   
631 C CB  . GLN A 82 ? 0.0726 0.1186 0.1013 -0.0001 0.0037  -0.0037 106  GLN A CB  
632 C CG  . GLN A 82 ? 0.0891 0.1379 0.1130 0.0020  0.0087  -0.0040 106  GLN A CG  
633 C CD  . GLN A 82 ? 0.0798 0.1435 0.0997 0.0199  0.0000  -0.0214 106  GLN A CD  
634 O OE1 . GLN A 82 ? 0.0992 0.1528 0.1679 0.0214  0.0114  -0.0456 106  GLN A OE1 
635 N NE2 . GLN A 82 ? 0.0887 0.1415 0.1517 0.0133  0.0125  -0.0190 106  GLN A NE2 
636 N N   . ILE A 83 ? 0.0715 0.0949 0.0871 -0.0043 0.0052  -0.0017 107  ILE A N   
637 C CA  . ILE A 83 ? 0.0689 0.0995 0.0832 0.0106  0.0022  -0.0041 107  ILE A CA  
638 C C   . ILE A 83 ? 0.0784 0.1000 0.0885 0.0066  -0.0021 -0.0044 107  ILE A C   
639 O O   . ILE A 83 ? 0.0903 0.0965 0.0986 0.0032  -0.0104 0.0004  107  ILE A O   
640 C CB  . ILE A 83 ? 0.0766 0.1083 0.0993 -0.0071 0.0084  -0.0046 107  ILE A CB  
641 C CG1 . ILE A 83 ? 0.0811 0.1048 0.1026 0.0014  0.0117  -0.0135 107  ILE A CG1 
642 C CG2 . ILE A 83 ? 0.1214 0.0844 0.1156 0.0070  0.0033  -0.0148 107  ILE A CG2 
643 C CD1 . ILE A 83 ? 0.0831 0.1161 0.1222 -0.0038 0.0018  0.0120  107  ILE A CD1 
644 N N   . ILE A 84 ? 0.0826 0.0925 0.0907 0.0111  -0.0056 -0.0028 108  ILE A N   
645 C CA  . ILE A 84 ? 0.0918 0.1003 0.0939 0.0067  -0.0026 -0.0003 108  ILE A CA  
646 C C   . ILE A 84 ? 0.1030 0.0905 0.1046 0.0085  -0.0024 0.0026  108  ILE A C   
647 O O   . ILE A 84 ? 0.1392 0.0823 0.1304 0.0206  -0.0060 -0.0032 108  ILE A O   
648 C CB  . ILE A 84 ? 0.1246 0.1015 0.0936 -0.0005 0.0120  0.0062  108  ILE A CB  
649 C CG1 . ILE A 84 ? 0.1566 0.1271 0.1159 0.0054  0.0169  0.0075  108  ILE A CG1 
650 C CG2 . ILE A 84 ? 0.1474 0.1058 0.1276 -0.0047 0.0076  0.0095  108  ILE A CG2 
651 C CD1 . ILE A 84 ? 0.1760 0.1652 0.1711 0.0040  0.0452  0.0098  108  ILE A CD1 
652 N N   . LYS A 85 ? 0.1097 0.0818 0.0856 0.0139  0.0108  -0.0054 109  LYS A N   
653 C CA  . LYS A 85 ? 0.1373 0.1015 0.1016 0.0090  -0.0049 -0.0039 109  LYS A CA  
654 C C   . LYS A 85 ? 0.1024 0.0930 0.0917 0.0184  -0.0018 -0.0050 109  LYS A C   
655 O O   . LYS A 85 ? 0.0974 0.0911 0.0965 0.0170  0.0126  -0.0014 109  LYS A O   
656 C CB  . LYS A 85 ? 0.2032 0.1499 0.1408 0.0137  -0.0015 -0.0098 109  LYS A CB  
657 C CG  . LYS A 85 ? 0.1824 0.1640 0.1636 -0.0048 0.0051  -0.0029 109  LYS A CG  
658 C CD  . LYS A 85 ? 0.1774 0.1622 0.2314 -0.0079 0.0168  -0.0091 109  LYS A CD  
659 C CE  . LYS A 85 ? 0.2080 0.2542 0.2389 0.0191  0.0040  0.0023  109  LYS A CE  
660 N NZ  . LYS A 85 ? 0.2216 0.2011 0.3385 -0.0271 0.0353  -0.0240 109  LYS A NZ  
661 N N   . VAL A 86 ? 0.0806 0.0902 0.0905 0.0123  -0.0033 -0.0093 110  VAL A N   
662 C CA  . VAL A 86 ? 0.0858 0.0848 0.0867 0.0116  -0.0031 -0.0142 110  VAL A CA  
663 C C   . VAL A 86 ? 0.0876 0.0833 0.0895 0.0133  -0.0045 -0.0131 110  VAL A C   
664 O O   . VAL A 86 ? 0.0905 0.0909 0.1106 0.0184  -0.0057 -0.0224 110  VAL A O   
665 C CB  . VAL A 86 ? 0.0901 0.0997 0.0999 0.0105  0.0034  -0.0126 110  VAL A CB  
666 C CG1 . VAL A 86 ? 0.1347 0.0946 0.1002 -0.0001 0.0166  -0.0010 110  VAL A CG1 
667 C CG2 . VAL A 86 ? 0.1122 0.1034 0.0953 -0.0062 0.0080  -0.0011 110  VAL A CG2 
668 N N   . THR A 87 ? 0.1106 0.0875 0.0904 0.0173  -0.0005 -0.0136 111  THR A N   
669 C CA  . THR A 87 ? 0.1054 0.0847 0.0877 0.0182  -0.0028 -0.0109 111  THR A CA  
670 C C   . THR A 87 ? 0.1014 0.0853 0.0919 0.0203  -0.0098 -0.0066 111  THR A C   
671 O O   . THR A 87 ? 0.1119 0.0879 0.1152 0.0286  0.0004  -0.0123 111  THR A O   
672 C CB  . THR A 87 ? 0.1156 0.0931 0.0916 0.0134  0.0040  -0.0142 111  THR A CB  
673 O OG1 . THR A 87 ? 0.1450 0.0982 0.0967 0.0010  -0.0053 -0.0107 111  THR A OG1 
674 C CG2 . THR A 87 ? 0.1264 0.1055 0.1344 -0.0139 -0.0018 -0.0183 111  THR A CG2 
675 N N   . ARG A 88 ? 0.0968 0.0795 0.0911 0.0127  -0.0102 -0.0125 112  ARG A N   
676 C CA  . ARG A 88 ? 0.1128 0.0802 0.1092 0.0099  -0.0100 -0.0059 112  ARG A CA  
677 C C   . ARG A 88 ? 0.1215 0.0812 0.1088 0.0150  -0.0253 -0.0183 112  ARG A C   
678 O O   . ARG A 88 ? 0.1504 0.0857 0.1383 0.0116  -0.0418 -0.0242 112  ARG A O   
679 C CB  . ARG A 88 ? 0.1249 0.0967 0.1257 0.0071  0.0079  -0.0057 112  ARG A CB  
680 C CG  . ARG A 88 ? 0.1731 0.1193 0.1738 0.0013  0.0026  -0.0159 112  ARG A CG  
681 C CD  . ARG A 88 ? 0.2040 0.1849 0.2159 -0.0248 0.0082  -0.0003 112  ARG A CD  
682 N NE  . ARG A 88 ? 0.2543 0.2331 0.3047 -0.0031 0.0237  -0.0168 112  ARG A NE  
683 C CZ  . ARG A 88 ? 0.2249 0.2557 0.3465 -0.0027 0.0382  -0.0332 112  ARG A CZ  
684 N NH1 . ARG A 88 ? 0.2224 0.2906 0.3684 -0.0377 0.0346  -0.0156 112  ARG A NH1 
685 N NH2 . ARG A 88 ? 0.2486 0.2670 0.4382 0.0087  -0.0042 -0.0680 112  ARG A NH2 
686 N N   . LEU A 89 ? 0.1408 0.0847 0.1189 0.0238  -0.0463 -0.0238 113  LEU A N   
687 C CA  . LEU A 89 ? 0.1555 0.1041 0.1492 0.0298  -0.0559 -0.0249 113  LEU A CA  
688 C C   . LEU A 89 ? 0.2294 0.0787 0.1358 0.0233  -0.0730 -0.0134 113  LEU A C   
689 O O   . LEU A 89 ? 0.2843 0.0739 0.1386 0.0116  -0.0907 -0.0051 113  LEU A O   
690 C CB  . LEU A 89 ? 0.1578 0.1081 0.1941 0.0314  -0.0659 -0.0445 113  LEU A CB  
691 C CG  . LEU A 89 ? 0.1048 0.1447 0.2107 0.0344  -0.0282 -0.0616 113  LEU A CG  
692 C CD1 . LEU A 89 ? 0.1107 0.1773 0.3087 0.0497  -0.0171 -0.0574 113  LEU A CD1 
693 C CD2 . LEU A 89 ? 0.1259 0.1348 0.2098 0.0292  -0.0203 -0.0424 113  LEU A CD2 
694 N N   . PRO A 90 ? 0.2776 0.1035 0.1447 0.0036  -0.0843 -0.0047 114  PRO A N   
695 C CA  . PRO A 90 ? 0.2287 0.0911 0.1410 0.0091  -0.0740 -0.0214 114  PRO A CA  
696 C C   . PRO A 90 ? 0.1913 0.0865 0.1262 0.0000  -0.0323 -0.0089 114  PRO A C   
697 O O   . PRO A 90 ? 0.2243 0.1109 0.1437 -0.0279 -0.0224 0.0172  114  PRO A O   
698 C CB  . PRO A 90 ? 0.2831 0.1353 0.1600 0.0049  -0.1038 -0.0100 114  PRO A CB  
699 C CG  . PRO A 90 ? 0.3702 0.1624 0.1604 -0.0151 -0.0800 -0.0178 114  PRO A CG  
700 C CD  . PRO A 90 ? 0.3509 0.1414 0.1384 -0.0086 -0.0993 -0.0044 114  PRO A CD  
701 N N   . PHE A 91 ? 0.1362 0.0852 0.1260 0.0026  -0.0246 0.0000  115  PHE A N   
702 C CA  . PHE A 91 ? 0.1117 0.0784 0.1077 0.0007  -0.0038 -0.0050 115  PHE A CA  
703 C C   . PHE A 91 ? 0.1048 0.0796 0.0955 -0.0026 -0.0015 -0.0029 115  PHE A C   
704 O O   . PHE A 91 ? 0.1098 0.1073 0.1003 -0.0030 0.0068  -0.0175 115  PHE A O   
705 C CB  . PHE A 91 ? 0.0989 0.0869 0.1168 0.0101  0.0081  -0.0045 115  PHE A CB  
706 C CG  . PHE A 91 ? 0.0878 0.0989 0.0815 0.0006  0.0116  -0.0013 115  PHE A CG  
707 C CD1 . PHE A 91 ? 0.1059 0.0796 0.0872 0.0029  0.0202  -0.0095 115  PHE A CD1 
708 C CD2 . PHE A 91 ? 0.0896 0.0863 0.0948 -0.0057 0.0018  -0.0089 115  PHE A CD2 
709 C CE1 . PHE A 91 ? 0.0918 0.0969 0.0792 -0.0001 0.0067  -0.0111 115  PHE A CE1 
710 C CE2 . PHE A 91 ? 0.1140 0.0844 0.1002 0.0088  0.0002  -0.0027 115  PHE A CE2 
711 C CZ  . PHE A 91 ? 0.0919 0.0900 0.0904 0.0068  -0.0006 -0.0025 115  PHE A CZ  
712 N N   . TRP A 92 ? 0.1035 0.0885 0.1209 0.0105  -0.0198 -0.0102 116  TRP A N   
713 C CA  . TRP A 92 ? 0.1378 0.0928 0.1193 -0.0066 -0.0185 -0.0105 116  TRP A CA  
714 C C   . TRP A 92 ? 0.2198 0.1258 0.1556 -0.0083 -0.0042 -0.0088 116  TRP A C   
715 O O   . TRP A 92 ? 0.2518 0.1805 0.1848 -0.0136 -0.0263 0.0229  116  TRP A O   
716 C CB  . TRP A 92 ? 0.1344 0.1066 0.1284 -0.0144 -0.0320 -0.0105 116  TRP A CB  
717 C CG  . TRP A 92 ? 0.1040 0.1003 0.1289 -0.0141 -0.0348 -0.0008 116  TRP A CG  
718 C CD1 . TRP A 92 ? 0.1287 0.0940 0.1548 -0.0143 -0.0143 0.0171  116  TRP A CD1 
719 C CD2 . TRP A 92 ? 0.1015 0.0903 0.1285 -0.0171 -0.0305 0.0090  116  TRP A CD2 
720 N NE1 . TRP A 92 ? 0.1045 0.1233 0.1561 -0.0189 -0.0013 0.0183  116  TRP A NE1 
721 C CE2 . TRP A 92 ? 0.1015 0.0943 0.1374 -0.0152 -0.0256 0.0081  116  TRP A CE2 
722 C CE3 . TRP A 92 ? 0.1373 0.1004 0.1197 -0.0051 -0.0217 -0.0018 116  TRP A CE3 
723 C CZ2 . TRP A 92 ? 0.1369 0.1052 0.1329 -0.0349 -0.0268 -0.0038 116  TRP A CZ2 
724 C CZ3 . TRP A 92 ? 0.1368 0.0958 0.1520 -0.0032 -0.0193 -0.0007 116  TRP A CZ3 
725 C CH2 . TRP A 92 ? 0.1322 0.0890 0.1280 -0.0163 -0.0415 0.0063  116  TRP A CH2 
726 N N   . ARG A 93 ? 0.2898 0.2105 0.2046 0.0073  0.0297  0.0193  117  ARG A N   
727 C CA  . ARG A 93 ? 0.3726 0.2648 0.2140 -0.0067 0.0113  -0.0043 117  ARG A CA  
728 C C   . ARG A 93 ? 0.4165 0.2363 0.2440 0.0103  0.0389  -0.0059 117  ARG A C   
729 O O   . ARG A 93 ? 0.3921 0.3001 0.2401 0.0313  0.0377  -0.0127 117  ARG A O   
730 C CB  . ARG A 93 ? 0.3873 0.2696 0.2722 -0.0316 0.0239  -0.0186 117  ARG A CB  
731 C CG  . ARG A 93 ? 0.3989 0.3538 0.2600 -0.0244 0.0245  0.0533  117  ARG A CG  
732 S S   . SCN B .  ? 0.0736 0.1294 0.0999 0.0002  0.0054  0.0136  1118 SCN A S   
733 C C   . SCN B .  ? 0.0866 0.0811 0.1027 0.0003  0.0109  -0.0055 1118 SCN A C   
734 N N   . SCN B .  ? 0.0926 0.0998 0.1154 0.0119  -0.0203 0.0066  1118 SCN A N   
735 C C1  . EDO C .  ? 0.1618 0.1965 0.1680 -0.0204 -0.0114 -0.0079 1119 EDO A C1  
736 O O1  . EDO C .  ? 0.1498 0.1490 0.1468 0.0042  0.0011  0.0180  1119 EDO A O1  
737 C C2  . EDO C .  ? 0.1489 0.1843 0.2069 -0.0005 -0.0063 -0.0195 1119 EDO A C2  
738 O O2  . EDO C .  ? 0.1063 0.1486 0.1819 -0.0120 -0.0522 0.0112  1119 EDO A O2  
739 O O   . HOH D .  ? 0.1425 0.2085 0.2149 0.0301  0.0212  0.0002  2001 HOH A O   
740 O O   . HOH D .  ? 0.1725 0.2627 0.1954 0.0288  0.0825  0.0172  2002 HOH A O   
741 O O   . HOH D .  ? 0.1395 0.1876 0.1148 0.0258  0.0093  -0.0113 2003 HOH A O   
742 O O   . HOH D .  ? 0.1184 0.2185 0.1894 0.0369  0.0337  0.0106  2004 HOH A O   
743 O O   . HOH D .  ? 0.1896 0.2890 0.2826 0.0017  0.0417  -0.0440 2005 HOH A O   
744 O O   . HOH D .  ? 0.3580 0.3468 0.3615 -0.0038 -0.0301 -0.0384 2006 HOH A O   
745 O O   . HOH D .  ? 0.1791 0.2421 0.2207 0.0190  0.0153  0.0010  2007 HOH A O   
746 O O   . HOH D .  ? 0.2365 0.2045 0.2065 0.0534  -0.0042 -0.0431 2008 HOH A O   
747 O O   . HOH D .  ? 0.0929 0.1183 0.0902 0.0186  0.0088  -0.0001 2009 HOH A O   
748 O O   . HOH D .  ? 0.1866 0.2514 0.2656 0.0380  -0.0024 -0.0028 2010 HOH A O   
749 O O   . HOH D .  ? 0.2489 0.2605 0.2769 0.0550  0.0177  0.0917  2011 HOH A O   
750 O O   . HOH D .  ? 0.4673 0.3683 0.5517 0.0753  0.0083  0.1147  2012 HOH A O   
751 O O   . HOH D .  ? 0.5887 0.4386 0.5165 0.0525  -0.0195 0.0805  2013 HOH A O   
752 O O   . HOH D .  ? 0.2268 0.2768 0.3346 -0.0086 0.0042  -0.0159 2014 HOH A O   
753 O O   . HOH D .  ? 0.1989 0.1603 0.2067 0.0373  -0.0411 -0.0090 2015 HOH A O   
754 O O   . HOH D .  ? 0.3568 0.3300 0.4152 -0.0953 -0.0795 -0.0460 2016 HOH A O   
755 O O   . HOH D .  ? 0.1987 0.1708 0.1979 0.0094  -0.0241 -0.0033 2017 HOH A O   
756 O O   . HOH D .  ? 0.0896 0.1734 0.1465 0.0076  0.0084  -0.0212 2018 HOH A O   
757 O O   . HOH D .  ? 0.1599 0.2896 0.2453 0.0049  0.0238  -0.0080 2019 HOH A O   
758 O O   . HOH D .  ? 0.4040 0.4117 0.4276 0.0368  0.0670  0.1403  2020 HOH A O   
759 O O   . HOH D .  ? 0.3589 0.3856 0.2867 0.0460  0.0533  -0.0045 2021 HOH A O   
760 O O   . HOH D .  ? 0.1768 0.1360 0.1106 0.0222  0.0179  -0.0187 2022 HOH A O   
761 O O   . HOH D .  ? 0.2495 0.2777 0.3003 -0.0393 -0.0504 -0.0007 2023 HOH A O   
762 O O   . HOH D .  ? 0.2074 0.2067 0.3260 0.0183  0.0292  0.0024  2024 HOH A O   
763 O O   . HOH D .  ? 0.4676 0.3887 0.4284 -0.0559 0.0035  -0.0399 2025 HOH A O   
764 O O   . HOH D .  ? 0.2511 0.2219 0.2096 0.0067  0.0808  0.0102  2026 HOH A O   
765 O O   . HOH D .  ? 0.2451 0.2406 0.3400 -0.0062 -0.0092 -0.0008 2027 HOH A O   
766 O O   . HOH D .  ? 0.2391 0.2489 0.2327 -0.0008 0.0195  -0.0155 2028 HOH A O   
767 O O   . HOH D .  ? 0.2465 0.2579 0.2629 0.0030  0.0525  -0.0124 2029 HOH A O   
768 O O   . HOH D .  ? 0.2106 0.3319 0.2447 -0.0203 0.0077  -0.0114 2030 HOH A O   
769 O O   . HOH D .  ? 0.2949 0.3173 0.2946 0.0073  0.0590  -0.0256 2031 HOH A O   
770 O O   . HOH D .  ? 0.3861 0.3435 0.3135 0.0208  0.0019  0.0913  2032 HOH A O   
771 O O   . HOH D .  ? 0.3156 0.2966 0.3770 0.0145  -0.0192 0.0371  2033 HOH A O   
772 O O   . HOH D .  ? 0.2806 0.3301 0.3418 -0.0289 -0.0187 -0.0743 2034 HOH A O   
773 O O   . HOH D .  ? 0.4314 0.3758 0.1617 -0.0020 0.0660  -0.0499 2035 HOH A O   
774 O O   . HOH D .  ? 0.2861 0.3334 0.3422 -0.0020 -0.0256 0.0024  2036 HOH A O   
775 O O   . HOH D .  ? 0.2444 0.2625 0.1774 -0.0064 0.0177  0.0284  2037 HOH A O   
776 O O   . HOH D .  ? 0.2381 0.2407 0.1361 -0.0454 0.0300  -0.0023 2038 HOH A O   
777 O O   . HOH D .  ? 0.3924 0.4069 0.3367 0.0792  0.0021  0.0277  2039 HOH A O   
778 O O   . HOH D .  ? 0.2895 0.4261 0.3146 0.0933  0.0181  0.0457  2040 HOH A O   
779 O O   . HOH D .  ? 0.3511 0.4272 0.3372 -0.0096 0.0626  0.0524  2041 HOH A O   
780 O O   . HOH D .  ? 0.2869 0.4511 0.2691 0.0160  0.0298  -0.0599 2042 HOH A O   
781 O O   . HOH D .  ? 0.3176 0.1998 0.3471 0.0574  0.0947  -0.0262 2043 HOH A O   
782 O O   . HOH D .  ? 0.2180 0.4508 0.3728 -0.0604 -0.0214 0.0593  2044 HOH A O   
783 O O   . HOH D .  ? 0.2507 0.2984 0.2299 0.0172  0.0464  0.0062  2045 HOH A O   
784 O O   . HOH D .  ? 0.2831 0.2647 0.2435 0.0786  0.0615  -0.0049 2046 HOH A O   
785 O O   . HOH D .  ? 0.1164 0.1739 0.0979 0.0340  0.0166  0.0023  2047 HOH A O   
786 O O   . HOH D .  ? 0.1614 0.3368 0.2262 -0.0185 0.0850  -0.0075 2048 HOH A O   
787 O O   . HOH D .  ? 0.3128 0.2087 0.2414 0.0329  -0.0340 -0.0348 2049 HOH A O   
788 O O   . HOH D .  ? 0.4031 0.3988 0.4444 0.0067  -0.0530 0.0438  2050 HOH A O   
789 O O   . HOH D .  ? 0.1666 0.1776 0.2944 -0.0061 -0.0615 0.0332  2051 HOH A O   
790 O O   . HOH D .  ? 0.5040 0.4996 0.4105 -0.0427 -0.0261 0.1233  2052 HOH A O   
791 O O   . HOH D .  ? 0.7588 0.4835 0.8955 0.1639  0.0141  -0.3232 2053 HOH A O   
792 O O   . HOH D .  ? 0.2902 0.4956 0.5598 -0.0418 0.0121  -0.0132 2054 HOH A O   
793 O O   . HOH D .  ? 0.5903 0.3530 0.5605 0.0313  0.0502  -0.0483 2055 HOH A O   
794 O O   . HOH D .  ? 0.1151 0.1332 0.0800 0.0106  0.0102  -0.0127 2056 HOH A O   
795 O O   . HOH D .  ? 0.4512 0.5055 0.3580 -0.0849 -0.0008 -0.0001 2057 HOH A O   
796 O O   . HOH D .  ? 0.2460 0.3772 0.3106 0.0199  0.0107  -0.0250 2058 HOH A O   
797 O O   . HOH D .  ? 0.2851 0.2870 0.3098 0.1091  0.0075  0.0142  2059 HOH A O   
798 O O   . HOH D .  ? 0.1411 0.3074 0.2282 0.0508  0.0381  -0.0056 2060 HOH A O   
799 O O   . HOH D .  ? 0.2127 0.5790 0.4980 -0.0536 0.0438  0.0380  2061 HOH A O   
800 O O   . HOH D .  ? 0.3120 0.5166 0.3934 -0.0502 -0.0737 0.0303  2062 HOH A O   
801 O O   . HOH D .  ? 0.3358 0.3476 0.3798 -0.0455 0.0069  -0.0688 2063 HOH A O   
802 O O   . HOH D .  ? 0.2866 0.2409 0.1415 -0.0058 0.0719  -0.0221 2064 HOH A O   
803 O O   . HOH D .  ? 0.2636 0.3341 0.2664 0.0873  0.1255  0.0751  2065 HOH A O   
804 O O   . HOH D .  ? 0.3429 0.2821 0.2442 -0.0398 0.0986  0.1132  2066 HOH A O   
805 O O   . HOH D .  ? 0.3283 0.4100 0.2706 0.0105  -0.0309 -0.0337 2067 HOH A O   
806 O O   . HOH D .  ? 0.2960 0.3495 0.4412 -0.0214 0.0697  0.0011  2068 HOH A O   
807 O O   . HOH D .  ? 0.3185 0.2297 0.1541 -0.0278 0.0349  0.0363  2069 HOH A O   
808 O O   . HOH D .  ? 0.2880 0.1994 0.1657 0.0507  0.0389  0.0080  2070 HOH A O   
809 O O   . HOH D .  ? 0.3979 0.3139 0.3635 0.0908  0.0204  -0.0160 2071 HOH A O   
810 O O   . HOH D .  ? 0.4290 0.3737 0.4384 0.0575  0.0517  0.0051  2072 HOH A O   
811 O O   . HOH D .  ? 0.1004 0.1679 0.1350 0.0330  0.0090  -0.0005 2073 HOH A O   
812 O O   . HOH D .  ? 0.4482 0.4605 0.6637 -0.0739 0.0952  -0.0995 2074 HOH A O   
813 O O   . HOH D .  ? 0.1091 0.1117 0.0893 -0.0017 -0.0049 -0.0035 2075 HOH A O   
814 O O   . HOH D .  ? 0.0852 0.1198 0.0719 0.0078  0.0043  0.0002  2076 HOH A O   
815 O O   . HOH D .  ? 0.5020 0.3860 0.3581 -0.0262 -0.0686 0.0449  2077 HOH A O   
816 O O   . HOH D .  ? 0.2447 0.1391 0.3317 -0.0222 -0.0623 0.0505  2078 HOH A O   
817 O O   . HOH D .  ? 0.1670 0.1648 0.1572 0.0058  -0.0134 0.0148  2079 HOH A O   
818 O O   . HOH D .  ? 0.1248 0.1311 0.0820 0.0180  -0.0055 -0.0167 2080 HOH A O   
819 O O   . HOH D .  ? 0.2005 0.1979 0.1911 0.0082  0.0103  0.0649  2081 HOH A O   
820 O O   . HOH D .  ? 0.2302 0.3592 0.3237 0.0288  -0.0095 0.0816  2082 HOH A O   
821 O O   . HOH D .  ? 0.0957 0.0944 0.0985 -0.0018 0.0055  0.0087  2083 HOH A O   
822 O O   . HOH D .  ? 0.4429 0.5548 0.5502 0.0263  0.0531  0.0752  2084 HOH A O   
823 O O   . HOH D .  ? 0.3576 0.4333 0.3514 0.1284  0.0393  -0.0234 2085 HOH A O   
824 O O   . HOH D .  ? 0.2502 0.2860 0.3965 0.0258  -0.0516 0.0069  2086 HOH A O   
825 O O   . HOH D .  ? 0.0897 0.1348 0.1052 0.0227  0.0018  -0.0100 2087 HOH A O   
826 O O   . HOH D .  ? 0.0786 0.1518 0.1102 0.0060  0.0077  0.0078  2088 HOH A O   
827 O O   . HOH D .  ? 0.5140 0.3417 0.4308 -0.0680 -0.0599 -0.0524 2089 HOH A O   
828 O O   . HOH D .  ? 0.1315 0.1799 0.1523 0.0046  -0.0155 -0.0202 2090 HOH A O   
829 O O   . HOH D .  ? 0.1111 0.2430 0.2002 -0.0192 0.0029  0.0446  2091 HOH A O   
830 O O   . HOH D .  ? 0.1619 0.2212 0.1878 0.0648  0.0244  -0.0497 2092 HOH A O   
831 O O   . HOH D .  ? 0.1973 0.2496 0.1501 0.0335  0.0184  0.0093  2093 HOH A O   
832 O O   . HOH D .  ? 0.0889 0.1672 0.1098 0.0156  -0.0050 -0.0134 2094 HOH A O   
833 O O   . HOH D .  ? 0.3112 0.2667 0.3570 0.0031  -0.0124 -0.0172 2095 HOH A O   
834 O O   . HOH D .  ? 0.2540 0.2419 0.2410 0.0727  -0.0265 -0.0373 2096 HOH A O   
835 O O   . HOH D .  ? 0.4609 0.3010 0.3387 -0.0171 0.0068  0.0725  2097 HOH A O   
836 O O   . HOH D .  ? 0.2553 0.5115 0.4041 0.0093  0.0024  0.0918  2098 HOH A O   
837 O O   . HOH D .  ? 0.2080 0.3865 0.2611 0.0123  0.0987  -0.0284 2099 HOH A O   
838 O O   . HOH D .  ? 0.2637 0.3336 0.2306 0.0452  0.0800  -0.0172 2100 HOH A O   
839 O O   . HOH D .  ? 0.2573 0.3580 0.2179 -0.0356 0.0419  0.0772  2101 HOH A O   
840 O O   . HOH D .  ? 0.3826 0.4401 0.3365 -0.0352 0.0721  0.0308  2102 HOH A O   
841 O O   . HOH D .  ? 0.1886 0.2248 0.2340 0.0215  0.0195  0.0106  2103 HOH A O   
842 O O   . HOH D .  ? 0.2521 0.2508 0.3914 -0.0401 0.0090  -0.0169 2104 HOH A O   
843 O O   . HOH D .  ? 0.2999 0.2077 0.1935 -0.0108 -0.0141 0.0377  2105 HOH A O   
844 O O   . HOH D .  ? 0.4085 0.3982 0.4794 -0.0487 -0.0456 -0.0520 2106 HOH A O   
845 O O   . HOH D .  ? 0.3105 0.3666 0.3426 0.0299  0.0127  -0.0598 2107 HOH A O   
846 O O   . HOH D .  ? 0.2163 0.3099 0.1811 0.0198  0.0311  -0.0377 2108 HOH A O   
847 O O   . HOH D .  ? 0.3038 0.4228 0.3165 0.0244  0.0825  -0.0747 2109 HOH A O   
848 O O   . HOH D .  ? 0.3472 0.4735 0.4324 -0.0685 0.0286  -0.0486 2110 HOH A O   
849 O O   . HOH D .  ? 0.0988 0.1475 0.1135 0.0221  0.0085  -0.0227 2111 HOH A O   
850 O O   . HOH D .  ? 0.2392 0.3781 0.2939 -0.0758 0.0322  -0.0103 2112 HOH A O   
851 O O   . HOH D .  ? 0.2033 0.4113 0.3671 -0.0041 0.0350  0.0049  2113 HOH A O   
852 O O   . HOH D .  ? 0.3079 0.3747 0.3901 -0.0545 -0.0035 -0.0152 2114 HOH A O   
853 O O   . HOH D .  ? 0.1846 0.1581 0.1956 -0.0137 -0.0293 0.0133  2115 HOH A O   
854 O O   . HOH D .  ? 0.1476 0.1306 0.1262 -0.0394 0.0464  -0.0294 2116 HOH A O   
855 O O   . HOH D .  ? 0.1831 0.1950 0.2183 -0.0282 -0.0244 0.0118  2117 HOH A O   
856 O O   . HOH D .  ? 0.2897 0.3103 0.4108 0.0533  0.0117  0.0582  2118 HOH A O   
857 O O   . HOH D .  ? 0.2850 0.2033 0.2139 0.0635  0.0307  -0.0264 2119 HOH A O   
858 O O   . HOH D .  ? 0.5662 0.1902 0.5922 0.0446  -0.0735 0.0266  2120 HOH A O   
859 O O   . HOH D .  ? 0.3664 0.2509 0.3494 0.0456  0.1007  -0.0461 2121 HOH A O   
860 O O   . HOH D .  ? 0.2334 0.1969 0.2227 0.0582  0.0057  -0.0298 2122 HOH A O   
861 O O   . HOH D .  ? 0.3941 0.4189 0.4026 -0.1005 -0.0767 0.0175  2123 HOH A O   
862 O O   . HOH D .  ? 0.4991 0.2885 0.3410 0.0180  -0.0225 0.0321  2124 HOH A O   
863 O O   . HOH D .  ? 0.3304 0.3033 0.3295 0.0709  0.0385  0.0219  2125 HOH A O   
864 O O   . HOH D .  ? 0.1485 0.2261 0.1868 -0.0121 0.0460  0.0026  2126 HOH A O   
865 O O   . HOH D .  ? 0.0937 0.1490 0.1290 -0.0279 0.0011  0.0252  2127 HOH A O   
866 O O   . HOH D .  ? 0.0892 0.0846 0.1123 -0.0031 0.0226  -0.0027 2128 HOH A O   
867 O O   . HOH D .  ? 0.1334 0.1906 0.1939 0.0232  0.0000  0.0035  2129 HOH A O   
868 O O   . HOH D .  ? 0.4393 0.5362 0.5311 -0.0012 -0.0818 -0.0945 2130 HOH A O   
869 O O   . HOH D .  ? 0.2111 0.2425 0.2698 0.0068  0.0095  -0.0228 2131 HOH A O   
870 O O   . HOH D .  ? 0.1960 0.2127 0.1455 0.0132  -0.0009 0.0019  2132 HOH A O   
871 O O   . HOH D .  ? 0.2738 0.2377 0.2995 0.0444  -0.0664 -0.0084 2133 HOH A O   
872 O O   . HOH D .  ? 0.3036 0.2068 0.2749 0.0237  0.0044  -0.0378 2134 HOH A O   
873 O O   . HOH D .  ? 0.1632 0.1537 0.2478 0.0489  0.0164  0.0027  2135 HOH A O   
874 O O   . HOH D .  ? 0.2066 0.2485 0.2840 0.0086  -0.0350 0.0024  2136 HOH A O   
875 O O   . HOH D .  ? 0.3509 0.5224 0.4499 -0.0964 0.0779  -0.0935 2137 HOH A O   
876 O O   . HOH D .  ? 0.3645 0.2893 0.4359 -0.0385 0.0849  0.0026  2138 HOH A O   
877 O O   . HOH D .  ? 0.2303 0.2836 0.3795 -0.0025 -0.0233 0.0193  2139 HOH A O   
878 O O   . HOH D .  ? 0.1748 0.1435 0.2452 0.0199  -0.0506 -0.0151 2140 HOH A O   
879 O O   . HOH D .  ? 0.3876 0.2336 0.3282 -0.0532 -0.0775 -0.0580 2141 HOH A O   
880 O O   . HOH D .  ? 0.3015 0.2351 0.2028 0.0366  0.0383  -0.0208 2142 HOH A O   
881 O O   . HOH D .  ? 0.5879 0.4711 0.1708 -0.0724 0.0425  -0.0391 2143 HOH A O   
882 O O   . HOH D .  ? 0.1800 0.1927 0.3167 0.0283  -0.0239 -0.0101 2144 HOH A O   
# 
